data_7NWU
#
_entry.id   7NWU
#
_cell.length_a   130.593
_cell.length_b   130.593
_cell.length_c   267.330
_cell.angle_alpha   90.000
_cell.angle_beta   90.000
_cell.angle_gamma   90.000
#
_symmetry.space_group_name_H-M   'P 41 2 2'
#
loop_
_entity.id
_entity.type
_entity.pdbx_description
1 polymer 'Regulator of nonsense transcripts 3B'
2 polymer 'Regulator of nonsense transcripts 2'
3 non-polymer 'PENTAETHYLENE GLYCOL'
4 non-polymer 'TETRAETHYLENE GLYCOL'
5 water water
#
loop_
_entity_poly.entity_id
_entity_poly.type
_entity_poly.pdbx_seq_one_letter_code
_entity_poly.pdbx_strand_id
1 'polypeptide(L)'
;ALSKVVIRRLPPTLTKEQLQEHLQPMPEHDYFEFFSNDTSLYPHMYARAYINFKNQEDIILFRDRFDGYVFLDNKGQEYP
AIVEFAPFQKAAKKKTKKRDTKVGTIDDDPEYRKFLESYATD
;
A,C,E,G
2 'polypeptide(L)'
;KRPPLQEYVRKLLYKDLSKVTTEKVLRQMRKLPWQDQEVKDYVICCMINIWNVKYNSIHCVANLLAGLVLYQEDVGIHVV
DGVLEDIRLGMEVNQPKFNQRRISSAKFLGELYNYRMVESAVIFRTLYSFTSFGVNPDGSPSSLDPPEHLFRIRLVCTIL
DTCGQYFDRGSSKRKLDCFLVYFQRYVWWKKSLEVWTKDHPFPIDIDYMISDTLELLRPKIKLCNSLEESIRQVQDLERE
FLIKLGLVNDK
;
B,D,F,H
#
loop_
_chem_comp.id
_chem_comp.type
_chem_comp.name
_chem_comp.formula
1PE non-polymer 'PENTAETHYLENE GLYCOL' 'C10 H22 O6'
PG4 non-polymer 'TETRAETHYLENE GLYCOL' 'C8 H18 O5'
#
# COMPACT_ATOMS: atom_id res chain seq x y z
N ALA A 1 22.36 6.72 -32.92
CA ALA A 1 21.23 6.03 -32.30
C ALA A 1 21.70 4.79 -31.54
N LEU A 2 20.96 4.44 -30.48
CA LEU A 2 21.34 3.33 -29.62
C LEU A 2 21.32 2.01 -30.39
N SER A 3 22.41 1.26 -30.32
CA SER A 3 22.53 -0.01 -31.04
C SER A 3 23.12 -1.14 -30.20
N LYS A 4 23.71 -0.85 -29.04
CA LYS A 4 24.32 -1.87 -28.20
C LYS A 4 23.31 -2.41 -27.19
N VAL A 5 23.13 -3.73 -27.20
CA VAL A 5 22.14 -4.40 -26.37
C VAL A 5 22.86 -5.38 -25.45
N VAL A 6 22.48 -5.38 -24.18
CA VAL A 6 23.02 -6.30 -23.19
C VAL A 6 21.93 -7.28 -22.78
N ILE A 7 22.30 -8.55 -22.65
CA ILE A 7 21.44 -9.58 -22.09
C ILE A 7 22.13 -10.09 -20.83
N ARG A 8 21.53 -9.83 -19.68
CA ARG A 8 22.21 -10.06 -18.40
C ARG A 8 21.38 -10.98 -17.51
N ARG A 9 21.94 -11.27 -16.34
CA ARG A 9 21.38 -12.23 -15.37
C ARG A 9 21.21 -13.62 -15.98
N LEU A 10 22.08 -13.99 -16.92
CA LEU A 10 22.16 -15.34 -17.44
C LEU A 10 22.81 -16.26 -16.42
N PRO A 11 22.60 -17.57 -16.53
CA PRO A 11 23.20 -18.51 -15.58
C PRO A 11 24.73 -18.39 -15.58
N PRO A 12 25.35 -18.45 -14.40
CA PRO A 12 26.81 -18.26 -14.33
C PRO A 12 27.60 -19.39 -14.96
N THR A 13 26.98 -20.53 -15.24
CA THR A 13 27.66 -21.67 -15.84
C THR A 13 27.46 -21.75 -17.34
N LEU A 14 26.67 -20.85 -17.92
CA LEU A 14 26.41 -20.91 -19.36
C LEU A 14 27.64 -20.49 -20.15
N THR A 15 27.66 -20.90 -21.42
CA THR A 15 28.73 -20.59 -22.35
C THR A 15 28.21 -19.68 -23.46
N LYS A 16 29.14 -19.08 -24.20
CA LYS A 16 28.75 -18.29 -25.35
C LYS A 16 28.03 -19.14 -26.39
N GLU A 17 28.44 -20.40 -26.54
CA GLU A 17 27.83 -21.27 -27.55
C GLU A 17 26.41 -21.66 -27.16
N GLN A 18 26.20 -22.01 -25.88
CA GLN A 18 24.86 -22.34 -25.42
C GLN A 18 23.92 -21.15 -25.58
N LEU A 19 24.44 -19.95 -25.37
CA LEU A 19 23.62 -18.74 -25.48
C LEU A 19 23.21 -18.48 -26.93
N GLN A 20 24.18 -18.51 -27.86
CA GLN A 20 23.82 -18.31 -29.26
C GLN A 20 22.93 -19.43 -29.77
N GLU A 21 23.06 -20.63 -29.18
CA GLU A 21 22.17 -21.73 -29.54
C GLU A 21 20.73 -21.40 -29.19
N HIS A 22 20.51 -20.76 -28.04
CA HIS A 22 19.19 -20.28 -27.67
C HIS A 22 18.78 -19.02 -28.42
N LEU A 23 19.73 -18.35 -29.07
CA LEU A 23 19.47 -17.07 -29.70
C LEU A 23 19.16 -17.16 -31.19
N GLN A 24 19.43 -18.30 -31.82
CA GLN A 24 19.20 -18.39 -33.25
C GLN A 24 17.71 -18.48 -33.55
N PRO A 25 17.21 -17.75 -34.57
CA PRO A 25 18.01 -16.96 -35.51
C PRO A 25 18.52 -15.60 -34.99
N MET A 26 19.89 -15.42 -34.95
CA MET A 26 20.46 -14.16 -34.48
C MET A 26 20.53 -13.16 -35.63
N PRO A 27 20.07 -11.93 -35.43
CA PRO A 27 20.18 -10.92 -36.49
C PRO A 27 21.61 -10.49 -36.73
N GLU A 28 21.82 -9.65 -37.74
CA GLU A 28 23.15 -9.18 -38.07
C GLU A 28 23.69 -8.25 -36.99
N HIS A 29 25.00 -8.27 -36.80
CA HIS A 29 25.61 -7.54 -35.70
C HIS A 29 27.08 -7.32 -35.95
N ASP A 30 27.62 -6.25 -35.35
CA ASP A 30 29.05 -6.00 -35.29
C ASP A 30 29.71 -6.70 -34.12
N TYR A 31 28.99 -6.83 -33.01
CA TYR A 31 29.55 -7.08 -31.70
C TYR A 31 28.82 -8.24 -31.05
N PHE A 32 29.58 -9.20 -30.50
CA PHE A 32 28.97 -10.29 -29.74
C PHE A 32 30.05 -10.85 -28.80
N GLU A 33 30.08 -10.30 -27.58
CA GLU A 33 31.02 -10.74 -26.55
C GLU A 33 30.26 -11.36 -25.39
N PHE A 34 31.00 -12.10 -24.57
CA PHE A 34 30.41 -12.88 -23.48
C PHE A 34 31.30 -12.76 -22.25
N PHE A 35 30.70 -12.42 -21.12
CA PHE A 35 31.42 -12.27 -19.86
C PHE A 35 30.72 -13.03 -18.76
N SER A 36 31.49 -13.42 -17.74
CA SER A 36 30.94 -14.17 -16.62
C SER A 36 31.98 -14.23 -15.51
N ASN A 37 31.48 -14.29 -14.27
CA ASN A 37 32.27 -14.51 -13.06
C ASN A 37 33.28 -13.40 -12.79
N ASP A 38 33.05 -12.20 -13.32
CA ASP A 38 33.96 -11.09 -13.15
C ASP A 38 33.44 -10.04 -12.17
N THR A 39 32.43 -10.39 -11.37
CA THR A 39 31.84 -9.43 -10.45
C THR A 39 32.65 -9.36 -9.15
N SER A 40 32.43 -8.28 -8.41
CA SER A 40 33.01 -8.11 -7.09
C SER A 40 32.05 -8.49 -5.97
N LEU A 41 30.85 -8.99 -6.31
CA LEU A 41 29.84 -9.32 -5.32
C LEU A 41 29.64 -10.84 -5.22
N TYR A 42 30.72 -11.56 -4.94
CA TYR A 42 30.62 -13.00 -4.71
C TYR A 42 29.71 -13.27 -3.52
N PRO A 43 28.88 -14.33 -3.56
CA PRO A 43 28.76 -15.36 -4.59
C PRO A 43 27.62 -15.14 -5.58
N HIS A 44 27.25 -13.89 -5.81
CA HIS A 44 26.15 -13.57 -6.72
C HIS A 44 26.71 -13.49 -8.14
N MET A 45 26.93 -14.67 -8.72
CA MET A 45 27.53 -14.81 -10.03
C MET A 45 26.47 -14.90 -11.12
N TYR A 46 26.71 -14.18 -12.21
CA TYR A 46 25.84 -14.21 -13.38
C TYR A 46 26.70 -14.10 -14.63
N ALA A 47 26.08 -14.42 -15.77
CA ALA A 47 26.70 -14.26 -17.07
C ALA A 47 25.94 -13.20 -17.87
N ARG A 48 26.63 -12.60 -18.83
CA ARG A 48 26.03 -11.57 -19.65
C ARG A 48 26.69 -11.57 -21.03
N ALA A 49 26.01 -10.90 -21.97
CA ALA A 49 26.54 -10.77 -23.32
C ALA A 49 26.05 -9.45 -23.91
N TYR A 50 26.87 -8.87 -24.78
CA TYR A 50 26.55 -7.63 -25.47
C TYR A 50 26.46 -7.88 -26.97
N ILE A 51 25.49 -7.25 -27.61
CA ILE A 51 25.28 -7.35 -29.05
C ILE A 51 25.02 -5.96 -29.59
N ASN A 52 25.72 -5.58 -30.65
CA ASN A 52 25.49 -4.31 -31.34
C ASN A 52 24.83 -4.59 -32.69
N PHE A 53 23.62 -4.09 -32.86
CA PHE A 53 22.81 -4.40 -34.04
C PHE A 53 23.15 -3.48 -35.19
N LYS A 54 23.03 -4.01 -36.41
CA LYS A 54 23.24 -3.21 -37.60
C LYS A 54 22.04 -2.31 -37.87
N ASN A 55 20.84 -2.87 -37.92
CA ASN A 55 19.61 -2.11 -37.99
C ASN A 55 18.86 -2.27 -36.68
N GLN A 56 18.15 -1.22 -36.27
CA GLN A 56 17.61 -1.14 -34.93
C GLN A 56 16.14 -1.51 -34.84
N GLU A 57 15.55 -2.00 -35.94
CA GLU A 57 14.23 -2.61 -35.85
C GLU A 57 14.30 -4.05 -35.34
N ASP A 58 15.50 -4.64 -35.29
CA ASP A 58 15.63 -6.00 -34.76
C ASP A 58 15.66 -6.03 -33.24
N ILE A 59 16.09 -4.94 -32.60
CA ILE A 59 16.20 -4.95 -31.15
C ILE A 59 14.82 -5.09 -30.51
N ILE A 60 13.81 -4.46 -31.09
CA ILE A 60 12.48 -4.51 -30.51
C ILE A 60 11.91 -5.92 -30.57
N LEU A 61 12.20 -6.65 -31.66
CA LEU A 61 11.83 -8.06 -31.71
C LEU A 61 12.68 -8.88 -30.75
N PHE A 62 13.98 -8.56 -30.66
CA PHE A 62 14.87 -9.29 -29.76
C PHE A 62 14.44 -9.10 -28.31
N ARG A 63 14.05 -7.89 -27.94
CA ARG A 63 13.57 -7.63 -26.59
C ARG A 63 12.22 -8.32 -26.35
N ASP A 64 11.30 -8.20 -27.30
CA ASP A 64 9.99 -8.83 -27.16
C ASP A 64 10.06 -10.35 -27.14
N ARG A 65 11.17 -10.93 -27.60
CA ARG A 65 11.29 -12.38 -27.67
C ARG A 65 12.18 -12.98 -26.59
N PHE A 66 13.00 -12.17 -25.90
CA PHE A 66 13.96 -12.72 -24.97
C PHE A 66 14.00 -12.02 -23.61
N ASP A 67 13.35 -10.88 -23.44
CA ASP A 67 13.27 -10.22 -22.14
C ASP A 67 12.28 -11.00 -21.27
N GLY A 68 12.81 -11.83 -20.39
CA GLY A 68 12.01 -12.76 -19.61
C GLY A 68 12.28 -14.21 -19.93
N TYR A 69 12.92 -14.48 -21.07
CA TYR A 69 13.29 -15.83 -21.46
C TYR A 69 14.07 -16.51 -20.34
N VAL A 70 13.56 -17.65 -19.88
CA VAL A 70 14.13 -18.35 -18.74
C VAL A 70 15.21 -19.30 -19.22
N PHE A 71 16.43 -19.10 -18.74
CA PHE A 71 17.54 -20.03 -18.94
C PHE A 71 17.68 -20.90 -17.70
N LEU A 72 18.39 -22.02 -17.85
CA LEU A 72 18.66 -22.92 -16.75
C LEU A 72 20.15 -23.08 -16.55
N ASP A 73 20.55 -23.27 -15.29
CA ASP A 73 21.97 -23.42 -14.96
C ASP A 73 22.37 -24.89 -14.92
N ASN A 74 23.43 -25.21 -14.19
CA ASN A 74 23.87 -26.60 -14.09
C ASN A 74 22.98 -27.44 -13.17
N LYS A 75 22.21 -26.80 -12.29
CA LYS A 75 21.42 -27.52 -11.29
C LYS A 75 19.92 -27.28 -11.45
N GLY A 76 19.47 -26.90 -12.65
CA GLY A 76 18.06 -26.72 -12.91
C GLY A 76 17.45 -25.43 -12.42
N GLN A 77 18.25 -24.50 -11.87
CA GLN A 77 17.71 -23.24 -11.40
C GLN A 77 17.28 -22.36 -12.58
N GLU A 78 16.23 -21.58 -12.37
CA GLU A 78 15.74 -20.68 -13.41
C GLU A 78 16.51 -19.37 -13.37
N TYR A 79 16.73 -18.80 -14.55
CA TYR A 79 17.44 -17.53 -14.70
C TYR A 79 16.74 -16.69 -15.76
N PRO A 80 15.66 -15.99 -15.38
CA PRO A 80 14.99 -15.09 -16.33
C PRO A 80 15.91 -13.95 -16.72
N ALA A 81 16.25 -13.88 -18.00
CA ALA A 81 17.21 -12.91 -18.49
C ALA A 81 16.58 -11.53 -18.67
N ILE A 82 17.41 -10.50 -18.59
CA ILE A 82 17.00 -9.12 -18.81
C ILE A 82 17.66 -8.62 -20.09
N VAL A 83 16.86 -7.99 -20.96
CA VAL A 83 17.35 -7.41 -22.20
C VAL A 83 17.11 -5.91 -22.16
N GLU A 84 18.19 -5.13 -22.20
CA GLU A 84 18.13 -3.68 -22.18
C GLU A 84 19.23 -3.12 -23.06
N PHE A 85 19.15 -1.81 -23.31
CA PHE A 85 20.28 -1.10 -23.90
C PHE A 85 21.45 -1.10 -22.93
N ALA A 86 22.64 -1.33 -23.45
CA ALA A 86 23.83 -1.29 -22.61
C ALA A 86 24.05 0.13 -22.11
N PRO A 87 24.38 0.33 -20.83
CA PRO A 87 24.62 1.69 -20.33
C PRO A 87 25.84 2.34 -20.95
N PHE A 88 26.77 1.57 -21.51
CA PHE A 88 27.90 2.07 -22.27
C PHE A 88 27.71 1.59 -23.71
N GLN A 89 27.42 2.54 -24.62
CA GLN A 89 27.09 2.21 -26.00
C GLN A 89 28.32 1.93 -26.87
N LYS A 90 29.51 2.30 -26.42
CA LYS A 90 30.71 2.06 -27.19
C LYS A 90 31.01 0.57 -27.28
N ALA A 91 31.36 0.11 -28.48
CA ALA A 91 31.70 -1.28 -28.72
C ALA A 91 33.01 -1.36 -29.49
N ALA A 92 33.66 -2.52 -29.39
CA ALA A 92 34.94 -2.72 -30.05
C ALA A 92 34.80 -2.60 -31.56
N LYS A 93 35.86 -2.13 -32.22
CA LYS A 93 35.87 -1.86 -33.66
C LYS A 93 37.06 -2.59 -34.29
N LYS A 94 36.88 -3.88 -34.56
CA LYS A 94 37.85 -4.71 -35.29
C LYS A 94 39.22 -4.73 -34.62
N LYS A 95 40.23 -5.21 -35.35
CA LYS A 95 41.63 -5.18 -34.91
C LYS A 95 42.28 -4.02 -35.65
N THR A 96 42.22 -2.83 -35.06
CA THR A 96 42.58 -1.60 -35.76
C THR A 96 44.05 -1.61 -36.18
N LYS A 97 44.95 -1.84 -35.24
CA LYS A 97 46.39 -1.74 -35.47
C LYS A 97 47.05 -3.11 -35.30
N LYS A 98 48.36 -3.14 -35.49
CA LYS A 98 49.15 -4.33 -35.27
C LYS A 98 49.42 -4.51 -33.78
N ARG A 99 49.94 -5.69 -33.42
CA ARG A 99 50.16 -6.02 -32.03
C ARG A 99 51.23 -5.13 -31.41
N ASP A 100 51.06 -4.84 -30.12
CA ASP A 100 52.13 -4.23 -29.34
C ASP A 100 53.30 -5.20 -29.27
N THR A 101 54.48 -4.74 -29.68
CA THR A 101 55.66 -5.59 -29.72
C THR A 101 56.11 -6.07 -28.34
N LYS A 102 55.44 -5.68 -27.26
CA LYS A 102 55.86 -6.10 -25.93
C LYS A 102 54.98 -7.19 -25.31
N VAL A 103 53.83 -7.50 -25.91
CA VAL A 103 52.92 -8.49 -25.32
C VAL A 103 53.56 -9.87 -25.31
N GLY A 104 53.34 -10.61 -24.23
CA GLY A 104 53.92 -11.94 -24.11
C GLY A 104 55.40 -11.97 -23.82
N THR A 105 55.99 -10.84 -23.45
CA THR A 105 57.41 -10.77 -23.12
C THR A 105 57.66 -10.79 -21.61
N ILE A 106 56.60 -10.86 -20.79
CA ILE A 106 56.79 -10.90 -19.35
C ILE A 106 57.42 -12.22 -18.92
N ASP A 107 57.25 -13.29 -19.70
CA ASP A 107 57.81 -14.59 -19.35
C ASP A 107 59.34 -14.57 -19.31
N ASP A 108 59.97 -13.60 -19.96
CA ASP A 108 61.43 -13.47 -19.95
C ASP A 108 61.87 -12.11 -19.43
N ASP A 109 61.00 -11.40 -18.71
CA ASP A 109 61.30 -10.08 -18.16
C ASP A 109 62.08 -10.22 -16.85
N PRO A 110 63.12 -9.40 -16.64
CA PRO A 110 63.92 -9.57 -15.42
C PRO A 110 63.17 -9.19 -14.16
N GLU A 111 62.34 -8.14 -14.22
CA GLU A 111 61.57 -7.74 -13.05
C GLU A 111 60.56 -8.82 -12.66
N TYR A 112 59.96 -9.48 -13.65
CA TYR A 112 59.04 -10.58 -13.36
C TYR A 112 59.78 -11.82 -12.85
N ARG A 113 61.04 -11.98 -13.23
CA ARG A 113 61.82 -13.15 -12.79
C ARG A 113 62.18 -13.02 -11.31
N LYS A 114 62.54 -11.82 -10.86
CA LYS A 114 62.83 -11.62 -9.44
C LYS A 114 61.59 -11.82 -8.59
N PHE A 115 60.41 -11.54 -9.14
CA PHE A 115 59.18 -11.78 -8.41
C PHE A 115 58.91 -13.27 -8.25
N LEU A 116 59.26 -14.07 -9.26
CA LEU A 116 59.00 -15.50 -9.18
C LEU A 116 59.76 -16.17 -8.04
N GLU A 117 60.94 -15.67 -7.70
CA GLU A 117 61.68 -16.22 -6.57
C GLU A 117 61.11 -15.77 -5.25
N SER A 118 60.67 -14.51 -5.16
CA SER A 118 59.98 -14.06 -3.96
C SER A 118 58.68 -14.81 -3.76
N TYR A 119 58.06 -15.28 -4.84
CA TYR A 119 56.88 -16.12 -4.75
C TYR A 119 57.21 -17.58 -4.46
N ALA A 120 58.50 -17.94 -4.50
CA ALA A 120 58.92 -19.26 -4.01
C ALA A 120 59.15 -19.25 -2.51
N THR A 121 59.52 -18.09 -1.95
CA THR A 121 59.59 -17.90 -0.51
C THR A 121 58.48 -16.95 -0.08
N ASP A 122 57.22 -17.37 -0.27
CA ASP A 122 56.05 -16.53 -0.05
C ASP A 122 56.02 -15.86 1.33
N LYS B 1 49.00 -19.68 -2.47
CA LYS B 1 47.98 -20.54 -3.07
C LYS B 1 47.25 -19.81 -4.21
N ARG B 2 48.02 -19.32 -5.18
CA ARG B 2 47.49 -18.59 -6.33
C ARG B 2 48.54 -18.65 -7.43
N PRO B 3 48.14 -18.77 -8.70
CA PRO B 3 49.12 -18.79 -9.80
C PRO B 3 49.99 -17.55 -9.77
N PRO B 4 51.30 -17.69 -10.00
CA PRO B 4 52.20 -16.54 -9.86
C PRO B 4 51.87 -15.38 -10.79
N LEU B 5 51.45 -15.67 -12.03
CA LEU B 5 51.06 -14.59 -12.93
C LEU B 5 49.84 -13.85 -12.41
N GLN B 6 48.94 -14.55 -11.70
CA GLN B 6 47.79 -13.87 -11.11
C GLN B 6 48.22 -13.00 -9.94
N GLU B 7 49.14 -13.48 -9.10
CA GLU B 7 49.63 -12.67 -8.00
C GLU B 7 50.41 -11.46 -8.49
N TYR B 8 51.11 -11.59 -9.62
CA TYR B 8 51.84 -10.46 -10.19
C TYR B 8 50.90 -9.37 -10.67
N VAL B 9 49.79 -9.75 -11.32
CA VAL B 9 48.83 -8.75 -11.77
C VAL B 9 48.21 -8.04 -10.58
N ARG B 10 47.86 -8.79 -9.54
CA ARG B 10 47.36 -8.17 -8.32
C ARG B 10 48.42 -7.29 -7.67
N LYS B 11 49.69 -7.68 -7.77
CA LYS B 11 50.76 -6.85 -7.22
C LYS B 11 50.84 -5.50 -7.94
N LEU B 12 50.74 -5.53 -9.28
CA LEU B 12 50.85 -4.29 -10.05
C LEU B 12 49.70 -3.34 -9.74
N LEU B 13 48.49 -3.86 -9.61
CA LEU B 13 47.29 -3.04 -9.44
C LEU B 13 47.01 -2.68 -7.98
N TYR B 14 47.08 -3.67 -7.09
CA TYR B 14 46.66 -3.48 -5.70
C TYR B 14 47.80 -3.06 -4.77
N LYS B 15 49.05 -3.10 -5.23
CA LYS B 15 50.17 -2.72 -4.38
C LYS B 15 51.04 -1.64 -5.02
N ASP B 16 51.50 -1.89 -6.26
CA ASP B 16 52.51 -1.02 -6.84
C ASP B 16 51.94 0.31 -7.32
N LEU B 17 50.65 0.35 -7.67
CA LEU B 17 50.09 1.53 -8.32
C LEU B 17 50.11 2.76 -7.42
N SER B 18 50.06 2.56 -6.10
CA SER B 18 50.13 3.72 -5.20
C SER B 18 51.57 4.14 -4.94
N LYS B 19 52.52 3.21 -5.00
CA LYS B 19 53.88 3.46 -4.58
C LYS B 19 54.81 3.90 -5.72
N VAL B 20 54.64 3.34 -6.91
CA VAL B 20 55.50 3.67 -8.04
C VAL B 20 54.68 4.41 -9.09
N THR B 21 55.40 5.02 -10.05
CA THR B 21 54.75 5.78 -11.11
C THR B 21 53.90 4.86 -11.98
N THR B 22 52.73 5.36 -12.38
CA THR B 22 51.82 4.51 -13.15
C THR B 22 52.41 4.13 -14.51
N GLU B 23 53.31 4.95 -15.04
CA GLU B 23 53.92 4.62 -16.33
C GLU B 23 54.86 3.43 -16.21
N LYS B 24 55.55 3.29 -15.07
CA LYS B 24 56.35 2.10 -14.85
C LYS B 24 55.47 0.86 -14.75
N VAL B 25 54.30 1.00 -14.11
CA VAL B 25 53.33 -0.09 -14.09
C VAL B 25 52.80 -0.39 -15.49
N LEU B 26 52.58 0.67 -16.30
CA LEU B 26 52.10 0.45 -17.66
C LEU B 26 53.13 -0.29 -18.51
N ARG B 27 54.41 -0.01 -18.26
CA ARG B 27 55.47 -0.71 -18.98
C ARG B 27 55.41 -2.21 -18.72
N GLN B 28 55.14 -2.61 -17.48
CA GLN B 28 55.03 -4.02 -17.15
C GLN B 28 53.72 -4.62 -17.65
N MET B 29 52.62 -3.86 -17.54
CA MET B 29 51.31 -4.38 -17.95
C MET B 29 51.27 -4.70 -19.44
N ARG B 30 52.02 -3.95 -20.26
CA ARG B 30 52.04 -4.23 -21.68
C ARG B 30 52.71 -5.56 -22.00
N LYS B 31 53.58 -6.05 -21.12
CA LYS B 31 54.31 -7.27 -21.37
C LYS B 31 53.51 -8.53 -21.05
N LEU B 32 52.34 -8.40 -20.43
CA LEU B 32 51.52 -9.56 -20.11
C LEU B 32 51.07 -10.25 -21.40
N PRO B 33 50.75 -11.56 -21.33
CA PRO B 33 50.28 -12.26 -22.53
C PRO B 33 48.84 -11.89 -22.89
N TRP B 34 48.65 -10.68 -23.42
CA TRP B 34 47.30 -10.19 -23.73
C TRP B 34 46.63 -11.02 -24.82
N GLN B 35 47.40 -11.81 -25.57
CA GLN B 35 46.81 -12.68 -26.58
C GLN B 35 46.14 -13.91 -25.97
N ASP B 36 46.33 -14.15 -24.67
CA ASP B 36 45.65 -15.21 -23.95
C ASP B 36 44.37 -14.66 -23.34
N GLN B 37 43.23 -15.25 -23.72
CA GLN B 37 41.95 -14.71 -23.28
C GLN B 37 41.76 -14.84 -21.77
N GLU B 38 42.31 -15.88 -21.16
CA GLU B 38 42.18 -16.05 -19.71
C GLU B 38 42.91 -14.94 -18.97
N VAL B 39 44.11 -14.59 -19.44
CA VAL B 39 44.88 -13.54 -18.78
C VAL B 39 44.22 -12.17 -19.00
N LYS B 40 43.76 -11.91 -20.22
CA LYS B 40 43.05 -10.67 -20.49
C LYS B 40 41.80 -10.54 -19.62
N ASP B 41 41.10 -11.66 -19.39
CA ASP B 41 39.90 -11.60 -18.56
C ASP B 41 40.24 -11.44 -17.09
N TYR B 42 41.39 -11.93 -16.65
CA TYR B 42 41.77 -11.78 -15.25
C TYR B 42 42.14 -10.33 -14.94
N VAL B 43 42.87 -9.69 -15.85
CA VAL B 43 43.19 -8.27 -15.67
C VAL B 43 41.93 -7.43 -15.63
N ILE B 44 40.97 -7.73 -16.52
CA ILE B 44 39.71 -7.02 -16.53
C ILE B 44 38.97 -7.23 -15.22
N CYS B 45 38.91 -8.48 -14.77
CA CYS B 45 38.23 -8.79 -13.51
C CYS B 45 38.94 -8.14 -12.33
N CYS B 46 40.27 -8.06 -12.40
CA CYS B 46 41.03 -7.40 -11.33
C CYS B 46 40.64 -5.93 -11.23
N MET B 47 40.36 -5.29 -12.36
CA MET B 47 40.03 -3.87 -12.35
C MET B 47 38.56 -3.62 -12.04
N ILE B 48 37.69 -4.59 -12.33
CA ILE B 48 36.30 -4.47 -11.89
C ILE B 48 36.22 -4.56 -10.38
N ASN B 49 37.06 -5.41 -9.77
CA ASN B 49 37.18 -5.51 -8.32
C ASN B 49 38.05 -4.35 -7.78
N ILE B 50 37.63 -3.14 -8.13
CA ILE B 50 38.38 -1.96 -7.73
C ILE B 50 38.40 -1.79 -6.22
N TRP B 51 37.50 -2.47 -5.50
CA TRP B 51 37.45 -2.36 -4.05
C TRP B 51 38.74 -2.83 -3.39
N ASN B 52 39.58 -3.60 -4.10
CA ASN B 52 40.87 -4.01 -3.55
C ASN B 52 41.87 -2.86 -3.51
N VAL B 53 41.61 -1.79 -4.23
CA VAL B 53 42.50 -0.65 -4.29
C VAL B 53 42.11 0.34 -3.22
N LYS B 54 43.10 0.93 -2.55
CA LYS B 54 42.84 1.97 -1.58
C LYS B 54 42.06 3.10 -2.24
N TYR B 55 41.15 3.70 -1.46
CA TYR B 55 40.23 4.69 -2.02
C TYR B 55 40.98 5.86 -2.67
N ASN B 56 42.11 6.28 -2.07
CA ASN B 56 42.86 7.43 -2.58
C ASN B 56 43.64 7.12 -3.86
N SER B 57 43.84 5.84 -4.19
CA SER B 57 44.60 5.46 -5.38
C SER B 57 43.73 4.88 -6.48
N ILE B 58 42.40 4.90 -6.32
CA ILE B 58 41.51 4.42 -7.37
C ILE B 58 41.71 5.22 -8.66
N HIS B 59 41.98 6.52 -8.55
CA HIS B 59 42.17 7.34 -9.74
C HIS B 59 43.44 6.94 -10.50
N CYS B 60 44.43 6.38 -9.82
CA CYS B 60 45.61 5.87 -10.50
C CYS B 60 45.28 4.70 -11.41
N VAL B 61 44.25 3.92 -11.07
CA VAL B 61 43.84 2.81 -11.91
C VAL B 61 43.23 3.32 -13.21
N ALA B 62 42.39 4.36 -13.13
CA ALA B 62 41.84 4.94 -14.35
C ALA B 62 42.94 5.57 -15.20
N ASN B 63 43.90 6.23 -14.55
CA ASN B 63 45.03 6.78 -15.28
C ASN B 63 45.86 5.68 -15.95
N LEU B 64 45.99 4.52 -15.30
CA LEU B 64 46.71 3.41 -15.91
C LEU B 64 45.95 2.84 -17.10
N LEU B 65 44.65 2.59 -16.94
CA LEU B 65 43.84 2.05 -18.03
C LEU B 65 43.81 3.00 -19.22
N ALA B 66 43.85 4.31 -18.97
CA ALA B 66 43.79 5.27 -20.06
C ALA B 66 45.05 5.24 -20.92
N GLY B 67 46.16 4.72 -20.40
CA GLY B 67 47.35 4.51 -21.21
C GLY B 67 47.37 3.11 -21.78
N LEU B 68 46.75 2.18 -21.06
CA LEU B 68 46.67 0.81 -21.53
C LEU B 68 45.84 0.71 -22.80
N VAL B 69 44.78 1.51 -22.93
CA VAL B 69 43.94 1.47 -24.12
C VAL B 69 44.65 1.96 -25.36
N LEU B 70 45.80 2.62 -25.21
CA LEU B 70 46.63 2.94 -26.37
C LEU B 70 47.26 1.70 -26.97
N TYR B 71 47.39 0.63 -26.19
CA TYR B 71 47.96 -0.62 -26.68
C TYR B 71 46.98 -1.78 -26.67
N GLN B 72 45.95 -1.74 -25.80
CA GLN B 72 44.91 -2.76 -25.72
C GLN B 72 43.58 -2.01 -25.67
N GLU B 73 43.09 -1.63 -26.84
CA GLU B 73 41.97 -0.69 -26.91
C GLU B 73 40.69 -1.28 -26.32
N ASP B 74 40.43 -2.56 -26.58
CA ASP B 74 39.18 -3.16 -26.14
C ASP B 74 39.13 -3.38 -24.63
N VAL B 75 40.27 -3.35 -23.95
CA VAL B 75 40.31 -3.62 -22.51
C VAL B 75 39.53 -2.56 -21.73
N GLY B 76 39.65 -1.30 -22.15
CA GLY B 76 38.92 -0.24 -21.46
C GLY B 76 37.42 -0.32 -21.63
N ILE B 77 36.95 -0.86 -22.76
CA ILE B 77 35.52 -1.02 -22.95
C ILE B 77 34.98 -2.13 -22.06
N HIS B 78 35.71 -3.24 -21.97
CA HIS B 78 35.28 -4.34 -21.11
C HIS B 78 35.27 -3.93 -19.64
N VAL B 79 36.25 -3.15 -19.20
CA VAL B 79 36.29 -2.72 -17.81
C VAL B 79 35.10 -1.80 -17.50
N VAL B 80 34.78 -0.90 -18.41
CA VAL B 80 33.63 -0.01 -18.22
C VAL B 80 32.33 -0.81 -18.21
N ASP B 81 32.19 -1.76 -19.13
CA ASP B 81 30.97 -2.58 -19.17
C ASP B 81 30.81 -3.38 -17.88
N GLY B 82 31.93 -3.85 -17.32
CA GLY B 82 31.86 -4.62 -16.08
C GLY B 82 31.57 -3.76 -14.86
N VAL B 83 32.14 -2.56 -14.80
CA VAL B 83 31.90 -1.68 -13.66
C VAL B 83 30.44 -1.23 -13.65
N LEU B 84 29.89 -0.91 -14.82
CA LEU B 84 28.48 -0.53 -14.88
C LEU B 84 27.57 -1.71 -14.57
N GLU B 85 27.97 -2.92 -14.98
CA GLU B 85 27.21 -4.12 -14.61
C GLU B 85 27.23 -4.34 -13.11
N ASP B 86 28.38 -4.13 -12.48
CA ASP B 86 28.47 -4.31 -11.03
C ASP B 86 27.65 -3.27 -10.27
N ILE B 87 27.56 -2.05 -10.79
CA ILE B 87 26.77 -1.03 -10.10
C ILE B 87 25.30 -1.41 -10.13
N ARG B 88 24.81 -1.91 -11.26
CA ARG B 88 23.42 -2.35 -11.33
C ARG B 88 23.18 -3.58 -10.46
N LEU B 89 24.10 -4.54 -10.47
CA LEU B 89 23.96 -5.71 -9.62
C LEU B 89 24.00 -5.33 -8.14
N GLY B 90 24.78 -4.30 -7.79
CA GLY B 90 24.85 -3.89 -6.40
C GLY B 90 23.51 -3.42 -5.86
N MET B 91 22.73 -2.72 -6.68
CA MET B 91 21.41 -2.29 -6.22
C MET B 91 20.44 -3.46 -6.15
N GLU B 92 20.65 -4.50 -6.97
CA GLU B 92 19.80 -5.67 -6.92
C GLU B 92 20.12 -6.54 -5.71
N VAL B 93 21.40 -6.68 -5.37
CA VAL B 93 21.78 -7.42 -4.17
C VAL B 93 21.48 -6.59 -2.92
N ASN B 94 22.07 -5.39 -2.84
CA ASN B 94 21.83 -4.43 -1.76
C ASN B 94 22.00 -5.07 -0.38
N GLN B 95 23.13 -5.73 -0.17
CA GLN B 95 23.46 -6.26 1.14
C GLN B 95 24.49 -5.36 1.80
N PRO B 96 24.25 -4.90 3.04
CA PRO B 96 25.11 -3.88 3.64
C PRO B 96 26.58 -4.27 3.71
N LYS B 97 26.91 -5.56 3.68
CA LYS B 97 28.31 -5.98 3.73
C LYS B 97 29.06 -5.63 2.45
N PHE B 98 28.37 -5.27 1.38
CA PHE B 98 29.01 -4.83 0.14
C PHE B 98 29.01 -3.32 -0.01
N ASN B 99 28.96 -2.58 1.10
CA ASN B 99 28.86 -1.12 1.02
C ASN B 99 30.17 -0.50 0.51
N GLN B 100 31.31 -0.97 1.02
CA GLN B 100 32.59 -0.43 0.59
C GLN B 100 32.90 -0.80 -0.85
N ARG B 101 32.49 -1.98 -1.31
CA ARG B 101 32.75 -2.35 -2.69
C ARG B 101 31.90 -1.53 -3.65
N ARG B 102 30.63 -1.30 -3.30
CA ARG B 102 29.78 -0.50 -4.16
C ARG B 102 30.19 0.98 -4.15
N ILE B 103 30.75 1.47 -3.04
CA ILE B 103 31.26 2.84 -3.03
C ILE B 103 32.50 2.94 -3.92
N SER B 104 33.38 1.93 -3.84
CA SER B 104 34.59 1.92 -4.67
C SER B 104 34.24 2.01 -6.15
N SER B 105 33.34 1.13 -6.62
CA SER B 105 33.03 1.09 -8.05
C SER B 105 32.39 2.39 -8.51
N ALA B 106 31.55 3.01 -7.68
CA ALA B 106 31.01 4.32 -8.04
C ALA B 106 32.12 5.35 -8.17
N LYS B 107 33.08 5.32 -7.25
CA LYS B 107 34.24 6.22 -7.34
C LYS B 107 35.07 5.92 -8.58
N PHE B 108 35.25 4.63 -8.89
CA PHE B 108 35.96 4.23 -10.10
C PHE B 108 35.28 4.77 -11.35
N LEU B 109 33.95 4.64 -11.44
CA LEU B 109 33.25 5.11 -12.62
C LEU B 109 33.44 6.61 -12.81
N GLY B 110 33.41 7.37 -11.71
CA GLY B 110 33.67 8.80 -11.81
C GLY B 110 35.07 9.10 -12.29
N GLU B 111 36.06 8.36 -11.77
CA GLU B 111 37.42 8.55 -12.24
C GLU B 111 37.57 8.16 -13.70
N LEU B 112 36.83 7.14 -14.16
CA LEU B 112 36.87 6.76 -15.56
C LEU B 112 36.34 7.87 -16.46
N TYR B 113 35.42 8.68 -15.98
CA TYR B 113 35.05 9.88 -16.73
C TYR B 113 36.16 10.91 -16.70
N ASN B 114 36.85 11.04 -15.55
CA ASN B 114 37.89 12.04 -15.40
C ASN B 114 39.06 11.80 -16.35
N TYR B 115 39.34 10.54 -16.67
CA TYR B 115 40.35 10.22 -17.67
C TYR B 115 39.74 9.84 -19.01
N ARG B 116 38.53 10.31 -19.29
CA ARG B 116 37.96 10.30 -20.64
C ARG B 116 37.82 8.89 -21.20
N MET B 117 37.53 7.92 -20.32
CA MET B 117 37.12 6.59 -20.74
C MET B 117 35.63 6.50 -21.04
N VAL B 118 34.82 7.32 -20.36
CA VAL B 118 33.41 7.46 -20.68
C VAL B 118 33.11 8.96 -20.79
N GLU B 119 32.00 9.27 -21.46
CA GLU B 119 31.53 10.64 -21.58
C GLU B 119 30.42 10.89 -20.56
N SER B 120 29.88 12.10 -20.58
CA SER B 120 28.93 12.48 -19.54
C SER B 120 27.63 11.70 -19.62
N ALA B 121 27.30 11.13 -20.78
CA ALA B 121 26.08 10.35 -20.90
C ALA B 121 26.08 9.16 -19.95
N VAL B 122 27.20 8.43 -19.86
CA VAL B 122 27.26 7.27 -18.96
C VAL B 122 27.11 7.71 -17.51
N ILE B 123 27.75 8.82 -17.14
CA ILE B 123 27.68 9.31 -15.76
C ILE B 123 26.24 9.66 -15.38
N PHE B 124 25.58 10.45 -16.24
CA PHE B 124 24.21 10.87 -15.93
C PHE B 124 23.22 9.71 -16.04
N ARG B 125 23.47 8.78 -16.95
CA ARG B 125 22.69 7.55 -16.99
C ARG B 125 22.75 6.82 -15.66
N THR B 126 23.95 6.76 -15.06
CA THR B 126 24.11 6.08 -13.78
C THR B 126 23.52 6.91 -12.64
N LEU B 127 23.69 8.24 -12.69
CA LEU B 127 23.14 9.12 -11.66
C LEU B 127 21.62 9.00 -11.56
N TYR B 128 20.93 9.00 -12.72
CA TYR B 128 19.48 8.90 -12.70
C TYR B 128 19.01 7.52 -12.25
N SER B 129 19.77 6.47 -12.58
CA SER B 129 19.38 5.14 -12.12
C SER B 129 19.47 5.03 -10.60
N PHE B 130 20.37 5.79 -9.95
CA PHE B 130 20.43 5.76 -8.50
C PHE B 130 19.14 6.30 -7.87
N THR B 131 18.44 7.19 -8.57
CA THR B 131 17.21 7.78 -8.04
C THR B 131 15.95 7.18 -8.64
N SER B 132 16.06 6.16 -9.49
CA SER B 132 14.88 5.60 -10.13
C SER B 132 14.81 4.09 -10.14
N PHE B 133 15.92 3.36 -10.23
CA PHE B 133 15.88 1.90 -10.30
C PHE B 133 15.37 1.33 -8.98
N GLY B 134 14.27 0.59 -9.06
CA GLY B 134 13.65 0.05 -7.86
C GLY B 134 12.99 1.10 -6.99
N VAL B 135 12.68 2.27 -7.54
CA VAL B 135 12.10 3.38 -6.80
C VAL B 135 10.70 3.64 -7.33
N ASN B 136 9.74 3.75 -6.44
CA ASN B 136 8.37 4.01 -6.86
C ASN B 136 8.23 5.47 -7.29
N PRO B 137 7.55 5.75 -8.40
CA PRO B 137 7.25 7.15 -8.75
C PRO B 137 6.36 7.81 -7.72
N ASP B 138 5.74 7.02 -6.85
CA ASP B 138 5.01 7.55 -5.70
C ASP B 138 5.95 8.25 -4.73
N GLY B 139 7.16 7.72 -4.56
CA GLY B 139 8.02 8.09 -3.46
C GLY B 139 7.91 7.17 -2.26
N SER B 140 6.94 6.26 -2.25
CA SER B 140 6.79 5.33 -1.15
C SER B 140 7.92 4.31 -1.15
N PRO B 141 8.27 3.77 0.03
CA PRO B 141 9.39 2.82 0.09
C PRO B 141 9.15 1.58 -0.76
N SER B 142 10.25 0.97 -1.17
CA SER B 142 10.26 -0.18 -2.05
C SER B 142 11.07 -1.29 -1.40
N SER B 143 11.01 -2.48 -2.01
CA SER B 143 11.80 -3.59 -1.49
C SER B 143 13.29 -3.36 -1.74
N LEU B 144 13.63 -2.77 -2.90
CA LEU B 144 15.01 -2.41 -3.17
C LEU B 144 15.41 -1.08 -2.54
N ASP B 145 14.43 -0.26 -2.14
CA ASP B 145 14.69 1.01 -1.44
C ASP B 145 13.85 1.06 -0.18
N PRO B 146 14.22 0.30 0.85
CA PRO B 146 13.49 0.36 2.13
C PRO B 146 13.75 1.69 2.83
N PRO B 147 12.91 2.05 3.81
CA PRO B 147 12.93 3.45 4.30
C PRO B 147 14.27 3.90 4.88
N GLU B 148 14.88 3.10 5.74
CA GLU B 148 16.15 3.49 6.35
C GLU B 148 17.35 3.28 5.43
N HIS B 149 17.15 2.78 4.21
CA HIS B 149 18.23 2.57 3.25
C HIS B 149 18.51 3.89 2.55
N LEU B 150 19.63 4.54 2.93
CA LEU B 150 20.03 5.82 2.36
C LEU B 150 21.27 5.69 1.47
N PHE B 151 21.56 4.48 1.00
CA PHE B 151 22.76 4.25 0.19
C PHE B 151 22.70 4.94 -1.17
N ARG B 152 21.51 5.20 -1.72
CA ARG B 152 21.43 5.90 -3.00
C ARG B 152 21.98 7.32 -2.88
N ILE B 153 21.71 7.98 -1.77
CA ILE B 153 22.23 9.34 -1.55
C ILE B 153 23.76 9.31 -1.54
N ARG B 154 24.35 8.30 -0.92
CA ARG B 154 25.80 8.23 -0.85
C ARG B 154 26.41 7.78 -2.18
N LEU B 155 25.70 6.95 -2.94
CA LEU B 155 26.17 6.62 -4.28
C LEU B 155 26.17 7.85 -5.17
N VAL B 156 25.09 8.65 -5.13
CA VAL B 156 25.01 9.87 -5.94
C VAL B 156 26.12 10.84 -5.53
N CYS B 157 26.30 11.02 -4.23
CA CYS B 157 27.28 12.00 -3.75
C CYS B 157 28.70 11.53 -4.05
N THR B 158 28.94 10.22 -4.05
CA THR B 158 30.26 9.70 -4.41
C THR B 158 30.63 10.07 -5.85
N ILE B 159 29.70 9.91 -6.78
CA ILE B 159 29.98 10.24 -8.17
C ILE B 159 30.11 11.75 -8.34
N LEU B 160 29.23 12.52 -7.70
CA LEU B 160 29.34 13.97 -7.80
C LEU B 160 30.61 14.50 -7.14
N ASP B 161 31.17 13.76 -6.16
CA ASP B 161 32.45 14.14 -5.57
C ASP B 161 33.59 14.00 -6.56
N THR B 162 33.54 12.96 -7.37
CA THR B 162 34.62 12.56 -8.27
C THR B 162 34.60 13.34 -9.57
N CYS B 163 33.45 13.44 -10.22
CA CYS B 163 33.42 14.01 -11.56
C CYS B 163 32.47 15.21 -11.70
N GLY B 164 31.75 15.58 -10.65
CA GLY B 164 30.77 16.65 -10.77
C GLY B 164 31.38 18.02 -11.02
N GLN B 165 32.62 18.24 -10.57
CA GLN B 165 33.26 19.54 -10.76
C GLN B 165 33.40 19.92 -12.23
N TYR B 166 33.42 18.94 -13.13
CA TYR B 166 33.59 19.21 -14.54
C TYR B 166 32.28 19.53 -15.26
N PHE B 167 31.13 19.42 -14.59
CA PHE B 167 29.84 19.69 -15.22
C PHE B 167 29.40 21.12 -14.94
N ASP B 168 30.33 22.06 -15.15
CA ASP B 168 30.07 23.46 -14.85
C ASP B 168 30.01 24.33 -16.10
N ARG B 169 30.27 23.78 -17.27
CA ARG B 169 30.23 24.55 -18.51
C ARG B 169 29.48 23.76 -19.58
N GLY B 170 28.68 24.47 -20.37
CA GLY B 170 28.07 23.90 -21.56
C GLY B 170 26.85 23.05 -21.31
N SER B 171 26.71 21.97 -22.11
CA SER B 171 25.53 21.13 -22.01
C SER B 171 25.54 20.28 -20.75
N SER B 172 26.72 19.88 -20.27
CA SER B 172 26.80 19.13 -19.02
C SER B 172 26.38 19.97 -17.82
N LYS B 173 26.47 21.31 -17.93
CA LYS B 173 26.01 22.17 -16.84
C LYS B 173 24.50 22.08 -16.66
N ARG B 174 23.75 22.10 -17.77
CA ARG B 174 22.30 21.96 -17.68
C ARG B 174 21.90 20.55 -17.27
N LYS B 175 22.64 19.53 -17.72
CA LYS B 175 22.33 18.16 -17.33
C LYS B 175 22.41 17.98 -15.82
N LEU B 176 23.44 18.55 -15.20
CA LEU B 176 23.53 18.47 -13.74
C LEU B 176 22.45 19.30 -13.08
N ASP B 177 22.13 20.47 -13.66
CA ASP B 177 21.10 21.33 -13.08
C ASP B 177 19.76 20.61 -13.02
N CYS B 178 19.38 19.92 -14.11
CA CYS B 178 18.14 19.16 -14.11
C CYS B 178 18.19 18.01 -13.12
N PHE B 179 19.34 17.30 -13.06
CA PHE B 179 19.44 16.15 -12.17
C PHE B 179 19.33 16.57 -10.71
N LEU B 180 20.00 17.67 -10.33
CA LEU B 180 19.93 18.12 -8.94
C LEU B 180 18.50 18.47 -8.53
N VAL B 181 17.65 18.86 -9.48
CA VAL B 181 16.24 19.06 -9.17
C VAL B 181 15.60 17.72 -8.79
N TYR B 182 15.80 16.70 -9.62
CA TYR B 182 15.26 15.39 -9.28
C TYR B 182 15.92 14.80 -8.05
N PHE B 183 17.18 15.15 -7.78
CA PHE B 183 17.85 14.63 -6.60
C PHE B 183 17.31 15.24 -5.32
N GLN B 184 16.92 16.53 -5.36
CA GLN B 184 16.39 17.15 -4.16
C GLN B 184 15.02 16.59 -3.80
N ARG B 185 14.22 16.20 -4.81
CA ARG B 185 12.96 15.53 -4.53
C ARG B 185 13.19 14.16 -3.92
N TYR B 186 14.10 13.37 -4.50
CA TYR B 186 14.40 12.07 -3.93
C TYR B 186 14.87 12.19 -2.47
N VAL B 187 15.66 13.22 -2.18
CA VAL B 187 16.12 13.43 -0.81
C VAL B 187 14.93 13.73 0.11
N TRP B 188 14.00 14.57 -0.33
CA TRP B 188 12.85 14.90 0.49
C TRP B 188 11.79 13.81 0.51
N TRP B 189 11.82 12.89 -0.45
CA TRP B 189 11.01 11.68 -0.33
C TRP B 189 11.45 10.87 0.89
N LYS B 190 12.76 10.61 1.02
CA LYS B 190 13.27 9.87 2.16
C LYS B 190 13.02 10.60 3.47
N LYS B 191 13.24 11.91 3.49
CA LYS B 191 13.01 12.67 4.72
C LYS B 191 11.54 12.71 5.11
N SER B 192 10.63 12.43 4.19
CA SER B 192 9.19 12.53 4.46
C SER B 192 8.59 11.25 5.02
N LEU B 193 9.37 10.18 5.12
CA LEU B 193 8.84 8.90 5.59
C LEU B 193 8.54 8.97 7.08
N GLU B 194 7.51 8.21 7.49
CA GLU B 194 7.04 8.24 8.87
C GLU B 194 8.09 7.71 9.85
N VAL B 195 9.01 6.87 9.38
CA VAL B 195 10.01 6.26 10.26
C VAL B 195 10.87 7.31 10.95
N TRP B 196 10.98 8.52 10.39
CA TRP B 196 11.85 9.55 10.96
C TRP B 196 11.07 10.38 11.98
N THR B 197 11.40 10.19 13.25
CA THR B 197 10.76 10.92 14.35
C THR B 197 11.82 11.53 15.24
N LYS B 198 11.41 12.12 16.38
CA LYS B 198 12.40 12.60 17.33
C LYS B 198 13.15 11.45 17.97
N ASP B 199 12.50 10.30 18.17
CA ASP B 199 13.20 9.12 18.68
C ASP B 199 14.11 8.50 17.64
N HIS B 200 13.78 8.62 16.36
CA HIS B 200 14.52 8.00 15.26
C HIS B 200 14.79 9.06 14.19
N PRO B 201 15.62 10.06 14.49
CA PRO B 201 15.78 11.19 13.58
C PRO B 201 16.55 10.83 12.31
N PHE B 202 16.28 11.59 11.26
CA PHE B 202 17.04 11.48 10.02
C PHE B 202 18.50 11.72 10.30
N PRO B 203 19.42 10.91 9.77
CA PRO B 203 20.84 11.03 10.15
C PRO B 203 21.41 12.37 9.71
N ILE B 204 21.96 13.12 10.67
CA ILE B 204 22.45 14.45 10.36
C ILE B 204 23.72 14.38 9.51
N ASP B 205 24.45 13.27 9.53
CA ASP B 205 25.64 13.17 8.69
C ASP B 205 25.27 13.04 7.22
N ILE B 206 24.11 12.43 6.92
CA ILE B 206 23.60 12.41 5.55
C ILE B 206 23.22 13.81 5.11
N ASP B 207 22.59 14.58 6.01
CA ASP B 207 22.24 15.97 5.69
C ASP B 207 23.48 16.77 5.29
N TYR B 208 24.53 16.68 6.10
CA TYR B 208 25.75 17.42 5.80
C TYR B 208 26.39 16.92 4.52
N MET B 209 26.37 15.60 4.29
CA MET B 209 26.89 15.04 3.06
C MET B 209 26.19 15.63 1.84
N ILE B 210 24.88 15.81 1.92
CA ILE B 210 24.13 16.37 0.81
C ILE B 210 24.56 17.81 0.54
N SER B 211 24.47 18.67 1.56
CA SER B 211 24.79 20.08 1.36
C SER B 211 26.27 20.29 1.04
N ASP B 212 27.17 19.49 1.63
CA ASP B 212 28.58 19.57 1.29
C ASP B 212 28.81 19.32 -0.20
N THR B 213 28.15 18.30 -0.75
CA THR B 213 28.34 17.96 -2.16
C THR B 213 27.70 19.02 -3.07
N LEU B 214 26.49 19.47 -2.72
CA LEU B 214 25.80 20.43 -3.56
C LEU B 214 26.46 21.81 -3.50
N GLU B 215 27.03 22.17 -2.35
CA GLU B 215 27.74 23.45 -2.27
C GLU B 215 29.13 23.39 -2.91
N LEU B 216 29.66 22.19 -3.15
CA LEU B 216 30.91 22.05 -3.90
C LEU B 216 30.70 22.30 -5.40
N LEU B 217 29.52 22.00 -5.92
CA LEU B 217 29.24 22.13 -7.34
C LEU B 217 28.52 23.41 -7.72
N ARG B 218 27.58 23.88 -6.91
CA ARG B 218 26.77 25.06 -7.23
C ARG B 218 26.72 25.99 -6.03
N PRO B 219 27.44 27.13 -6.07
CA PRO B 219 27.45 28.01 -4.89
C PRO B 219 26.12 28.72 -4.64
N LYS B 220 25.34 29.02 -5.68
CA LYS B 220 24.09 29.74 -5.53
C LYS B 220 22.86 28.84 -5.64
N ILE B 221 23.03 27.53 -5.47
CA ILE B 221 21.90 26.63 -5.50
C ILE B 221 21.01 26.86 -4.28
N LYS B 222 19.71 26.62 -4.46
CA LYS B 222 18.74 26.73 -3.38
C LYS B 222 18.46 25.32 -2.85
N LEU B 223 18.83 25.08 -1.59
CA LEU B 223 18.54 23.81 -0.94
C LEU B 223 17.10 23.83 -0.41
N CYS B 224 16.29 22.89 -0.88
CA CYS B 224 14.88 22.86 -0.48
C CYS B 224 14.74 22.59 1.01
N ASN B 225 13.84 23.33 1.65
CA ASN B 225 13.57 23.18 3.07
C ASN B 225 12.31 22.38 3.34
N SER B 226 11.67 21.85 2.31
CA SER B 226 10.44 21.08 2.50
C SER B 226 10.27 20.16 1.30
N LEU B 227 9.38 19.18 1.46
CA LEU B 227 9.05 18.30 0.35
C LEU B 227 8.20 19.02 -0.69
N GLU B 228 7.30 19.89 -0.24
CA GLU B 228 6.47 20.66 -1.17
C GLU B 228 7.32 21.56 -2.05
N GLU B 229 8.37 22.17 -1.48
CA GLU B 229 9.27 22.99 -2.27
C GLU B 229 10.02 22.16 -3.31
N SER B 230 10.43 20.95 -2.95
CA SER B 230 11.14 20.10 -3.91
C SER B 230 10.20 19.60 -5.00
N ILE B 231 8.93 19.39 -4.67
CA ILE B 231 7.97 18.95 -5.68
C ILE B 231 7.67 20.08 -6.65
N ARG B 232 7.57 21.32 -6.13
CA ARG B 232 7.30 22.46 -7.00
C ARG B 232 8.43 22.68 -7.99
N GLN B 233 9.67 22.43 -7.56
CA GLN B 233 10.80 22.57 -8.48
C GLN B 233 10.71 21.57 -9.63
N VAL B 234 10.35 20.32 -9.31
CA VAL B 234 10.23 19.29 -10.35
C VAL B 234 9.06 19.60 -11.28
N GLN B 235 7.95 20.11 -10.73
CA GLN B 235 6.81 20.42 -11.56
C GLN B 235 7.12 21.57 -12.52
N ASP B 236 7.78 22.62 -12.02
CA ASP B 236 8.15 23.75 -12.88
C ASP B 236 9.12 23.31 -13.97
N LEU B 237 10.07 22.44 -13.63
CA LEU B 237 11.03 21.96 -14.63
C LEU B 237 10.35 21.07 -15.64
N GLU B 238 9.43 20.20 -15.20
CA GLU B 238 8.72 19.33 -16.12
C GLU B 238 7.74 20.10 -16.99
N ARG B 239 7.24 21.23 -16.49
CA ARG B 239 6.46 22.12 -17.34
C ARG B 239 7.30 22.66 -18.49
N GLU B 240 8.58 22.92 -18.24
CA GLU B 240 9.50 23.32 -19.30
C GLU B 240 9.73 22.19 -20.29
N PHE B 241 9.86 20.95 -19.79
CA PHE B 241 10.00 19.80 -20.68
C PHE B 241 8.78 19.65 -21.57
N LEU B 242 7.59 19.90 -21.00
CA LEU B 242 6.34 19.83 -21.77
C LEU B 242 6.30 20.89 -22.86
N ILE B 243 6.74 22.11 -22.54
CA ILE B 243 6.75 23.19 -23.54
C ILE B 243 7.70 22.85 -24.67
N LYS B 244 8.85 22.27 -24.36
CA LYS B 244 9.84 21.95 -25.39
C LYS B 244 9.44 20.74 -26.22
N LEU B 245 8.66 19.81 -25.66
CA LEU B 245 8.28 18.61 -26.39
C LEU B 245 6.99 18.80 -27.20
N GLY B 246 6.21 19.83 -26.92
CA GLY B 246 4.99 20.07 -27.66
C GLY B 246 3.93 19.00 -27.53
N LEU B 247 3.86 18.32 -26.39
CA LEU B 247 2.85 17.29 -26.18
C LEU B 247 1.46 17.86 -26.01
N VAL B 248 1.35 19.15 -25.66
CA VAL B 248 0.07 19.82 -25.51
C VAL B 248 -0.03 21.04 -26.43
N ASN B 249 1.05 21.80 -26.58
CA ASN B 249 1.10 22.94 -27.47
C ASN B 249 2.13 22.70 -28.58
N ASP B 250 2.11 23.58 -29.58
CA ASP B 250 3.02 23.50 -30.71
C ASP B 250 2.34 22.84 -31.90
N ALA C 1 3.86 34.29 -22.82
CA ALA C 1 3.55 32.87 -23.02
C ALA C 1 2.45 32.43 -22.06
N LEU C 2 2.81 31.60 -21.09
CA LEU C 2 1.89 31.20 -20.03
C LEU C 2 1.75 32.35 -19.05
N SER C 3 0.55 32.93 -18.95
CA SER C 3 0.40 34.16 -18.18
C SER C 3 -0.95 34.28 -17.48
N LYS C 4 -1.91 33.42 -17.82
CA LYS C 4 -3.24 33.46 -17.21
C LYS C 4 -3.33 32.44 -16.09
N VAL C 5 -3.77 32.89 -14.91
CA VAL C 5 -3.77 32.10 -13.69
C VAL C 5 -5.17 32.13 -13.09
N VAL C 6 -5.63 30.98 -12.59
CA VAL C 6 -6.93 30.84 -11.96
C VAL C 6 -6.75 30.53 -10.47
N ILE C 7 -7.56 31.17 -9.63
CA ILE C 7 -7.68 30.86 -8.20
C ILE C 7 -9.10 30.37 -7.96
N ARG C 8 -9.24 29.07 -7.65
CA ARG C 8 -10.55 28.45 -7.63
C ARG C 8 -10.81 27.79 -6.28
N ARG C 9 -11.99 27.17 -6.19
CA ARG C 9 -12.48 26.52 -4.97
C ARG C 9 -12.58 27.52 -3.80
N LEU C 10 -12.88 28.77 -4.13
CA LEU C 10 -13.16 29.79 -3.13
C LEU C 10 -14.58 29.62 -2.59
N PRO C 11 -14.86 30.14 -1.39
CA PRO C 11 -16.21 30.05 -0.85
C PRO C 11 -17.23 30.64 -1.79
N PRO C 12 -18.42 30.05 -1.90
CA PRO C 12 -19.41 30.54 -2.88
C PRO C 12 -19.98 31.91 -2.54
N THR C 13 -19.83 32.38 -1.30
CA THR C 13 -20.33 33.70 -0.93
C THR C 13 -19.26 34.78 -0.94
N LEU C 14 -18.00 34.42 -1.15
CA LEU C 14 -16.94 35.40 -1.26
C LEU C 14 -17.18 36.32 -2.45
N THR C 15 -16.82 37.60 -2.29
CA THR C 15 -16.93 38.58 -3.35
C THR C 15 -15.55 39.00 -3.84
N LYS C 16 -15.54 39.76 -4.93
CA LYS C 16 -14.28 40.15 -5.57
C LYS C 16 -13.53 41.18 -4.73
N GLU C 17 -14.25 42.14 -4.12
CA GLU C 17 -13.58 43.12 -3.28
C GLU C 17 -12.95 42.45 -2.06
N GLN C 18 -13.65 41.47 -1.48
CA GLN C 18 -13.08 40.72 -0.37
C GLN C 18 -11.89 39.87 -0.81
N LEU C 19 -11.92 39.34 -2.02
CA LEU C 19 -10.84 38.48 -2.48
C LEU C 19 -9.54 39.26 -2.66
N GLN C 20 -9.60 40.38 -3.39
CA GLN C 20 -8.41 41.22 -3.53
C GLN C 20 -8.01 41.86 -2.21
N GLU C 21 -8.92 41.89 -1.22
CA GLU C 21 -8.54 42.29 0.12
C GLU C 21 -7.50 41.34 0.70
N HIS C 22 -7.60 40.05 0.36
CA HIS C 22 -6.58 39.09 0.77
C HIS C 22 -5.39 39.10 -0.17
N LEU C 23 -5.62 39.43 -1.45
CA LEU C 23 -4.55 39.35 -2.45
C LEU C 23 -3.62 40.55 -2.45
N GLN C 24 -4.04 41.68 -1.88
CA GLN C 24 -3.21 42.86 -1.91
C GLN C 24 -1.92 42.62 -1.12
N PRO C 25 -0.76 43.08 -1.61
CA PRO C 25 -0.62 43.87 -2.85
C PRO C 25 -0.69 43.02 -4.13
N MET C 26 -1.61 43.36 -5.02
CA MET C 26 -1.75 42.63 -6.27
C MET C 26 -0.60 42.97 -7.21
N PRO C 27 -0.02 41.97 -7.89
CA PRO C 27 1.04 42.27 -8.87
C PRO C 27 0.51 42.95 -10.11
N GLU C 28 1.40 43.22 -11.08
CA GLU C 28 0.99 43.87 -12.31
C GLU C 28 0.15 42.92 -13.15
N HIS C 29 -1.06 43.35 -13.50
CA HIS C 29 -2.02 42.51 -14.20
C HIS C 29 -2.81 43.31 -15.21
N ASP C 30 -3.26 42.63 -16.27
CA ASP C 30 -4.15 43.19 -17.27
C ASP C 30 -5.61 42.83 -17.01
N TYR C 31 -5.89 41.55 -16.74
CA TYR C 31 -7.24 41.05 -16.51
C TYR C 31 -7.34 40.49 -15.10
N PHE C 32 -8.50 40.71 -14.48
CA PHE C 32 -8.82 40.15 -13.16
C PHE C 32 -10.30 40.35 -12.85
N GLU C 33 -11.10 39.30 -13.01
CA GLU C 33 -12.48 39.35 -12.55
C GLU C 33 -12.91 37.95 -12.10
N PHE C 34 -14.15 37.88 -11.63
CA PHE C 34 -14.60 36.95 -10.60
C PHE C 34 -15.95 36.38 -10.98
N PHE C 35 -16.07 35.06 -10.95
CA PHE C 35 -17.32 34.37 -11.28
C PHE C 35 -17.75 33.47 -10.14
N SER C 36 -19.04 33.13 -10.13
CA SER C 36 -19.60 32.32 -9.05
C SER C 36 -20.99 31.85 -9.47
N ASN C 37 -21.38 30.69 -8.92
CA ASN C 37 -22.71 30.10 -9.11
C ASN C 37 -23.06 29.98 -10.60
N ASP C 38 -22.20 29.24 -11.31
CA ASP C 38 -22.33 29.07 -12.75
C ASP C 38 -22.08 27.63 -13.16
N THR C 39 -22.26 26.68 -12.25
CA THR C 39 -21.93 25.29 -12.50
C THR C 39 -23.18 24.48 -12.86
N SER C 40 -22.93 23.29 -13.39
CA SER C 40 -23.97 22.32 -13.66
C SER C 40 -24.07 21.26 -12.58
N LEU C 41 -23.24 21.35 -11.54
CA LEU C 41 -23.17 20.31 -10.52
C LEU C 41 -23.67 20.82 -9.18
N TYR C 42 -24.82 21.47 -9.17
CA TYR C 42 -25.45 21.87 -7.93
C TYR C 42 -25.67 20.64 -7.04
N PRO C 43 -25.46 20.75 -5.72
CA PRO C 43 -25.17 21.95 -4.93
C PRO C 43 -23.70 22.21 -4.61
N HIS C 44 -22.79 21.64 -5.38
CA HIS C 44 -21.36 21.83 -5.15
C HIS C 44 -20.94 23.17 -5.75
N MET C 45 -21.18 24.23 -4.98
CA MET C 45 -21.02 25.60 -5.44
C MET C 45 -19.74 26.20 -4.88
N TYR C 46 -18.88 26.70 -5.78
CA TYR C 46 -17.66 27.39 -5.42
C TYR C 46 -17.56 28.67 -6.23
N ALA C 47 -16.49 29.43 -6.00
CA ALA C 47 -16.20 30.65 -6.72
C ALA C 47 -14.75 30.63 -7.17
N ARG C 48 -14.42 31.48 -8.13
CA ARG C 48 -13.08 31.51 -8.70
C ARG C 48 -12.82 32.87 -9.32
N ALA C 49 -11.57 33.08 -9.71
CA ALA C 49 -11.13 34.29 -10.38
C ALA C 49 -9.95 33.97 -11.27
N TYR C 50 -9.76 34.80 -12.31
CA TYR C 50 -8.67 34.64 -13.26
C TYR C 50 -7.86 35.93 -13.30
N ILE C 51 -6.54 35.79 -13.38
CA ILE C 51 -5.62 36.93 -13.45
C ILE C 51 -4.64 36.70 -14.58
N ASN C 52 -4.36 37.75 -15.36
CA ASN C 52 -3.34 37.72 -16.40
C ASN C 52 -2.21 38.64 -15.96
N PHE C 53 -1.05 38.05 -15.66
CA PHE C 53 0.08 38.78 -15.12
C PHE C 53 0.93 39.38 -16.23
N LYS C 54 1.54 40.53 -15.94
CA LYS C 54 2.39 41.22 -16.91
C LYS C 54 3.82 40.73 -16.89
N ASN C 55 4.25 40.02 -15.84
CA ASN C 55 5.61 39.54 -15.73
C ASN C 55 5.61 38.09 -15.27
N GLN C 56 6.55 37.31 -15.83
CA GLN C 56 6.62 35.88 -15.52
C GLN C 56 7.00 35.62 -14.06
N GLU C 57 7.72 36.54 -13.44
CA GLU C 57 8.21 36.32 -12.08
C GLU C 57 7.13 36.58 -11.02
N ASP C 58 6.16 37.43 -11.33
CA ASP C 58 5.11 37.75 -10.35
C ASP C 58 4.25 36.54 -10.00
N ILE C 59 4.24 35.52 -10.86
CA ILE C 59 3.35 34.39 -10.68
C ILE C 59 3.94 33.35 -9.74
N ILE C 60 5.25 33.09 -9.84
CA ILE C 60 5.88 32.09 -8.98
C ILE C 60 5.77 32.48 -7.51
N LEU C 61 5.70 33.78 -7.23
CA LEU C 61 5.49 34.24 -5.87
C LEU C 61 4.01 34.39 -5.52
N PHE C 62 3.15 34.54 -6.52
CA PHE C 62 1.72 34.64 -6.25
C PHE C 62 1.15 33.29 -5.81
N ARG C 63 1.54 32.21 -6.49
CA ARG C 63 1.04 30.89 -6.12
C ARG C 63 1.71 30.38 -4.86
N ASP C 64 2.95 30.81 -4.59
CA ASP C 64 3.61 30.45 -3.34
C ASP C 64 2.91 31.07 -2.13
N ARG C 65 2.16 32.15 -2.33
CA ARG C 65 1.45 32.82 -1.24
C ARG C 65 0.00 32.36 -1.09
N PHE C 66 -0.60 31.80 -2.15
CA PHE C 66 -2.04 31.56 -2.13
C PHE C 66 -2.49 30.16 -2.55
N ASP C 67 -1.58 29.28 -2.96
CA ASP C 67 -1.95 27.88 -3.21
C ASP C 67 -1.93 27.15 -1.87
N GLY C 68 -3.12 26.87 -1.35
CA GLY C 68 -3.29 26.36 0.00
C GLY C 68 -3.88 27.36 0.96
N TYR C 69 -3.87 28.64 0.59
CA TYR C 69 -4.45 29.72 1.39
C TYR C 69 -5.90 29.38 1.74
N VAL C 70 -6.18 29.19 3.03
CA VAL C 70 -7.50 28.76 3.47
C VAL C 70 -8.39 29.99 3.64
N PHE C 71 -9.49 30.02 2.91
CA PHE C 71 -10.52 31.02 3.10
C PHE C 71 -11.59 30.50 4.05
N LEU C 72 -12.48 31.39 4.48
CA LEU C 72 -13.55 31.05 5.39
C LEU C 72 -14.87 31.58 4.85
N ASP C 73 -15.94 30.84 5.10
CA ASP C 73 -17.25 31.22 4.57
C ASP C 73 -18.10 31.87 5.67
N ASN C 74 -19.42 31.77 5.54
CA ASN C 74 -20.31 32.42 6.49
C ASN C 74 -20.31 31.70 7.84
N LYS C 75 -20.30 30.37 7.84
CA LYS C 75 -20.46 29.58 9.06
C LYS C 75 -19.23 28.74 9.37
N GLY C 76 -18.03 29.30 9.13
CA GLY C 76 -16.80 28.74 9.65
C GLY C 76 -16.13 27.69 8.80
N GLN C 77 -16.84 27.09 7.84
CA GLN C 77 -16.26 26.02 7.04
C GLN C 77 -15.07 26.53 6.24
N GLU C 78 -14.06 25.69 6.10
CA GLU C 78 -12.80 26.07 5.46
C GLU C 78 -12.85 25.82 3.96
N TYR C 79 -12.07 26.61 3.22
CA TYR C 79 -12.00 26.54 1.76
C TYR C 79 -10.57 26.77 1.33
N PRO C 80 -9.74 25.74 1.34
CA PRO C 80 -8.37 25.87 0.82
C PRO C 80 -8.40 26.12 -0.68
N ALA C 81 -7.73 27.19 -1.10
CA ALA C 81 -7.79 27.65 -2.47
C ALA C 81 -6.67 27.04 -3.31
N ILE C 82 -6.93 26.91 -4.61
CA ILE C 82 -5.99 26.30 -5.55
C ILE C 82 -5.57 27.36 -6.58
N VAL C 83 -4.27 27.47 -6.83
CA VAL C 83 -3.72 28.40 -7.82
C VAL C 83 -3.01 27.58 -8.90
N GLU C 84 -3.56 27.54 -10.11
CA GLU C 84 -2.86 26.94 -11.23
C GLU C 84 -2.94 27.85 -12.44
N PHE C 85 -2.17 27.50 -13.46
CA PHE C 85 -2.34 28.10 -14.78
C PHE C 85 -3.73 27.75 -15.30
N ALA C 86 -4.48 28.76 -15.72
CA ALA C 86 -5.83 28.53 -16.20
C ALA C 86 -5.80 27.61 -17.42
N PRO C 87 -6.82 26.76 -17.61
CA PRO C 87 -6.78 25.80 -18.72
C PRO C 87 -6.95 26.47 -20.08
N PHE C 88 -7.73 27.55 -20.15
CA PHE C 88 -7.93 28.34 -21.36
C PHE C 88 -7.23 29.68 -21.17
N GLN C 89 -6.07 29.83 -21.82
CA GLN C 89 -5.22 31.00 -21.61
C GLN C 89 -5.77 32.28 -22.23
N LYS C 90 -6.70 32.19 -23.17
CA LYS C 90 -7.26 33.39 -23.78
C LYS C 90 -8.11 34.15 -22.77
N ALA C 91 -7.88 35.47 -22.69
CA ALA C 91 -8.54 36.31 -21.72
C ALA C 91 -9.37 37.38 -22.41
N ALA C 92 -10.40 37.86 -21.72
CA ALA C 92 -11.29 38.88 -22.24
C ALA C 92 -10.93 40.27 -21.68
N ARG C 99 -18.00 48.09 -32.28
CA ARG C 99 -19.02 47.37 -31.53
C ARG C 99 -20.23 47.08 -32.41
N ASP C 100 -21.26 46.48 -31.80
CA ASP C 100 -22.45 46.03 -32.52
C ASP C 100 -23.56 47.07 -32.44
N THR C 101 -24.41 47.09 -33.46
CA THR C 101 -25.54 48.02 -33.54
C THR C 101 -26.85 47.41 -33.09
N LYS C 102 -27.03 46.09 -33.25
CA LYS C 102 -28.24 45.42 -32.81
C LYS C 102 -28.24 45.11 -31.32
N VAL C 103 -27.30 45.68 -30.55
CA VAL C 103 -27.22 45.42 -29.12
C VAL C 103 -28.45 45.96 -28.42
N GLY C 104 -29.10 45.11 -27.62
CA GLY C 104 -30.25 45.52 -26.85
C GLY C 104 -31.40 46.02 -27.69
N THR C 105 -31.84 45.21 -28.65
CA THR C 105 -32.95 45.57 -29.52
C THR C 105 -34.04 44.49 -29.57
N ILE C 106 -33.99 43.48 -28.69
CA ILE C 106 -35.10 42.56 -28.61
C ILE C 106 -36.21 43.11 -27.71
N ASP C 107 -35.89 44.03 -26.79
CA ASP C 107 -36.91 44.92 -26.29
C ASP C 107 -37.39 45.78 -27.45
N ASP C 108 -38.71 45.76 -27.70
CA ASP C 108 -39.32 46.28 -28.93
C ASP C 108 -38.91 45.45 -30.15
N ASP C 109 -39.15 44.13 -30.12
CA ASP C 109 -38.83 43.27 -31.26
C ASP C 109 -39.99 42.32 -31.54
N PRO C 110 -40.44 42.24 -32.80
CA PRO C 110 -41.66 41.48 -33.11
C PRO C 110 -41.72 40.05 -32.60
N GLU C 111 -40.77 39.19 -33.00
CA GLU C 111 -40.85 37.79 -32.60
C GLU C 111 -40.77 37.63 -31.09
N TYR C 112 -40.06 38.54 -30.41
CA TYR C 112 -40.12 38.57 -28.96
C TYR C 112 -41.54 38.87 -28.48
N ARG C 113 -42.21 39.83 -29.13
CA ARG C 113 -43.56 40.22 -28.72
C ARG C 113 -44.54 39.09 -28.94
N LYS C 114 -44.41 38.35 -30.05
CA LYS C 114 -45.22 37.15 -30.24
C LYS C 114 -44.93 36.11 -29.14
N PHE C 115 -43.68 35.97 -28.70
CA PHE C 115 -43.35 34.98 -27.70
C PHE C 115 -44.08 35.26 -26.40
N LEU C 116 -44.09 36.51 -25.96
CA LEU C 116 -44.56 36.83 -24.61
C LEU C 116 -46.06 36.57 -24.42
N GLU C 117 -46.88 36.65 -25.48
CA GLU C 117 -48.30 36.29 -25.38
C GLU C 117 -48.52 34.78 -25.43
N SER C 118 -47.60 34.04 -26.06
CA SER C 118 -47.58 32.59 -25.88
C SER C 118 -47.25 32.22 -24.43
N TYR C 119 -46.60 33.13 -23.70
CA TYR C 119 -46.07 32.89 -22.37
C TYR C 119 -47.08 33.18 -21.26
N ALA C 120 -48.03 34.08 -21.50
CA ALA C 120 -48.93 34.51 -20.43
C ALA C 120 -49.86 33.37 -19.99
N THR C 121 -50.36 32.58 -20.93
CA THR C 121 -51.30 31.50 -20.61
C THR C 121 -50.64 30.42 -19.74
N ARG D 2 -40.18 31.83 -13.52
CA ARG D 2 -39.00 32.56 -13.96
C ARG D 2 -39.41 33.67 -14.93
N PRO D 3 -38.68 34.79 -14.91
CA PRO D 3 -39.00 35.93 -15.77
C PRO D 3 -39.27 35.54 -17.21
N PRO D 4 -39.99 36.38 -17.96
CA PRO D 4 -40.30 36.05 -19.35
C PRO D 4 -39.06 35.92 -20.22
N LEU D 5 -38.13 36.89 -20.15
CA LEU D 5 -36.94 36.83 -20.98
C LEU D 5 -36.08 35.61 -20.67
N GLN D 6 -36.03 35.21 -19.40
CA GLN D 6 -35.13 34.12 -19.04
C GLN D 6 -35.63 32.77 -19.55
N GLU D 7 -36.95 32.57 -19.61
CA GLU D 7 -37.47 31.38 -20.27
C GLU D 7 -37.56 31.55 -21.78
N TYR D 8 -37.45 32.79 -22.28
CA TYR D 8 -37.31 32.99 -23.72
C TYR D 8 -36.02 32.36 -24.23
N VAL D 9 -34.96 32.41 -23.42
CA VAL D 9 -33.70 31.81 -23.82
C VAL D 9 -33.79 30.29 -23.77
N ARG D 10 -34.37 29.75 -22.69
CA ARG D 10 -34.54 28.31 -22.59
C ARG D 10 -35.36 27.74 -23.74
N LYS D 11 -36.19 28.57 -24.38
CA LYS D 11 -36.80 28.14 -25.64
C LYS D 11 -35.80 28.20 -26.79
N LEU D 12 -35.00 29.27 -26.83
CA LEU D 12 -34.06 29.46 -27.93
C LEU D 12 -32.96 28.40 -27.92
N LEU D 13 -32.46 28.04 -26.74
CA LEU D 13 -31.30 27.17 -26.64
C LEU D 13 -31.64 25.71 -26.36
N TYR D 14 -32.64 25.44 -25.54
CA TYR D 14 -32.96 24.08 -25.13
C TYR D 14 -34.11 23.46 -25.92
N LYS D 15 -34.79 24.23 -26.77
CA LYS D 15 -35.96 23.71 -27.48
C LYS D 15 -35.88 23.99 -28.97
N ASP D 16 -35.64 25.25 -29.34
CA ASP D 16 -35.69 25.63 -30.75
C ASP D 16 -34.50 25.09 -31.53
N LEU D 17 -33.30 25.17 -30.94
CA LEU D 17 -32.07 24.81 -31.66
C LEU D 17 -32.12 23.41 -32.25
N SER D 18 -33.00 22.54 -31.75
CA SER D 18 -33.13 21.20 -32.31
C SER D 18 -33.79 21.23 -33.68
N LYS D 19 -34.90 21.94 -33.82
CA LYS D 19 -35.59 21.97 -35.11
C LYS D 19 -35.79 23.38 -35.64
N VAL D 20 -34.70 24.12 -35.85
CA VAL D 20 -34.77 25.46 -36.41
C VAL D 20 -33.42 25.83 -36.99
N THR D 21 -33.44 26.78 -37.91
CA THR D 21 -32.20 27.34 -38.43
C THR D 21 -31.34 27.92 -37.32
N THR D 22 -30.08 27.47 -37.26
CA THR D 22 -29.15 28.05 -36.30
C THR D 22 -28.86 29.51 -36.61
N GLU D 23 -28.90 29.89 -37.89
CA GLU D 23 -28.57 31.26 -38.28
C GLU D 23 -29.68 32.24 -37.93
N LYS D 24 -30.89 31.74 -37.67
CA LYS D 24 -32.00 32.59 -37.26
C LYS D 24 -31.93 32.92 -35.77
N VAL D 25 -31.65 31.92 -34.94
CA VAL D 25 -31.58 32.14 -33.50
C VAL D 25 -30.36 32.98 -33.12
N LEU D 26 -29.33 33.05 -33.98
CA LEU D 26 -28.16 33.85 -33.64
C LEU D 26 -28.48 35.33 -33.63
N ARG D 27 -29.10 35.84 -34.71
CA ARG D 27 -29.51 37.23 -34.72
C ARG D 27 -30.53 37.54 -33.64
N GLN D 28 -31.29 36.53 -33.19
CA GLN D 28 -32.24 36.69 -32.09
C GLN D 28 -31.56 36.72 -30.73
N MET D 29 -30.26 36.43 -30.66
CA MET D 29 -29.50 36.58 -29.43
C MET D 29 -28.44 37.65 -29.51
N ARG D 30 -28.03 38.07 -30.72
CA ARG D 30 -27.49 39.41 -30.89
C ARG D 30 -28.52 40.46 -30.47
N LYS D 31 -29.79 40.07 -30.44
CA LYS D 31 -30.88 40.93 -30.00
C LYS D 31 -30.75 41.32 -28.53
N LEU D 32 -30.18 40.43 -27.71
CA LEU D 32 -30.25 40.54 -26.27
C LEU D 32 -29.46 41.73 -25.74
N PRO D 33 -29.84 42.25 -24.57
CA PRO D 33 -29.08 43.36 -23.97
C PRO D 33 -27.74 42.92 -23.38
N TRP D 34 -26.72 42.77 -24.23
CA TRP D 34 -25.42 42.31 -23.76
C TRP D 34 -24.71 43.32 -22.87
N GLN D 35 -25.17 44.57 -22.86
CA GLN D 35 -24.68 45.53 -21.88
C GLN D 35 -25.08 45.13 -20.47
N ASP D 36 -26.33 44.67 -20.30
CA ASP D 36 -26.79 44.14 -19.02
C ASP D 36 -25.94 42.94 -18.63
N GLN D 37 -25.21 43.07 -17.52
CA GLN D 37 -24.31 42.01 -17.08
C GLN D 37 -25.06 40.81 -16.50
N GLU D 38 -26.27 41.02 -15.98
CA GLU D 38 -26.99 39.92 -15.33
C GLU D 38 -27.56 38.95 -16.35
N VAL D 39 -28.12 39.45 -17.45
CA VAL D 39 -28.63 38.55 -18.47
C VAL D 39 -27.51 37.99 -19.33
N LYS D 40 -26.43 38.76 -19.51
CA LYS D 40 -25.23 38.20 -20.14
C LYS D 40 -24.67 37.05 -19.31
N ASP D 41 -24.75 37.17 -17.98
CA ASP D 41 -24.31 36.08 -17.10
C ASP D 41 -25.28 34.91 -17.15
N TYR D 42 -26.58 35.17 -17.37
CA TYR D 42 -27.57 34.10 -17.26
C TYR D 42 -27.39 33.06 -18.35
N VAL D 43 -27.00 33.48 -19.55
CA VAL D 43 -26.93 32.57 -20.68
C VAL D 43 -25.54 31.96 -20.84
N ILE D 44 -24.50 32.63 -20.36
CA ILE D 44 -23.23 31.93 -20.14
C ILE D 44 -23.47 30.74 -19.22
N CYS D 45 -24.32 30.91 -18.20
CA CYS D 45 -24.70 29.81 -17.33
C CYS D 45 -25.56 28.79 -18.07
N CYS D 46 -26.37 29.25 -19.02
CA CYS D 46 -27.24 28.34 -19.76
C CYS D 46 -26.44 27.41 -20.67
N MET D 47 -25.40 27.95 -21.31
CA MET D 47 -24.56 27.12 -22.17
C MET D 47 -23.65 26.22 -21.36
N ILE D 48 -23.22 26.66 -20.17
CA ILE D 48 -22.45 25.80 -19.28
C ILE D 48 -23.29 24.59 -18.86
N ASN D 49 -24.59 24.80 -18.69
CA ASN D 49 -25.50 23.72 -18.34
C ASN D 49 -26.02 23.03 -19.59
N ILE D 50 -25.09 22.67 -20.48
CA ILE D 50 -25.45 22.04 -21.75
C ILE D 50 -26.08 20.66 -21.58
N TRP D 51 -26.08 20.11 -20.36
CA TRP D 51 -26.72 18.83 -20.14
C TRP D 51 -28.22 18.88 -20.41
N ASN D 52 -28.81 20.07 -20.49
CA ASN D 52 -30.23 20.20 -20.82
C ASN D 52 -30.49 19.88 -22.29
N VAL D 53 -29.56 20.28 -23.17
CA VAL D 53 -29.67 19.95 -24.58
C VAL D 53 -29.52 18.45 -24.78
N LYS D 54 -30.32 17.89 -25.69
CA LYS D 54 -30.15 16.50 -26.06
C LYS D 54 -28.81 16.30 -26.77
N TYR D 55 -28.27 15.09 -26.65
CA TYR D 55 -26.87 14.84 -26.97
C TYR D 55 -26.52 15.27 -28.40
N ASN D 56 -27.34 14.88 -29.37
CA ASN D 56 -26.97 15.05 -30.78
C ASN D 56 -27.31 16.43 -31.32
N SER D 57 -27.63 17.40 -30.46
CA SER D 57 -27.76 18.79 -30.84
C SER D 57 -26.81 19.70 -30.05
N ILE D 58 -25.96 19.14 -29.18
CA ILE D 58 -24.96 19.93 -28.48
C ILE D 58 -24.04 20.63 -29.46
N HIS D 59 -23.75 20.00 -30.60
CA HIS D 59 -22.92 20.66 -31.61
C HIS D 59 -23.63 21.87 -32.20
N CYS D 60 -24.96 21.89 -32.19
CA CYS D 60 -25.69 23.07 -32.66
C CYS D 60 -25.52 24.24 -31.72
N VAL D 61 -25.44 23.97 -30.41
CA VAL D 61 -25.14 25.03 -29.45
C VAL D 61 -23.75 25.60 -29.68
N ALA D 62 -22.76 24.73 -29.90
CA ALA D 62 -21.43 25.21 -30.23
C ALA D 62 -21.41 25.92 -31.58
N ASN D 63 -22.31 25.52 -32.49
CA ASN D 63 -22.45 26.22 -33.77
C ASN D 63 -23.01 27.63 -33.56
N LEU D 64 -24.01 27.76 -32.69
CA LEU D 64 -24.55 29.09 -32.36
C LEU D 64 -23.49 29.96 -31.71
N LEU D 65 -22.82 29.44 -30.68
CA LEU D 65 -21.86 30.25 -29.93
C LEU D 65 -20.69 30.68 -30.81
N ALA D 66 -20.32 29.86 -31.80
CA ALA D 66 -19.24 30.24 -32.71
C ALA D 66 -19.59 31.50 -33.50
N GLY D 67 -20.87 31.73 -33.76
CA GLY D 67 -21.28 32.89 -34.53
C GLY D 67 -21.37 34.16 -33.71
N LEU D 68 -21.67 34.04 -32.41
CA LEU D 68 -21.89 35.22 -31.59
C LEU D 68 -20.59 35.91 -31.20
N VAL D 69 -19.51 35.13 -30.98
CA VAL D 69 -18.25 35.72 -30.56
C VAL D 69 -17.68 36.70 -31.56
N LEU D 70 -18.26 36.80 -32.75
CA LEU D 70 -17.94 37.87 -33.67
C LEU D 70 -18.58 39.20 -33.28
N TYR D 71 -19.44 39.20 -32.26
CA TYR D 71 -20.14 40.38 -31.76
C TYR D 71 -19.96 40.59 -30.27
N GLN D 72 -20.06 39.53 -29.46
CA GLN D 72 -19.73 39.57 -28.03
C GLN D 72 -18.74 38.43 -27.78
N GLU D 73 -17.45 38.72 -27.99
CA GLU D 73 -16.42 37.68 -27.93
C GLU D 73 -16.19 37.16 -26.52
N ASP D 74 -16.41 38.00 -25.50
CA ASP D 74 -16.14 37.56 -24.13
C ASP D 74 -17.09 36.46 -23.69
N VAL D 75 -18.32 36.44 -24.24
CA VAL D 75 -19.29 35.40 -23.89
C VAL D 75 -18.74 34.01 -24.22
N GLY D 76 -17.95 33.90 -25.29
CA GLY D 76 -17.31 32.63 -25.58
C GLY D 76 -16.18 32.32 -24.62
N ILE D 77 -15.44 33.35 -24.19
CA ILE D 77 -14.37 33.13 -23.22
C ILE D 77 -14.93 32.59 -21.93
N HIS D 78 -16.04 33.16 -21.45
CA HIS D 78 -16.58 32.75 -20.16
C HIS D 78 -17.23 31.38 -20.23
N VAL D 79 -17.87 31.05 -21.35
CA VAL D 79 -18.44 29.72 -21.51
C VAL D 79 -17.34 28.66 -21.56
N VAL D 80 -16.25 28.94 -22.28
CA VAL D 80 -15.14 28.00 -22.36
C VAL D 80 -14.48 27.82 -20.99
N ASP D 81 -14.25 28.93 -20.28
CA ASP D 81 -13.69 28.84 -18.94
C ASP D 81 -14.65 28.15 -17.98
N GLY D 82 -15.95 28.37 -18.15
CA GLY D 82 -16.92 27.73 -17.26
C GLY D 82 -17.05 26.25 -17.51
N VAL D 83 -16.96 25.82 -18.77
CA VAL D 83 -17.05 24.40 -19.07
C VAL D 83 -15.80 23.67 -18.56
N LEU D 84 -14.63 24.27 -18.77
CA LEU D 84 -13.39 23.66 -18.28
C LEU D 84 -13.38 23.57 -16.75
N GLU D 85 -13.96 24.56 -16.06
CA GLU D 85 -14.07 24.50 -14.61
C GLU D 85 -15.04 23.40 -14.17
N ASP D 86 -16.14 23.25 -14.90
CA ASP D 86 -17.12 22.20 -14.56
C ASP D 86 -16.53 20.80 -14.78
N ILE D 87 -15.66 20.64 -15.78
CA ILE D 87 -15.04 19.34 -16.00
C ILE D 87 -14.10 19.00 -14.85
N ARG D 88 -13.35 19.99 -14.36
CA ARG D 88 -12.46 19.77 -13.22
C ARG D 88 -13.26 19.48 -11.94
N LEU D 89 -14.31 20.26 -11.69
CA LEU D 89 -15.13 20.03 -10.50
C LEU D 89 -15.84 18.68 -10.58
N GLY D 90 -16.19 18.24 -11.79
CA GLY D 90 -16.84 16.95 -11.94
C GLY D 90 -15.98 15.80 -11.45
N MET D 91 -14.67 15.88 -11.69
CA MET D 91 -13.78 14.84 -11.20
C MET D 91 -13.61 14.92 -9.69
N GLU D 92 -13.74 16.12 -9.11
CA GLU D 92 -13.62 16.29 -7.67
C GLU D 92 -14.86 15.80 -6.93
N VAL D 93 -16.04 16.03 -7.51
CA VAL D 93 -17.28 15.52 -6.93
C VAL D 93 -17.41 14.03 -7.18
N ASN D 94 -17.42 13.64 -8.46
CA ASN D 94 -17.40 12.25 -8.88
C ASN D 94 -18.52 11.43 -8.21
N GLN D 95 -19.73 11.94 -8.33
CA GLN D 95 -20.91 11.20 -7.89
C GLN D 95 -21.65 10.68 -9.11
N PRO D 96 -22.04 9.40 -9.13
CA PRO D 96 -22.62 8.82 -10.36
C PRO D 96 -23.87 9.51 -10.84
N LYS D 97 -24.54 10.29 -9.99
CA LYS D 97 -25.75 11.00 -10.41
C LYS D 97 -25.46 12.14 -11.38
N PHE D 98 -24.18 12.48 -11.61
CA PHE D 98 -23.80 13.56 -12.50
C PHE D 98 -23.18 13.04 -13.80
N ASN D 99 -23.32 11.74 -14.08
CA ASN D 99 -22.65 11.15 -15.23
C ASN D 99 -23.14 11.77 -16.53
N GLN D 100 -24.46 11.81 -16.74
CA GLN D 100 -25.00 12.37 -17.98
C GLN D 100 -24.58 13.83 -18.17
N ARG D 101 -24.55 14.61 -17.08
CA ARG D 101 -24.14 16.00 -17.19
C ARG D 101 -22.66 16.12 -17.54
N ARG D 102 -21.81 15.32 -16.87
CA ARG D 102 -20.38 15.39 -17.14
C ARG D 102 -20.04 14.90 -18.54
N ILE D 103 -20.74 13.87 -19.03
CA ILE D 103 -20.52 13.44 -20.41
C ILE D 103 -20.90 14.54 -21.39
N SER D 104 -22.01 15.24 -21.13
CA SER D 104 -22.41 16.33 -22.02
C SER D 104 -21.39 17.46 -22.00
N SER D 105 -20.83 17.76 -20.82
CA SER D 105 -19.85 18.84 -20.74
C SER D 105 -18.60 18.50 -21.57
N ALA D 106 -18.12 17.26 -21.45
CA ALA D 106 -16.98 16.83 -22.24
C ALA D 106 -17.30 16.85 -23.73
N LYS D 107 -18.49 16.37 -24.11
CA LYS D 107 -18.91 16.43 -25.50
C LYS D 107 -18.96 17.88 -25.99
N PHE D 108 -19.45 18.79 -25.15
CA PHE D 108 -19.49 20.20 -25.51
C PHE D 108 -18.10 20.75 -25.80
N LEU D 109 -17.12 20.43 -24.95
CA LEU D 109 -15.78 20.93 -25.17
C LEU D 109 -15.22 20.42 -26.49
N GLY D 110 -15.57 19.19 -26.88
CA GLY D 110 -15.13 18.69 -28.17
C GLY D 110 -15.74 19.44 -29.32
N GLU D 111 -17.04 19.72 -29.25
CA GLU D 111 -17.68 20.53 -30.28
C GLU D 111 -17.12 21.94 -30.31
N LEU D 112 -16.79 22.52 -29.15
CA LEU D 112 -16.18 23.84 -29.13
C LEU D 112 -14.85 23.86 -29.87
N TYR D 113 -14.11 22.75 -29.84
CA TYR D 113 -12.92 22.65 -30.69
C TYR D 113 -13.30 22.50 -32.16
N ASN D 114 -14.41 21.80 -32.44
CA ASN D 114 -14.81 21.60 -33.83
C ASN D 114 -15.15 22.92 -34.51
N TYR D 115 -15.60 23.91 -33.74
CA TYR D 115 -15.90 25.23 -34.26
C TYR D 115 -14.84 26.26 -33.89
N ARG D 116 -13.64 25.80 -33.53
CA ARG D 116 -12.45 26.64 -33.40
C ARG D 116 -12.59 27.69 -32.30
N MET D 117 -13.38 27.37 -31.27
CA MET D 117 -13.41 28.19 -30.05
C MET D 117 -12.17 27.96 -29.20
N VAL D 118 -11.68 26.73 -29.15
CA VAL D 118 -10.45 26.40 -28.46
C VAL D 118 -9.52 25.71 -29.45
N GLU D 119 -8.22 25.82 -29.20
CA GLU D 119 -7.23 25.13 -30.02
C GLU D 119 -6.97 23.74 -29.45
N SER D 120 -6.12 22.98 -30.13
CA SER D 120 -5.87 21.61 -29.72
C SER D 120 -5.24 21.52 -28.33
N ALA D 121 -4.58 22.58 -27.87
CA ALA D 121 -3.93 22.53 -26.57
C ALA D 121 -4.93 22.40 -25.44
N VAL D 122 -6.10 23.04 -25.58
CA VAL D 122 -7.13 22.91 -24.55
C VAL D 122 -7.65 21.48 -24.49
N ILE D 123 -7.89 20.87 -25.65
CA ILE D 123 -8.38 19.49 -25.70
C ILE D 123 -7.37 18.54 -25.08
N PHE D 124 -6.10 18.68 -25.45
CA PHE D 124 -5.10 17.74 -24.97
C PHE D 124 -4.78 17.95 -23.49
N ARG D 125 -4.92 19.19 -23.00
CA ARG D 125 -4.81 19.40 -21.56
C ARG D 125 -5.93 18.67 -20.83
N THR D 126 -7.16 18.82 -21.30
CA THR D 126 -8.28 18.11 -20.69
C THR D 126 -8.09 16.60 -20.79
N LEU D 127 -7.58 16.11 -21.91
CA LEU D 127 -7.41 14.67 -22.09
C LEU D 127 -6.39 14.10 -21.11
N TYR D 128 -5.23 14.77 -20.97
CA TYR D 128 -4.23 14.31 -20.02
C TYR D 128 -4.73 14.42 -18.58
N SER D 129 -5.55 15.44 -18.27
CA SER D 129 -6.10 15.56 -16.93
C SER D 129 -7.04 14.40 -16.61
N PHE D 130 -7.65 13.78 -17.63
CA PHE D 130 -8.50 12.63 -17.38
C PHE D 130 -7.69 11.43 -16.93
N THR D 131 -6.47 11.26 -17.44
CA THR D 131 -5.64 10.11 -17.15
C THR D 131 -4.65 10.35 -16.01
N SER D 132 -4.63 11.55 -15.42
CA SER D 132 -3.62 11.84 -14.41
C SER D 132 -4.12 12.62 -13.20
N PHE D 133 -5.17 13.44 -13.30
CA PHE D 133 -5.63 14.23 -12.16
C PHE D 133 -6.16 13.32 -11.06
N GLY D 134 -5.52 13.38 -9.90
CA GLY D 134 -5.86 12.49 -8.80
C GLY D 134 -5.48 11.05 -9.01
N VAL D 135 -4.67 10.75 -10.02
CA VAL D 135 -4.25 9.39 -10.35
C VAL D 135 -2.87 9.15 -9.74
N ASN D 136 -2.70 7.97 -9.13
CA ASN D 136 -1.40 7.63 -8.58
C ASN D 136 -0.44 7.27 -9.71
N PRO D 137 0.82 7.73 -9.66
CA PRO D 137 1.74 7.51 -10.79
C PRO D 137 2.14 6.05 -10.99
N ASP D 138 1.77 5.15 -10.08
CA ASP D 138 2.04 3.73 -10.24
C ASP D 138 0.80 2.92 -10.64
N GLY D 139 -0.33 3.58 -10.87
CA GLY D 139 -1.54 2.89 -11.22
C GLY D 139 -2.38 2.40 -10.06
N SER D 140 -1.92 2.61 -8.83
CA SER D 140 -2.69 2.16 -7.67
C SER D 140 -3.99 2.96 -7.55
N PRO D 141 -5.06 2.32 -7.08
CA PRO D 141 -6.32 3.06 -6.90
C PRO D 141 -6.16 4.20 -5.91
N SER D 142 -6.91 5.28 -6.13
CA SER D 142 -6.73 6.52 -5.41
C SER D 142 -8.08 7.01 -4.87
N SER D 143 -8.05 8.18 -4.24
CA SER D 143 -9.27 8.76 -3.69
C SER D 143 -10.26 9.10 -4.81
N LEU D 144 -9.83 9.88 -5.80
CA LEU D 144 -10.70 10.30 -6.89
C LEU D 144 -10.84 9.27 -8.01
N ASP D 145 -10.03 8.21 -8.00
CA ASP D 145 -10.12 7.15 -9.02
C ASP D 145 -10.16 5.78 -8.35
N PRO D 146 -11.26 5.44 -7.67
CA PRO D 146 -11.38 4.11 -7.04
C PRO D 146 -11.37 3.01 -8.08
N PRO D 147 -11.18 1.75 -7.67
CA PRO D 147 -10.94 0.69 -8.68
C PRO D 147 -12.04 0.53 -9.71
N GLU D 148 -13.30 0.37 -9.27
CA GLU D 148 -14.39 0.14 -10.20
C GLU D 148 -14.81 1.40 -10.95
N HIS D 149 -14.24 2.56 -10.62
CA HIS D 149 -14.55 3.81 -11.29
C HIS D 149 -13.85 3.81 -12.65
N LEU D 150 -14.63 3.63 -13.72
CA LEU D 150 -14.13 3.62 -15.08
C LEU D 150 -14.58 4.84 -15.88
N PHE D 151 -15.00 5.90 -15.19
CA PHE D 151 -15.58 7.06 -15.85
C PHE D 151 -14.54 7.86 -16.63
N ARG D 152 -13.29 7.87 -16.19
CA ARG D 152 -12.25 8.56 -16.96
C ARG D 152 -12.14 7.98 -18.37
N ILE D 153 -12.33 6.67 -18.52
CA ILE D 153 -12.27 6.06 -19.84
C ILE D 153 -13.41 6.57 -20.72
N ARG D 154 -14.61 6.68 -20.14
CA ARG D 154 -15.75 7.24 -20.86
C ARG D 154 -15.53 8.72 -21.18
N LEU D 155 -14.90 9.47 -20.28
CA LEU D 155 -14.62 10.87 -20.57
C LEU D 155 -13.59 11.01 -21.69
N VAL D 156 -12.55 10.17 -21.67
CA VAL D 156 -11.59 10.18 -22.77
C VAL D 156 -12.28 9.84 -24.09
N CYS D 157 -13.04 8.75 -24.09
CA CYS D 157 -13.66 8.29 -25.34
C CYS D 157 -14.66 9.31 -25.87
N THR D 158 -15.39 9.99 -24.98
CA THR D 158 -16.35 11.00 -25.41
C THR D 158 -15.67 12.12 -26.18
N ILE D 159 -14.53 12.62 -25.69
CA ILE D 159 -13.83 13.70 -26.38
C ILE D 159 -13.19 13.19 -27.66
N LEU D 160 -12.57 12.01 -27.61
CA LEU D 160 -11.89 11.49 -28.79
C LEU D 160 -12.88 11.18 -29.91
N ASP D 161 -14.10 10.76 -29.58
CA ASP D 161 -15.11 10.49 -30.60
C ASP D 161 -15.74 11.76 -31.14
N THR D 162 -15.65 12.86 -30.40
CA THR D 162 -16.19 14.14 -30.81
C THR D 162 -15.22 14.94 -31.66
N CYS D 163 -13.95 14.99 -31.27
CA CYS D 163 -13.00 15.84 -31.97
C CYS D 163 -11.72 15.13 -32.39
N GLY D 164 -11.57 13.83 -32.10
CA GLY D 164 -10.31 13.16 -32.34
C GLY D 164 -10.00 12.92 -33.81
N GLN D 165 -11.04 12.81 -34.65
CA GLN D 165 -10.83 12.55 -36.06
C GLN D 165 -10.07 13.68 -36.76
N TYR D 166 -10.09 14.88 -36.21
CA TYR D 166 -9.35 16.02 -36.76
C TYR D 166 -7.89 16.02 -36.38
N PHE D 167 -7.43 15.08 -35.54
CA PHE D 167 -6.02 14.97 -35.19
C PHE D 167 -5.30 13.98 -36.10
N ASP D 168 -5.55 14.11 -37.41
CA ASP D 168 -5.05 13.16 -38.40
C ASP D 168 -3.79 13.65 -39.10
N ARG D 169 -3.43 14.92 -38.95
CA ARG D 169 -2.32 15.50 -39.68
C ARG D 169 -1.57 16.48 -38.79
N GLY D 170 -0.31 16.73 -39.14
CA GLY D 170 0.45 17.79 -38.51
C GLY D 170 0.85 17.46 -37.08
N SER D 171 0.92 18.52 -36.26
CA SER D 171 1.32 18.37 -34.87
C SER D 171 0.30 17.57 -34.07
N SER D 172 -0.99 17.81 -34.33
CA SER D 172 -2.04 17.12 -33.58
C SER D 172 -2.02 15.62 -33.81
N LYS D 173 -1.42 15.16 -34.91
CA LYS D 173 -1.32 13.71 -35.12
C LYS D 173 -0.34 13.10 -34.14
N ARG D 174 0.80 13.76 -33.91
CA ARG D 174 1.76 13.26 -32.94
C ARG D 174 1.27 13.49 -31.51
N LYS D 175 0.61 14.61 -31.25
CA LYS D 175 0.06 14.86 -29.92
C LYS D 175 -0.96 13.79 -29.55
N LEU D 176 -1.78 13.37 -30.52
CA LEU D 176 -2.71 12.28 -30.25
C LEU D 176 -1.97 10.95 -30.09
N ASP D 177 -1.00 10.69 -30.96
CA ASP D 177 -0.24 9.45 -30.89
C ASP D 177 0.45 9.29 -29.54
N CYS D 178 1.02 10.37 -29.01
CA CYS D 178 1.64 10.32 -27.70
C CYS D 178 0.62 10.05 -26.60
N PHE D 179 -0.53 10.74 -26.66
CA PHE D 179 -1.55 10.55 -25.63
C PHE D 179 -2.13 9.14 -25.65
N LEU D 180 -2.24 8.53 -26.83
CA LEU D 180 -2.80 7.18 -26.89
C LEU D 180 -1.88 6.16 -26.23
N VAL D 181 -0.57 6.40 -26.26
CA VAL D 181 0.35 5.51 -25.54
C VAL D 181 0.09 5.58 -24.04
N TYR D 182 -0.09 6.80 -23.51
CA TYR D 182 -0.40 6.94 -22.10
C TYR D 182 -1.81 6.48 -21.77
N PHE D 183 -2.74 6.60 -22.72
CA PHE D 183 -4.10 6.14 -22.49
C PHE D 183 -4.16 4.62 -22.41
N GLN D 184 -3.36 3.93 -23.23
CA GLN D 184 -3.37 2.47 -23.19
C GLN D 184 -2.77 1.94 -21.90
N ARG D 185 -1.78 2.63 -21.34
CA ARG D 185 -1.26 2.24 -20.03
C ARG D 185 -2.30 2.45 -18.94
N TYR D 186 -3.03 3.58 -18.99
CA TYR D 186 -4.07 3.83 -18.01
C TYR D 186 -5.16 2.76 -18.09
N VAL D 187 -5.57 2.38 -19.30
CA VAL D 187 -6.57 1.33 -19.46
C VAL D 187 -6.09 0.03 -18.83
N TRP D 188 -4.81 -0.30 -19.01
CA TRP D 188 -4.29 -1.55 -18.47
C TRP D 188 -3.98 -1.46 -16.98
N TRP D 189 -3.77 -0.25 -16.45
CA TRP D 189 -3.73 -0.10 -15.00
C TRP D 189 -5.05 -0.53 -14.37
N LYS D 190 -6.17 -0.13 -14.98
CA LYS D 190 -7.47 -0.50 -14.44
C LYS D 190 -7.76 -1.98 -14.65
N LYS D 191 -7.43 -2.51 -15.83
CA LYS D 191 -7.73 -3.90 -16.12
C LYS D 191 -6.95 -4.87 -15.24
N SER D 192 -5.84 -4.42 -14.64
CA SER D 192 -4.97 -5.28 -13.85
C SER D 192 -5.28 -5.23 -12.36
N LEU D 193 -6.20 -4.38 -11.92
CA LEU D 193 -6.57 -4.35 -10.52
C LEU D 193 -7.18 -5.69 -10.10
N GLU D 194 -6.97 -6.05 -8.84
CA GLU D 194 -7.36 -7.37 -8.37
C GLU D 194 -8.87 -7.53 -8.24
N VAL D 195 -9.63 -6.46 -8.42
CA VAL D 195 -11.08 -6.54 -8.33
C VAL D 195 -11.65 -7.39 -9.46
N TRP D 196 -10.96 -7.48 -10.59
CA TRP D 196 -11.49 -8.15 -11.77
C TRP D 196 -11.10 -9.63 -11.73
N THR D 197 -12.11 -10.50 -11.65
CA THR D 197 -11.93 -11.95 -11.57
C THR D 197 -12.83 -12.62 -12.60
N LYS D 198 -12.82 -13.94 -12.62
CA LYS D 198 -13.78 -14.65 -13.46
C LYS D 198 -15.21 -14.42 -12.97
N ASP D 199 -15.39 -14.21 -11.67
CA ASP D 199 -16.73 -13.95 -11.14
C ASP D 199 -17.12 -12.48 -11.27
N HIS D 200 -16.13 -11.59 -11.32
CA HIS D 200 -16.35 -10.15 -11.41
C HIS D 200 -15.51 -9.61 -12.57
N PRO D 201 -15.89 -9.92 -13.81
CA PRO D 201 -15.04 -9.61 -14.95
C PRO D 201 -15.05 -8.12 -15.31
N PHE D 202 -14.00 -7.72 -16.01
CA PHE D 202 -13.93 -6.37 -16.53
C PHE D 202 -15.10 -6.12 -17.50
N PRO D 203 -15.78 -4.98 -17.39
CA PRO D 203 -17.01 -4.77 -18.19
C PRO D 203 -16.72 -4.83 -19.69
N ILE D 204 -17.37 -5.78 -20.37
CA ILE D 204 -17.10 -6.00 -21.78
C ILE D 204 -17.51 -4.81 -22.63
N ASP D 205 -18.50 -4.03 -22.16
CA ASP D 205 -18.94 -2.88 -22.95
C ASP D 205 -17.90 -1.76 -22.92
N ILE D 206 -17.09 -1.69 -21.86
CA ILE D 206 -15.98 -0.74 -21.85
C ILE D 206 -14.92 -1.16 -22.86
N ASP D 207 -14.66 -2.47 -22.97
CA ASP D 207 -13.71 -2.96 -23.95
C ASP D 207 -14.10 -2.55 -25.36
N TYR D 208 -15.38 -2.70 -25.72
CA TYR D 208 -15.83 -2.33 -27.05
C TYR D 208 -15.71 -0.82 -27.26
N MET D 209 -16.08 -0.04 -26.24
CA MET D 209 -16.01 1.41 -26.38
C MET D 209 -14.58 1.87 -26.65
N ILE D 210 -13.59 1.22 -26.02
CA ILE D 210 -12.20 1.60 -26.24
C ILE D 210 -11.77 1.23 -27.65
N SER D 211 -12.10 0.01 -28.08
CA SER D 211 -11.69 -0.44 -29.42
C SER D 211 -12.35 0.38 -30.52
N ASP D 212 -13.61 0.80 -30.32
CA ASP D 212 -14.26 1.67 -31.29
C ASP D 212 -13.52 3.00 -31.42
N THR D 213 -13.25 3.64 -30.29
CA THR D 213 -12.56 4.93 -30.30
C THR D 213 -11.17 4.81 -30.90
N LEU D 214 -10.49 3.69 -30.66
CA LEU D 214 -9.13 3.57 -31.17
C LEU D 214 -9.09 3.12 -32.62
N GLU D 215 -10.09 2.33 -33.06
CA GLU D 215 -10.19 1.94 -34.47
C GLU D 215 -10.71 3.07 -35.35
N LEU D 216 -11.45 4.02 -34.77
CA LEU D 216 -11.94 5.18 -35.53
C LEU D 216 -10.84 6.18 -35.81
N LEU D 217 -9.85 6.29 -34.92
CA LEU D 217 -8.78 7.27 -35.07
C LEU D 217 -7.55 6.71 -35.76
N ARG D 218 -7.17 5.47 -35.44
CA ARG D 218 -6.00 4.83 -36.01
C ARG D 218 -6.39 3.44 -36.49
N PRO D 219 -6.67 3.27 -37.79
CA PRO D 219 -7.01 1.93 -38.29
C PRO D 219 -5.88 0.93 -38.13
N LYS D 220 -4.63 1.39 -38.08
CA LYS D 220 -3.46 0.51 -37.96
C LYS D 220 -2.73 0.84 -36.66
N ILE D 221 -3.38 0.56 -35.53
CA ILE D 221 -2.79 0.74 -34.21
C ILE D 221 -2.74 -0.62 -33.52
N LYS D 222 -1.62 -0.88 -32.83
CA LYS D 222 -1.44 -2.15 -32.12
C LYS D 222 -2.03 -1.99 -30.72
N LEU D 223 -3.19 -2.59 -30.50
CA LEU D 223 -3.78 -2.60 -29.16
C LEU D 223 -2.96 -3.50 -28.26
N CYS D 224 -2.37 -2.92 -27.22
CA CYS D 224 -1.58 -3.71 -26.28
C CYS D 224 -2.49 -4.69 -25.56
N ASN D 225 -2.21 -5.99 -25.71
CA ASN D 225 -2.98 -7.03 -25.03
C ASN D 225 -2.38 -7.42 -23.69
N SER D 226 -1.68 -6.50 -23.04
CA SER D 226 -1.05 -6.79 -21.76
C SER D 226 -0.64 -5.48 -21.09
N LEU D 227 -0.43 -5.56 -19.79
CA LEU D 227 0.10 -4.41 -19.05
C LEU D 227 1.58 -4.20 -19.34
N GLU D 228 2.37 -5.28 -19.42
CA GLU D 228 3.79 -5.10 -19.74
C GLU D 228 3.96 -4.59 -21.16
N GLU D 229 3.10 -5.04 -22.08
CA GLU D 229 3.11 -4.48 -23.43
C GLU D 229 2.76 -3.00 -23.39
N SER D 230 1.85 -2.60 -22.50
CA SER D 230 1.50 -1.19 -22.37
C SER D 230 2.63 -0.40 -21.72
N ILE D 231 3.29 -0.99 -20.73
CA ILE D 231 4.32 -0.28 -19.98
C ILE D 231 5.57 -0.08 -20.84
N ARG D 232 5.94 -1.09 -21.64
CA ARG D 232 7.14 -0.97 -22.45
C ARG D 232 6.98 0.08 -23.54
N GLN D 233 5.78 0.25 -24.07
CA GLN D 233 5.57 1.30 -25.06
C GLN D 233 5.70 2.69 -24.44
N VAL D 234 5.25 2.86 -23.20
CA VAL D 234 5.47 4.13 -22.50
C VAL D 234 6.95 4.36 -22.26
N GLN D 235 7.68 3.31 -21.87
CA GLN D 235 9.13 3.43 -21.68
C GLN D 235 9.82 3.81 -22.99
N ASP D 236 9.40 3.18 -24.10
CA ASP D 236 9.98 3.50 -25.40
C ASP D 236 9.70 4.95 -25.79
N LEU D 237 8.47 5.42 -25.55
CA LEU D 237 8.14 6.80 -25.90
C LEU D 237 8.91 7.78 -25.02
N GLU D 238 8.99 7.51 -23.70
CA GLU D 238 9.72 8.38 -22.81
C GLU D 238 11.22 8.35 -23.07
N ARG D 239 11.75 7.26 -23.63
CA ARG D 239 13.15 7.24 -24.01
C ARG D 239 13.43 8.23 -25.15
N GLU D 240 12.47 8.37 -26.08
CA GLU D 240 12.63 9.37 -27.13
C GLU D 240 12.43 10.77 -26.57
N PHE D 241 11.52 10.94 -25.61
CA PHE D 241 11.43 12.22 -24.91
C PHE D 241 12.76 12.58 -24.26
N LEU D 242 13.42 11.59 -23.66
CA LEU D 242 14.69 11.83 -22.99
C LEU D 242 15.76 12.30 -23.97
N ILE D 243 15.84 11.65 -25.14
CA ILE D 243 16.88 11.97 -26.12
C ILE D 243 16.71 13.38 -26.65
N LYS D 244 15.49 13.76 -27.01
CA LYS D 244 15.26 15.10 -27.53
C LYS D 244 15.40 16.16 -26.44
N LEU D 245 15.31 15.78 -25.16
CA LEU D 245 15.50 16.75 -24.10
C LEU D 245 16.98 16.93 -23.73
N GLY D 246 17.84 16.01 -24.15
CA GLY D 246 19.26 16.11 -23.87
C GLY D 246 19.59 16.00 -22.39
N LEU D 247 18.90 15.11 -21.68
CA LEU D 247 19.10 15.00 -20.24
C LEU D 247 20.28 14.11 -19.89
N VAL D 248 20.64 13.17 -20.77
CA VAL D 248 21.85 12.38 -20.56
C VAL D 248 22.77 12.57 -21.75
N ASN D 249 22.21 12.86 -22.91
CA ASN D 249 22.98 13.05 -24.12
C ASN D 249 23.09 14.54 -24.43
N ASP D 250 23.58 14.86 -25.63
CA ASP D 250 23.72 16.22 -26.08
C ASP D 250 22.74 16.50 -27.22
N LYS D 251 22.50 17.78 -27.46
CA LYS D 251 21.59 18.24 -28.52
C LYS D 251 20.21 17.61 -28.40
N LEU E 2 -18.00 -29.67 15.61
CA LEU E 2 -18.01 -29.43 14.17
C LEU E 2 -17.57 -30.69 13.41
N SER E 3 -18.44 -31.21 12.56
CA SER E 3 -18.13 -32.39 11.77
C SER E 3 -18.51 -32.28 10.30
N LYS E 4 -19.46 -31.41 9.94
CA LYS E 4 -19.91 -31.30 8.56
C LYS E 4 -18.98 -30.36 7.79
N VAL E 5 -18.47 -30.83 6.66
CA VAL E 5 -17.47 -30.12 5.88
C VAL E 5 -18.03 -29.90 4.48
N VAL E 6 -17.77 -28.73 3.91
CA VAL E 6 -18.15 -28.43 2.53
C VAL E 6 -16.89 -28.29 1.69
N ILE E 7 -16.94 -28.85 0.48
CA ILE E 7 -15.93 -28.59 -0.55
C ILE E 7 -16.67 -27.94 -1.71
N ARG E 8 -16.34 -26.68 -1.98
CA ARG E 8 -17.16 -25.84 -2.86
C ARG E 8 -16.31 -25.27 -4.00
N ARG E 9 -16.98 -24.54 -4.88
CA ARG E 9 -16.38 -23.91 -6.06
C ARG E 9 -15.72 -24.95 -6.98
N LEU E 10 -16.35 -26.12 -7.07
CA LEU E 10 -15.96 -27.15 -8.02
C LEU E 10 -16.47 -26.82 -9.41
N PRO E 11 -15.92 -27.44 -10.45
CA PRO E 11 -16.41 -27.21 -11.82
C PRO E 11 -17.89 -27.55 -11.93
N PRO E 12 -18.68 -26.71 -12.60
CA PRO E 12 -20.12 -26.99 -12.73
C PRO E 12 -20.45 -28.22 -13.55
N THR E 13 -19.48 -28.80 -14.26
CA THR E 13 -19.70 -30.00 -15.06
C THR E 13 -19.31 -31.29 -14.36
N LEU E 14 -18.65 -31.19 -13.21
CA LEU E 14 -18.24 -32.38 -12.47
C LEU E 14 -19.45 -33.11 -11.90
N THR E 15 -19.22 -34.37 -11.50
CA THR E 15 -20.24 -35.21 -10.90
C THR E 15 -19.67 -35.85 -9.64
N LYS E 16 -20.56 -36.45 -8.85
CA LYS E 16 -20.12 -37.08 -7.60
C LYS E 16 -19.15 -38.23 -7.86
N GLU E 17 -19.39 -39.00 -8.92
CA GLU E 17 -18.51 -40.13 -9.23
C GLU E 17 -17.08 -39.66 -9.46
N GLN E 18 -16.90 -38.65 -10.31
CA GLN E 18 -15.56 -38.13 -10.56
C GLN E 18 -14.97 -37.49 -9.30
N LEU E 19 -15.81 -36.85 -8.49
CA LEU E 19 -15.31 -36.19 -7.29
C LEU E 19 -14.72 -37.21 -6.31
N GLN E 20 -15.47 -38.27 -6.00
CA GLN E 20 -15.03 -39.19 -4.96
C GLN E 20 -13.80 -40.00 -5.39
N GLU E 21 -13.52 -40.09 -6.68
CA GLU E 21 -12.27 -40.73 -7.10
C GLU E 21 -11.09 -39.78 -7.01
N HIS E 22 -11.33 -38.47 -7.14
CA HIS E 22 -10.28 -37.51 -6.79
C HIS E 22 -10.03 -37.46 -5.29
N LEU E 23 -10.97 -37.97 -4.49
CA LEU E 23 -10.88 -37.92 -3.04
C LEU E 23 -10.41 -39.23 -2.41
N GLN E 24 -10.43 -40.33 -3.17
CA GLN E 24 -10.05 -41.62 -2.59
C GLN E 24 -8.57 -41.60 -2.18
N PRO E 25 -8.23 -42.17 -1.01
CA PRO E 25 -9.15 -42.84 -0.07
C PRO E 25 -10.01 -41.87 0.74
N MET E 26 -11.32 -42.11 0.74
CA MET E 26 -12.25 -41.25 1.44
C MET E 26 -12.42 -41.70 2.89
N PRO E 27 -12.24 -40.81 3.86
CA PRO E 27 -12.39 -41.23 5.27
C PRO E 27 -13.84 -41.54 5.61
N GLU E 28 -14.03 -42.09 6.80
CA GLU E 28 -15.35 -42.55 7.21
C GLU E 28 -16.32 -41.38 7.35
N HIS E 29 -17.57 -41.61 6.97
CA HIS E 29 -18.55 -40.54 6.90
C HIS E 29 -19.95 -41.11 6.86
N ASP E 30 -20.88 -40.45 7.57
CA ASP E 30 -22.30 -40.77 7.45
C ASP E 30 -22.92 -40.15 6.21
N TYR E 31 -22.34 -39.06 5.73
CA TYR E 31 -23.01 -38.13 4.84
C TYR E 31 -22.08 -37.79 3.68
N PHE E 32 -22.59 -37.86 2.46
CA PHE E 32 -21.79 -37.49 1.29
C PHE E 32 -22.77 -37.18 0.15
N GLU E 33 -23.09 -35.89 0.01
CA GLU E 33 -24.04 -35.41 -0.98
C GLU E 33 -23.35 -34.49 -1.98
N PHE E 34 -23.99 -34.30 -3.13
CA PHE E 34 -23.45 -33.52 -4.22
C PHE E 34 -24.53 -32.61 -4.78
N PHE E 35 -24.18 -31.33 -4.98
CA PHE E 35 -25.15 -30.34 -5.43
C PHE E 35 -24.52 -29.47 -6.52
N SER E 36 -25.38 -29.01 -7.44
CA SER E 36 -24.97 -28.09 -8.49
C SER E 36 -26.22 -27.55 -9.16
N ASN E 37 -26.05 -26.43 -9.87
CA ASN E 37 -27.10 -25.82 -10.69
C ASN E 37 -28.29 -25.35 -9.85
N ASP E 38 -28.04 -24.91 -8.62
CA ASP E 38 -29.10 -24.45 -7.74
C ASP E 38 -28.94 -23.00 -7.32
N THR E 39 -27.96 -22.28 -7.86
CA THR E 39 -27.72 -20.92 -7.41
C THR E 39 -28.78 -19.97 -7.95
N SER E 40 -28.86 -18.79 -7.32
CA SER E 40 -29.68 -17.70 -7.79
C SER E 40 -28.87 -16.68 -8.59
N LEU E 41 -27.59 -16.95 -8.84
CA LEU E 41 -26.71 -15.99 -9.48
C LEU E 41 -26.16 -16.51 -10.80
N TYR E 42 -27.06 -16.88 -11.72
CA TYR E 42 -26.65 -17.27 -13.05
C TYR E 42 -25.90 -16.12 -13.72
N PRO E 43 -24.83 -16.40 -14.50
CA PRO E 43 -24.31 -17.71 -14.89
C PRO E 43 -23.14 -18.23 -14.05
N HIS E 44 -23.01 -17.76 -12.82
CA HIS E 44 -21.88 -18.13 -11.96
C HIS E 44 -22.17 -19.49 -11.34
N MET E 45 -21.96 -20.53 -12.15
CA MET E 45 -22.33 -21.90 -11.81
C MET E 45 -21.13 -22.65 -11.25
N TYR E 46 -21.33 -23.27 -10.09
CA TYR E 46 -20.30 -24.11 -9.48
C TYR E 46 -20.97 -25.35 -8.93
N ALA E 47 -20.16 -26.34 -8.58
CA ALA E 47 -20.62 -27.53 -7.87
C ALA E 47 -20.00 -27.57 -6.49
N ARG E 48 -20.64 -28.31 -5.59
CA ARG E 48 -20.13 -28.46 -4.23
C ARG E 48 -20.54 -29.83 -3.69
N ALA E 49 -19.97 -30.18 -2.55
CA ALA E 49 -20.34 -31.41 -1.86
C ALA E 49 -20.15 -31.23 -0.36
N TYR E 50 -20.99 -31.91 0.41
CA TYR E 50 -20.92 -31.92 1.86
C TYR E 50 -20.52 -33.31 2.35
N ILE E 51 -19.66 -33.36 3.36
CA ILE E 51 -19.24 -34.61 3.98
C ILE E 51 -19.26 -34.42 5.49
N ASN E 52 -19.89 -35.36 6.20
CA ASN E 52 -19.91 -35.36 7.65
C ASN E 52 -18.95 -36.43 8.16
N PHE E 53 -17.91 -36.00 8.85
CA PHE E 53 -16.85 -36.90 9.32
C PHE E 53 -17.24 -37.55 10.64
N LYS E 54 -16.74 -38.78 10.83
CA LYS E 54 -16.94 -39.50 12.09
C LYS E 54 -15.84 -39.25 13.10
N ASN E 55 -14.65 -38.85 12.65
CA ASN E 55 -13.52 -38.62 13.53
C ASN E 55 -12.99 -37.21 13.31
N GLN E 56 -12.79 -36.48 14.41
CA GLN E 56 -12.20 -35.14 14.36
C GLN E 56 -10.81 -35.14 13.73
N GLU E 57 -10.12 -36.29 13.75
CA GLU E 57 -8.74 -36.37 13.29
C GLU E 57 -8.65 -36.15 11.78
N ASP E 58 -9.55 -36.77 11.03
CA ASP E 58 -9.44 -36.83 9.57
C ASP E 58 -9.84 -35.55 8.87
N ILE E 59 -10.41 -34.58 9.58
CA ILE E 59 -10.80 -33.32 8.95
C ILE E 59 -9.57 -32.49 8.60
N ILE E 60 -8.60 -32.43 9.51
CA ILE E 60 -7.39 -31.64 9.28
C ILE E 60 -6.65 -32.16 8.06
N LEU E 61 -6.56 -33.48 7.91
CA LEU E 61 -5.84 -34.05 6.77
C LEU E 61 -6.58 -33.81 5.46
N PHE E 62 -7.92 -33.91 5.48
CA PHE E 62 -8.71 -33.69 4.28
C PHE E 62 -8.58 -32.24 3.81
N ARG E 63 -8.58 -31.29 4.75
CA ARG E 63 -8.45 -29.88 4.37
C ARG E 63 -7.06 -29.58 3.82
N ASP E 64 -6.02 -30.09 4.49
CA ASP E 64 -4.66 -29.87 4.02
C ASP E 64 -4.39 -30.52 2.67
N ARG E 65 -5.15 -31.58 2.33
CA ARG E 65 -4.95 -32.29 1.07
C ARG E 65 -5.83 -31.81 -0.06
N PHE E 66 -6.89 -31.05 0.22
CA PHE E 66 -7.83 -30.68 -0.83
C PHE E 66 -8.22 -29.20 -0.85
N ASP E 67 -7.80 -28.40 0.12
CA ASP E 67 -8.06 -26.95 0.07
C ASP E 67 -7.00 -26.32 -0.83
N GLY E 68 -7.40 -25.98 -2.05
CA GLY E 68 -6.49 -25.52 -3.07
C GLY E 68 -6.34 -26.47 -4.23
N TYR E 69 -6.77 -27.73 -4.07
CA TYR E 69 -6.72 -28.69 -5.15
C TYR E 69 -7.43 -28.16 -6.39
N VAL E 70 -6.72 -28.17 -7.51
CA VAL E 70 -7.23 -27.60 -8.75
C VAL E 70 -7.96 -28.68 -9.55
N PHE E 71 -9.26 -28.49 -9.72
CA PHE E 71 -10.05 -29.31 -10.64
C PHE E 71 -10.12 -28.62 -12.00
N LEU E 72 -10.60 -29.36 -13.00
CA LEU E 72 -10.70 -28.84 -14.35
C LEU E 72 -12.04 -29.22 -14.95
N ASP E 73 -12.51 -28.39 -15.87
CA ASP E 73 -13.76 -28.62 -16.58
C ASP E 73 -13.45 -29.29 -17.92
N ASN E 74 -14.45 -29.30 -18.82
CA ASN E 74 -14.26 -29.91 -20.14
C ASN E 74 -13.37 -29.06 -21.04
N LYS E 75 -13.39 -27.74 -20.86
CA LYS E 75 -12.57 -26.85 -21.67
C LYS E 75 -11.18 -26.61 -21.09
N GLY E 76 -10.88 -27.16 -19.91
CA GLY E 76 -9.55 -27.05 -19.34
C GLY E 76 -9.34 -25.91 -18.37
N GLN E 77 -10.40 -25.21 -17.96
CA GLN E 77 -10.25 -24.11 -17.02
C GLN E 77 -9.97 -24.64 -15.62
N GLU E 78 -9.29 -23.83 -14.81
CA GLU E 78 -8.84 -24.22 -13.48
C GLU E 78 -9.89 -23.84 -12.43
N TYR E 79 -10.21 -24.79 -11.55
CA TYR E 79 -11.16 -24.59 -10.47
C TYR E 79 -10.48 -24.97 -9.17
N PRO E 80 -9.82 -24.03 -8.50
CA PRO E 80 -9.26 -24.33 -7.17
C PRO E 80 -10.37 -24.44 -6.15
N ALA E 81 -10.43 -25.58 -5.46
CA ALA E 81 -11.52 -25.87 -4.54
C ALA E 81 -11.28 -25.21 -3.19
N ILE E 82 -12.37 -25.02 -2.45
CA ILE E 82 -12.34 -24.46 -1.10
C ILE E 82 -12.93 -25.49 -0.14
N VAL E 83 -12.19 -25.82 0.90
CA VAL E 83 -12.61 -26.79 1.91
C VAL E 83 -12.77 -26.06 3.24
N GLU E 84 -14.00 -26.02 3.74
CA GLU E 84 -14.29 -25.36 5.01
C GLU E 84 -15.37 -26.13 5.75
N PHE E 85 -15.50 -25.85 7.05
CA PHE E 85 -16.67 -26.29 7.78
C PHE E 85 -17.91 -25.67 7.17
N ALA E 86 -18.93 -26.50 6.93
CA ALA E 86 -20.19 -25.98 6.40
C ALA E 86 -20.83 -25.05 7.41
N PRO E 87 -21.38 -23.91 6.97
CA PRO E 87 -21.97 -22.96 7.93
C PRO E 87 -23.21 -23.49 8.64
N PHE E 88 -23.91 -24.47 8.05
CA PHE E 88 -25.02 -25.17 8.69
C PHE E 88 -24.55 -26.59 8.96
N GLN E 89 -24.35 -26.92 10.25
CA GLN E 89 -23.76 -28.19 10.64
C GLN E 89 -24.76 -29.36 10.60
N LYS E 90 -26.04 -29.08 10.41
CA LYS E 90 -27.05 -30.14 10.41
C LYS E 90 -27.07 -30.87 9.08
N ALA E 91 -27.22 -32.20 9.14
CA ALA E 91 -27.29 -33.01 7.92
C ALA E 91 -28.48 -33.97 7.99
N ALA E 92 -28.55 -34.90 7.03
CA ALA E 92 -29.65 -35.87 6.98
C ALA E 92 -29.65 -36.78 8.20
N ARG E 99 -43.53 -42.56 5.91
CA ARG E 99 -43.73 -41.81 4.68
C ARG E 99 -45.13 -41.20 4.64
N ASP E 100 -45.18 -39.92 4.28
CA ASP E 100 -46.45 -39.21 4.11
C ASP E 100 -47.34 -39.95 3.14
N THR E 101 -48.63 -40.05 3.49
CA THR E 101 -49.58 -40.82 2.72
C THR E 101 -50.01 -40.14 1.42
N LYS E 102 -49.68 -38.87 1.23
CA LYS E 102 -50.20 -38.09 0.10
C LYS E 102 -49.14 -37.79 -0.95
N VAL E 103 -47.95 -38.39 -0.85
CA VAL E 103 -46.90 -38.15 -1.83
C VAL E 103 -47.32 -38.72 -3.19
N GLY E 104 -47.12 -37.93 -4.23
CA GLY E 104 -47.38 -38.39 -5.58
C GLY E 104 -48.83 -38.42 -5.99
N THR E 105 -49.72 -37.78 -5.23
CA THR E 105 -51.14 -37.74 -5.57
C THR E 105 -51.55 -36.42 -6.22
N ILE E 106 -50.59 -35.59 -6.64
CA ILE E 106 -50.94 -34.33 -7.28
C ILE E 106 -51.41 -34.56 -8.71
N ASP E 107 -50.96 -35.63 -9.36
CA ASP E 107 -51.34 -35.87 -10.76
C ASP E 107 -52.85 -36.07 -10.90
N ASP E 108 -53.50 -36.60 -9.87
CA ASP E 108 -54.93 -36.83 -9.87
C ASP E 108 -55.66 -35.90 -8.90
N ASP E 109 -55.04 -34.78 -8.52
CA ASP E 109 -55.68 -33.83 -7.62
C ASP E 109 -56.56 -32.86 -8.41
N PRO E 110 -57.75 -32.54 -7.89
CA PRO E 110 -58.67 -31.69 -8.66
C PRO E 110 -58.13 -30.29 -8.95
N GLU E 111 -57.50 -29.66 -7.95
CA GLU E 111 -56.98 -28.31 -8.16
C GLU E 111 -55.87 -28.29 -9.19
N TYR E 112 -55.02 -29.33 -9.22
CA TYR E 112 -53.98 -29.40 -10.22
C TYR E 112 -54.56 -29.64 -11.61
N ARG E 113 -55.64 -30.42 -11.71
CA ARG E 113 -56.24 -30.68 -13.02
C ARG E 113 -56.92 -29.45 -13.58
N LYS E 114 -57.49 -28.60 -12.72
CA LYS E 114 -58.01 -27.31 -13.18
C LYS E 114 -56.87 -26.42 -13.68
N PHE E 115 -55.71 -26.48 -13.04
CA PHE E 115 -54.56 -25.72 -13.49
C PHE E 115 -54.07 -26.24 -14.85
N LEU E 116 -54.10 -27.55 -15.05
CA LEU E 116 -53.62 -28.13 -16.30
C LEU E 116 -54.40 -27.59 -17.49
N GLU E 117 -55.70 -27.37 -17.32
CA GLU E 117 -56.51 -26.87 -18.43
C GLU E 117 -56.17 -25.42 -18.76
N SER E 118 -55.89 -24.60 -17.74
CA SER E 118 -55.53 -23.21 -17.98
C SER E 118 -54.14 -23.09 -18.60
N TYR E 119 -53.25 -24.06 -18.31
CA TYR E 119 -51.91 -24.03 -18.88
C TYR E 119 -51.89 -24.38 -20.36
N ALA E 120 -52.97 -24.94 -20.90
CA ALA E 120 -53.08 -25.24 -22.32
C ALA E 120 -53.62 -24.07 -23.13
N THR E 121 -53.72 -22.88 -22.53
CA THR E 121 -54.18 -21.69 -23.23
C THR E 121 -53.10 -20.61 -23.25
N LYS F 1 -43.07 -22.09 -22.50
CA LYS F 1 -42.06 -23.13 -22.68
C LYS F 1 -41.48 -23.56 -21.34
N ARG F 2 -42.27 -24.36 -20.60
CA ARG F 2 -41.86 -24.87 -19.31
C ARG F 2 -42.76 -26.04 -18.96
N PRO F 3 -42.25 -27.11 -18.36
CA PRO F 3 -43.10 -28.24 -18.00
C PRO F 3 -44.25 -27.80 -17.09
N PRO F 4 -45.38 -28.48 -17.14
CA PRO F 4 -46.55 -27.98 -16.41
C PRO F 4 -46.41 -28.09 -14.89
N LEU F 5 -45.79 -29.15 -14.38
CA LEU F 5 -45.62 -29.26 -12.93
C LEU F 5 -44.62 -28.24 -12.40
N GLN F 6 -43.63 -27.87 -13.20
CA GLN F 6 -42.70 -26.81 -12.80
C GLN F 6 -43.41 -25.47 -12.71
N GLU F 7 -44.33 -25.20 -13.64
CA GLU F 7 -45.10 -23.97 -13.57
C GLU F 7 -46.05 -23.97 -12.38
N TYR F 8 -46.51 -25.15 -11.97
CA TYR F 8 -47.41 -25.23 -10.82
C TYR F 8 -46.68 -24.93 -9.52
N VAL F 9 -45.46 -25.45 -9.37
CA VAL F 9 -44.68 -25.20 -8.16
C VAL F 9 -44.33 -23.72 -8.05
N ARG F 10 -43.90 -23.12 -9.15
CA ARG F 10 -43.64 -21.68 -9.15
C ARG F 10 -44.92 -20.90 -8.84
N LYS F 11 -46.07 -21.38 -9.31
CA LYS F 11 -47.32 -20.70 -9.01
C LYS F 11 -47.64 -20.77 -7.52
N LEU F 12 -47.49 -21.95 -6.91
CA LEU F 12 -47.76 -22.09 -5.49
C LEU F 12 -46.85 -21.19 -4.65
N LEU F 13 -45.57 -21.13 -5.00
CA LEU F 13 -44.59 -20.45 -4.17
C LEU F 13 -44.47 -18.95 -4.47
N TYR F 14 -44.48 -18.56 -5.76
CA TYR F 14 -44.23 -17.18 -6.14
C TYR F 14 -45.50 -16.37 -6.30
N LYS F 15 -46.68 -16.98 -6.22
CA LYS F 15 -47.92 -16.25 -6.45
C LYS F 15 -48.99 -16.57 -5.42
N ASP F 16 -49.19 -17.86 -5.15
CA ASP F 16 -50.27 -18.26 -4.25
C ASP F 16 -49.94 -17.99 -2.78
N LEU F 17 -48.66 -18.01 -2.41
CA LEU F 17 -48.29 -17.95 -1.00
C LEU F 17 -48.67 -16.62 -0.35
N SER F 18 -48.72 -15.53 -1.13
CA SER F 18 -49.18 -14.27 -0.58
C SER F 18 -50.70 -14.15 -0.55
N LYS F 19 -51.41 -14.84 -1.46
CA LYS F 19 -52.85 -14.68 -1.57
C LYS F 19 -53.61 -15.63 -0.65
N VAL F 20 -53.36 -16.93 -0.77
CA VAL F 20 -54.10 -17.92 0.01
C VAL F 20 -53.33 -18.25 1.29
N THR F 21 -53.96 -19.00 2.19
CA THR F 21 -53.28 -19.40 3.43
C THR F 21 -52.17 -20.39 3.12
N THR F 22 -51.12 -20.36 3.95
CA THR F 22 -49.97 -21.22 3.68
C THR F 22 -50.28 -22.68 3.98
N GLU F 23 -51.27 -22.97 4.81
CA GLU F 23 -51.63 -24.36 5.06
C GLU F 23 -52.33 -24.98 3.85
N LYS F 24 -53.06 -24.17 3.07
CA LYS F 24 -53.59 -24.67 1.82
C LYS F 24 -52.47 -25.00 0.84
N VAL F 25 -51.47 -24.11 0.75
CA VAL F 25 -50.30 -24.40 -0.08
C VAL F 25 -49.58 -25.63 0.44
N LEU F 26 -49.49 -25.78 1.76
CA LEU F 26 -48.86 -26.97 2.33
C LEU F 26 -49.64 -28.23 1.96
N ARG F 27 -50.97 -28.14 1.92
CA ARG F 27 -51.77 -29.28 1.51
C ARG F 27 -51.47 -29.67 0.07
N GLN F 28 -51.26 -28.68 -0.79
CA GLN F 28 -50.93 -28.96 -2.19
C GLN F 28 -49.47 -29.39 -2.35
N MET F 29 -48.55 -28.71 -1.66
CA MET F 29 -47.14 -29.08 -1.75
C MET F 29 -46.87 -30.49 -1.24
N ARG F 30 -47.73 -31.02 -0.37
CA ARG F 30 -47.55 -32.36 0.15
C ARG F 30 -47.92 -33.45 -0.85
N LYS F 31 -48.47 -33.09 -2.01
CA LYS F 31 -48.90 -34.07 -3.00
C LYS F 31 -47.94 -34.20 -4.16
N LEU F 32 -46.92 -33.34 -4.26
CA LEU F 32 -45.95 -33.46 -5.33
C LEU F 32 -45.20 -34.79 -5.21
N PRO F 33 -44.71 -35.34 -6.33
CA PRO F 33 -43.97 -36.60 -6.27
C PRO F 33 -42.59 -36.43 -5.67
N TRP F 34 -42.52 -36.42 -4.33
CA TRP F 34 -41.24 -36.19 -3.65
C TRP F 34 -40.25 -37.34 -3.83
N GLN F 35 -40.71 -38.51 -4.28
CA GLN F 35 -39.78 -39.60 -4.55
C GLN F 35 -38.99 -39.38 -5.83
N ASP F 36 -39.51 -38.54 -6.73
CA ASP F 36 -38.75 -38.07 -7.89
C ASP F 36 -37.71 -37.07 -7.42
N GLN F 37 -36.43 -37.45 -7.53
CA GLN F 37 -35.36 -36.56 -7.05
C GLN F 37 -35.33 -35.25 -7.83
N GLU F 38 -35.68 -35.28 -9.12
CA GLU F 38 -35.63 -34.04 -9.90
C GLU F 38 -36.79 -33.12 -9.56
N VAL F 39 -37.93 -33.68 -9.15
CA VAL F 39 -39.02 -32.86 -8.63
C VAL F 39 -38.62 -32.24 -7.31
N LYS F 40 -38.08 -33.05 -6.39
CA LYS F 40 -37.64 -32.52 -5.10
C LYS F 40 -36.58 -31.45 -5.29
N ASP F 41 -35.62 -31.67 -6.20
CA ASP F 41 -34.56 -30.70 -6.43
C ASP F 41 -35.11 -29.41 -7.04
N TYR F 42 -36.18 -29.50 -7.82
CA TYR F 42 -36.76 -28.29 -8.41
C TYR F 42 -37.41 -27.42 -7.35
N VAL F 43 -38.11 -28.03 -6.38
CA VAL F 43 -38.69 -27.25 -5.30
C VAL F 43 -37.61 -26.56 -4.49
N ILE F 44 -36.53 -27.29 -4.18
CA ILE F 44 -35.43 -26.74 -3.41
C ILE F 44 -34.82 -25.53 -4.13
N CYS F 45 -34.58 -25.68 -5.45
CA CYS F 45 -33.97 -24.59 -6.21
C CYS F 45 -34.91 -23.40 -6.33
N CYS F 46 -36.20 -23.64 -6.43
CA CYS F 46 -37.18 -22.56 -6.44
C CYS F 46 -37.18 -21.80 -5.12
N MET F 47 -36.97 -22.51 -4.01
CA MET F 47 -36.92 -21.86 -2.71
C MET F 47 -35.60 -21.13 -2.49
N ILE F 48 -34.51 -21.65 -3.07
CA ILE F 48 -33.22 -20.96 -3.00
C ILE F 48 -33.27 -19.68 -3.83
N ASN F 49 -34.07 -19.68 -4.89
CA ASN F 49 -34.27 -18.46 -5.69
C ASN F 49 -35.40 -17.62 -5.10
N ILE F 50 -35.23 -17.26 -3.83
CA ILE F 50 -36.25 -16.54 -3.09
C ILE F 50 -36.48 -15.14 -3.65
N TRP F 51 -35.55 -14.62 -4.44
CA TRP F 51 -35.71 -13.30 -5.05
C TRP F 51 -36.96 -13.23 -5.93
N ASN F 52 -37.48 -14.37 -6.40
CA ASN F 52 -38.72 -14.37 -7.19
C ASN F 52 -39.94 -14.00 -6.35
N VAL F 53 -39.84 -14.09 -5.03
CA VAL F 53 -40.94 -13.77 -4.13
C VAL F 53 -40.82 -12.29 -3.74
N LYS F 54 -41.96 -11.63 -3.57
CA LYS F 54 -41.92 -10.24 -3.16
C LYS F 54 -41.50 -10.16 -1.70
N TYR F 55 -40.86 -9.04 -1.36
CA TYR F 55 -40.06 -8.97 -0.14
C TYR F 55 -40.90 -9.23 1.11
N ASN F 56 -42.11 -8.68 1.17
CA ASN F 56 -42.92 -8.75 2.37
C ASN F 56 -43.76 -10.02 2.45
N SER F 57 -43.49 -11.02 1.61
CA SER F 57 -44.07 -12.34 1.78
C SER F 57 -43.01 -13.43 1.79
N ILE F 58 -41.72 -13.08 1.83
CA ILE F 58 -40.67 -14.07 2.01
C ILE F 58 -40.90 -14.87 3.29
N HIS F 59 -41.45 -14.23 4.33
CA HIS F 59 -41.63 -14.90 5.61
C HIS F 59 -42.67 -16.03 5.54
N CYS F 60 -43.58 -15.98 4.56
CA CYS F 60 -44.54 -17.07 4.39
C CYS F 60 -43.90 -18.29 3.76
N VAL F 61 -42.92 -18.10 2.88
CA VAL F 61 -42.13 -19.23 2.38
C VAL F 61 -41.41 -19.94 3.53
N ALA F 62 -40.83 -19.16 4.45
CA ALA F 62 -40.24 -19.75 5.65
C ALA F 62 -41.31 -20.42 6.51
N ASN F 63 -42.48 -19.80 6.58
CA ASN F 63 -43.60 -20.41 7.28
C ASN F 63 -44.02 -21.71 6.62
N LEU F 64 -44.02 -21.74 5.29
CA LEU F 64 -44.39 -22.96 4.57
C LEU F 64 -43.34 -24.04 4.75
N LEU F 65 -42.06 -23.69 4.59
CA LEU F 65 -41.00 -24.68 4.73
C LEU F 65 -40.98 -25.27 6.13
N ALA F 66 -41.27 -24.46 7.15
CA ALA F 66 -41.31 -24.96 8.52
C ALA F 66 -42.36 -26.05 8.68
N GLY F 67 -43.47 -25.96 7.95
CA GLY F 67 -44.47 -27.00 7.98
C GLY F 67 -44.17 -28.14 7.04
N LEU F 68 -43.54 -27.82 5.90
CA LEU F 68 -43.23 -28.85 4.91
C LEU F 68 -42.26 -29.89 5.44
N VAL F 69 -41.28 -29.47 6.26
CA VAL F 69 -40.30 -30.42 6.79
C VAL F 69 -40.86 -31.31 7.89
N LEU F 70 -42.11 -31.08 8.30
CA LEU F 70 -42.82 -32.08 9.10
C LEU F 70 -43.14 -33.32 8.29
N TYR F 71 -43.10 -33.22 6.95
CA TYR F 71 -43.36 -34.33 6.05
C TYR F 71 -42.21 -34.66 5.13
N GLN F 72 -41.36 -33.69 4.80
CA GLN F 72 -40.16 -33.89 3.98
C GLN F 72 -38.99 -33.28 4.75
N GLU F 73 -38.37 -34.09 5.62
CA GLU F 73 -37.34 -33.60 6.53
C GLU F 73 -36.16 -32.98 5.78
N ASP F 74 -35.65 -33.68 4.76
CA ASP F 74 -34.41 -33.28 4.12
C ASP F 74 -34.53 -31.99 3.32
N VAL F 75 -35.74 -31.61 2.92
CA VAL F 75 -35.89 -30.46 2.03
C VAL F 75 -35.46 -29.17 2.74
N GLY F 76 -35.70 -29.07 4.04
CA GLY F 76 -35.30 -27.87 4.76
C GLY F 76 -33.79 -27.71 4.83
N ILE F 77 -33.07 -28.81 5.10
CA ILE F 77 -31.62 -28.74 5.19
C ILE F 77 -31.01 -28.31 3.86
N HIS F 78 -31.53 -28.85 2.75
CA HIS F 78 -30.98 -28.50 1.44
C HIS F 78 -31.26 -27.05 1.07
N VAL F 79 -32.37 -26.49 1.53
CA VAL F 79 -32.65 -25.08 1.26
C VAL F 79 -31.71 -24.20 2.07
N VAL F 80 -31.48 -24.53 3.34
CA VAL F 80 -30.57 -23.75 4.18
C VAL F 80 -29.16 -23.80 3.61
N ASP F 81 -28.67 -25.00 3.30
CA ASP F 81 -27.33 -25.13 2.70
C ASP F 81 -27.24 -24.35 1.39
N GLY F 82 -28.27 -24.44 0.55
CA GLY F 82 -28.26 -23.71 -0.70
C GLY F 82 -28.31 -22.20 -0.53
N VAL F 83 -29.09 -21.72 0.45
CA VAL F 83 -29.15 -20.29 0.69
C VAL F 83 -27.83 -19.78 1.26
N LEU F 84 -27.26 -20.51 2.21
CA LEU F 84 -25.98 -20.12 2.77
C LEU F 84 -24.88 -20.10 1.70
N GLU F 85 -24.95 -21.00 0.71
CA GLU F 85 -23.96 -21.01 -0.35
C GLU F 85 -24.09 -19.80 -1.26
N ASP F 86 -25.34 -19.42 -1.58
CA ASP F 86 -25.56 -18.23 -2.40
C ASP F 86 -25.11 -16.97 -1.70
N ILE F 87 -25.29 -16.90 -0.37
CA ILE F 87 -24.86 -15.71 0.36
C ILE F 87 -23.34 -15.57 0.29
N ARG F 88 -22.61 -16.69 0.37
CA ARG F 88 -21.17 -16.65 0.20
C ARG F 88 -20.79 -16.36 -1.25
N LEU F 89 -21.47 -17.02 -2.21
CA LEU F 89 -21.17 -16.78 -3.62
C LEU F 89 -21.46 -15.34 -4.03
N GLY F 90 -22.47 -14.72 -3.40
CA GLY F 90 -22.78 -13.33 -3.73
C GLY F 90 -21.66 -12.37 -3.36
N MET F 91 -20.98 -12.62 -2.25
CA MET F 91 -19.85 -11.77 -1.88
C MET F 91 -18.66 -11.98 -2.81
N GLU F 92 -18.54 -13.16 -3.40
CA GLU F 92 -17.44 -13.44 -4.31
C GLU F 92 -17.71 -12.86 -5.70
N VAL F 93 -18.97 -12.86 -6.13
CA VAL F 93 -19.33 -12.25 -7.41
C VAL F 93 -19.41 -10.74 -7.26
N ASN F 94 -20.20 -10.27 -6.29
CA ASN F 94 -20.31 -8.86 -5.94
C ASN F 94 -20.57 -7.98 -7.17
N GLN F 95 -21.57 -8.38 -7.95
CA GLN F 95 -22.00 -7.55 -9.07
C GLN F 95 -23.28 -6.83 -8.72
N PRO F 96 -23.34 -5.51 -8.90
CA PRO F 96 -24.51 -4.75 -8.40
C PRO F 96 -25.83 -5.21 -8.97
N LYS F 97 -25.85 -5.82 -10.16
CA LYS F 97 -27.13 -6.26 -10.73
C LYS F 97 -27.77 -7.39 -9.94
N PHE F 98 -27.02 -8.06 -9.06
CA PHE F 98 -27.54 -9.10 -8.21
C PHE F 98 -27.95 -8.60 -6.83
N ASN F 99 -28.02 -7.28 -6.64
CA ASN F 99 -28.24 -6.71 -5.31
C ASN F 99 -29.60 -7.13 -4.73
N GLN F 100 -30.65 -7.04 -5.55
CA GLN F 100 -31.98 -7.40 -5.06
C GLN F 100 -32.06 -8.86 -4.65
N ARG F 101 -31.41 -9.75 -5.41
CA ARG F 101 -31.44 -11.16 -5.05
C ARG F 101 -30.65 -11.42 -3.78
N ARG F 102 -29.52 -10.74 -3.59
CA ARG F 102 -28.70 -10.99 -2.40
C ARG F 102 -29.39 -10.51 -1.13
N ILE F 103 -30.10 -9.37 -1.22
CA ILE F 103 -30.87 -8.91 -0.08
C ILE F 103 -31.98 -9.89 0.26
N SER F 104 -32.71 -10.38 -0.74
CA SER F 104 -33.81 -11.31 -0.49
C SER F 104 -33.30 -12.59 0.17
N SER F 105 -32.17 -13.11 -0.31
CA SER F 105 -31.58 -14.31 0.28
C SER F 105 -31.21 -14.08 1.74
N ALA F 106 -30.62 -12.92 2.04
CA ALA F 106 -30.31 -12.59 3.43
C ALA F 106 -31.59 -12.48 4.25
N LYS F 107 -32.60 -11.78 3.72
CA LYS F 107 -33.89 -11.70 4.41
C LYS F 107 -34.46 -13.10 4.65
N PHE F 108 -34.34 -13.98 3.65
CA PHE F 108 -34.80 -15.36 3.77
C PHE F 108 -34.09 -16.09 4.91
N LEU F 109 -32.78 -15.93 5.01
CA LEU F 109 -32.04 -16.57 6.10
C LEU F 109 -32.49 -16.06 7.45
N GLY F 110 -32.78 -14.76 7.54
CA GLY F 110 -33.33 -14.22 8.78
C GLY F 110 -34.68 -14.83 9.11
N GLU F 111 -35.57 -14.94 8.11
CA GLU F 111 -36.86 -15.58 8.34
C GLU F 111 -36.71 -17.05 8.70
N LEU F 112 -35.72 -17.73 8.11
CA LEU F 112 -35.50 -19.14 8.46
C LEU F 112 -35.13 -19.29 9.93
N TYR F 113 -34.52 -18.27 10.53
CA TYR F 113 -34.32 -18.31 11.98
C TYR F 113 -35.62 -18.06 12.73
N ASN F 114 -36.44 -17.12 12.23
CA ASN F 114 -37.69 -16.79 12.92
C ASN F 114 -38.63 -17.99 13.00
N TYR F 115 -38.57 -18.91 12.03
CA TYR F 115 -39.37 -20.13 12.08
C TYR F 115 -38.56 -21.33 12.51
N ARG F 116 -37.42 -21.11 13.15
CA ARG F 116 -36.67 -22.15 13.86
C ARG F 116 -36.11 -23.23 12.92
N MET F 117 -35.88 -22.86 11.65
CA MET F 117 -35.18 -23.76 10.74
C MET F 117 -33.67 -23.73 10.97
N VAL F 118 -33.14 -22.63 11.49
CA VAL F 118 -31.72 -22.53 11.84
C VAL F 118 -31.63 -21.96 13.24
N GLU F 119 -30.56 -22.33 13.94
CA GLU F 119 -30.31 -21.80 15.28
C GLU F 119 -29.50 -20.50 15.18
N SER F 120 -29.31 -19.86 16.33
CA SER F 120 -28.66 -18.55 16.31
C SER F 120 -27.21 -18.64 15.84
N ALA F 121 -26.57 -19.80 15.93
CA ALA F 121 -25.19 -19.91 15.47
C ALA F 121 -25.09 -19.60 13.97
N VAL F 122 -26.04 -20.10 13.17
CA VAL F 122 -25.98 -19.86 11.73
C VAL F 122 -26.11 -18.37 11.43
N ILE F 123 -26.96 -17.67 12.18
CA ILE F 123 -27.15 -16.25 11.94
C ILE F 123 -25.87 -15.47 12.24
N PHE F 124 -25.27 -15.72 13.40
CA PHE F 124 -24.08 -14.97 13.78
C PHE F 124 -22.87 -15.36 12.93
N ARG F 125 -22.84 -16.61 12.45
CA ARG F 125 -21.82 -16.98 11.47
C ARG F 125 -21.92 -16.11 10.23
N THR F 126 -23.13 -15.92 9.71
CA THR F 126 -23.30 -15.09 8.52
C THR F 126 -23.00 -13.62 8.82
N LEU F 127 -23.43 -13.12 9.98
CA LEU F 127 -23.22 -11.72 10.31
C LEU F 127 -21.73 -11.39 10.35
N TYR F 128 -20.95 -12.23 11.04
CA TYR F 128 -19.51 -12.01 11.10
C TYR F 128 -18.86 -12.19 9.73
N SER F 129 -19.44 -13.04 8.87
CA SER F 129 -18.88 -13.20 7.53
C SER F 129 -19.01 -11.92 6.72
N PHE F 130 -20.09 -11.17 6.94
CA PHE F 130 -20.29 -9.90 6.23
C PHE F 130 -19.23 -8.86 6.60
N THR F 131 -18.68 -8.94 7.81
CA THR F 131 -17.70 -7.95 8.26
C THR F 131 -16.28 -8.45 8.20
N SER F 132 -16.04 -9.70 7.78
CA SER F 132 -14.69 -10.24 7.80
C SER F 132 -14.28 -10.88 6.49
N PHE F 133 -15.19 -11.54 5.77
CA PHE F 133 -14.84 -12.23 4.54
C PHE F 133 -14.38 -11.22 3.49
N GLY F 134 -13.14 -11.40 3.02
CA GLY F 134 -12.55 -10.47 2.07
C GLY F 134 -12.11 -9.15 2.66
N VAL F 135 -12.21 -8.98 3.98
CA VAL F 135 -11.92 -7.71 4.63
C VAL F 135 -10.51 -7.75 5.20
N ASN F 136 -9.71 -6.72 4.90
CA ASN F 136 -8.39 -6.63 5.48
C ASN F 136 -8.48 -6.31 6.96
N PRO F 137 -7.69 -6.97 7.82
CA PRO F 137 -7.69 -6.61 9.24
C PRO F 137 -7.21 -5.19 9.47
N ASP F 138 -6.54 -4.61 8.47
CA ASP F 138 -6.20 -3.19 8.48
C ASP F 138 -7.43 -2.30 8.38
N GLY F 139 -8.50 -2.79 7.75
CA GLY F 139 -9.59 -1.94 7.32
C GLY F 139 -9.35 -1.27 5.99
N SER F 140 -8.15 -1.41 5.43
CA SER F 140 -7.86 -0.84 4.13
C SER F 140 -8.67 -1.55 3.05
N PRO F 141 -8.99 -0.86 1.95
CA PRO F 141 -9.82 -1.47 0.90
C PRO F 141 -9.20 -2.74 0.35
N SER F 142 -10.07 -3.62 -0.13
CA SER F 142 -9.68 -4.90 -0.72
C SER F 142 -10.45 -5.09 -2.01
N SER F 143 -10.15 -6.19 -2.72
CA SER F 143 -10.79 -6.40 -4.00
C SER F 143 -12.28 -6.73 -3.82
N LEU F 144 -12.61 -7.66 -2.92
CA LEU F 144 -13.99 -8.01 -2.64
C LEU F 144 -14.73 -6.94 -1.83
N ASP F 145 -14.01 -5.97 -1.26
CA ASP F 145 -14.63 -4.87 -0.53
C ASP F 145 -13.98 -3.56 -0.96
N PRO F 146 -14.27 -3.09 -2.18
CA PRO F 146 -13.74 -1.81 -2.64
C PRO F 146 -14.31 -0.65 -1.85
N PRO F 147 -13.67 0.53 -1.91
CA PRO F 147 -14.04 1.64 -1.02
C PRO F 147 -15.53 1.99 -0.98
N GLU F 148 -16.13 2.28 -2.13
CA GLU F 148 -17.51 2.74 -2.16
C GLU F 148 -18.52 1.61 -2.13
N HIS F 149 -18.07 0.36 -1.98
CA HIS F 149 -18.96 -0.78 -1.83
C HIS F 149 -19.45 -0.82 -0.39
N LEU F 150 -20.69 -0.38 -0.16
CA LEU F 150 -21.28 -0.34 1.17
C LEU F 150 -22.27 -1.48 1.39
N PHE F 151 -22.26 -2.50 0.53
CA PHE F 151 -23.29 -3.52 0.55
C PHE F 151 -23.22 -4.41 1.79
N ARG F 152 -22.06 -4.52 2.44
CA ARG F 152 -22.00 -5.33 3.67
C ARG F 152 -22.87 -4.72 4.77
N ILE F 153 -22.90 -3.40 4.85
CA ILE F 153 -23.78 -2.73 5.82
C ILE F 153 -25.25 -3.02 5.50
N ARG F 154 -25.60 -3.05 4.21
CA ARG F 154 -26.97 -3.36 3.84
C ARG F 154 -27.31 -4.82 4.16
N LEU F 155 -26.35 -5.72 3.98
CA LEU F 155 -26.61 -7.12 4.30
C LEU F 155 -26.75 -7.33 5.80
N VAL F 156 -25.88 -6.70 6.59
CA VAL F 156 -25.97 -6.80 8.04
C VAL F 156 -27.30 -6.25 8.54
N CYS F 157 -27.67 -5.05 8.09
CA CYS F 157 -28.90 -4.44 8.57
C CYS F 157 -30.13 -5.21 8.10
N THR F 158 -30.04 -5.90 6.96
CA THR F 158 -31.13 -6.75 6.51
C THR F 158 -31.38 -7.88 7.50
N ILE F 159 -30.31 -8.59 7.89
CA ILE F 159 -30.46 -9.69 8.83
C ILE F 159 -30.91 -9.19 10.19
N LEU F 160 -30.33 -8.08 10.66
CA LEU F 160 -30.73 -7.54 11.95
C LEU F 160 -32.18 -7.05 11.93
N ASP F 161 -32.64 -6.55 10.78
CA ASP F 161 -34.05 -6.16 10.64
C ASP F 161 -34.98 -7.33 10.87
N THR F 162 -34.64 -8.49 10.32
CA THR F 162 -35.50 -9.66 10.27
C THR F 162 -35.48 -10.45 11.58
N CYS F 163 -34.30 -10.74 12.12
CA CYS F 163 -34.21 -11.62 13.27
C CYS F 163 -33.53 -10.98 14.49
N GLY F 164 -33.02 -9.75 14.36
CA GLY F 164 -32.27 -9.15 15.45
C GLY F 164 -33.09 -8.86 16.71
N GLN F 165 -34.39 -8.62 16.56
CA GLN F 165 -35.25 -8.35 17.72
C GLN F 165 -35.31 -9.52 18.70
N TYR F 166 -35.02 -10.73 18.24
CA TYR F 166 -35.05 -11.90 19.12
C TYR F 166 -33.77 -12.09 19.92
N PHE F 167 -32.69 -11.39 19.58
CA PHE F 167 -31.42 -11.51 20.29
C PHE F 167 -31.33 -10.52 21.45
N ASP F 168 -32.35 -10.53 22.31
CA ASP F 168 -32.42 -9.62 23.45
C ASP F 168 -32.48 -10.35 24.78
N ARG F 169 -32.36 -11.67 24.79
CA ARG F 169 -32.49 -12.47 26.01
C ARG F 169 -31.43 -13.55 26.03
N GLY F 170 -30.77 -13.71 27.18
CA GLY F 170 -29.91 -14.87 27.38
C GLY F 170 -28.60 -14.77 26.62
N SER F 171 -28.20 -15.90 26.01
CA SER F 171 -26.88 -15.97 25.38
C SER F 171 -26.86 -15.20 24.06
N SER F 172 -28.00 -15.05 23.40
CA SER F 172 -28.03 -14.31 22.14
C SER F 172 -27.89 -12.81 22.36
N LYS F 173 -28.35 -12.31 23.52
CA LYS F 173 -28.19 -10.89 23.81
C LYS F 173 -26.70 -10.52 23.84
N ARG F 174 -25.87 -11.35 24.47
CA ARG F 174 -24.45 -11.07 24.51
C ARG F 174 -23.79 -11.28 23.15
N LYS F 175 -24.22 -12.30 22.41
CA LYS F 175 -23.67 -12.53 21.08
C LYS F 175 -23.92 -11.33 20.17
N LEU F 176 -25.11 -10.75 20.24
CA LEU F 176 -25.38 -9.56 19.44
C LEU F 176 -24.59 -8.35 19.95
N ASP F 177 -24.45 -8.22 21.27
CA ASP F 177 -23.75 -7.07 21.83
C ASP F 177 -22.29 -7.03 21.36
N CYS F 178 -21.61 -8.17 21.38
CA CYS F 178 -20.23 -8.25 20.90
C CYS F 178 -20.15 -7.99 19.41
N PHE F 179 -21.06 -8.56 18.63
CA PHE F 179 -21.03 -8.33 17.18
C PHE F 179 -21.19 -6.85 16.86
N LEU F 180 -22.09 -6.16 17.56
CA LEU F 180 -22.31 -4.75 17.26
C LEU F 180 -21.06 -3.92 17.49
N VAL F 181 -20.23 -4.31 18.46
CA VAL F 181 -18.96 -3.60 18.67
C VAL F 181 -18.07 -3.74 17.43
N TYR F 182 -17.98 -4.94 16.88
CA TYR F 182 -17.18 -5.15 15.68
C TYR F 182 -17.82 -4.47 14.48
N PHE F 183 -19.15 -4.51 14.39
CA PHE F 183 -19.85 -3.87 13.28
C PHE F 183 -19.68 -2.36 13.30
N GLN F 184 -19.57 -1.75 14.49
CA GLN F 184 -19.35 -0.31 14.56
C GLN F 184 -17.94 0.07 14.08
N ARG F 185 -16.95 -0.76 14.40
CA ARG F 185 -15.62 -0.54 13.85
C ARG F 185 -15.62 -0.70 12.33
N TYR F 186 -16.34 -1.71 11.81
CA TYR F 186 -16.41 -1.89 10.36
C TYR F 186 -17.00 -0.66 9.68
N VAL F 187 -18.06 -0.09 10.27
CA VAL F 187 -18.68 1.11 9.71
C VAL F 187 -17.66 2.25 9.66
N TRP F 188 -16.88 2.43 10.72
CA TRP F 188 -15.92 3.53 10.76
C TRP F 188 -14.67 3.26 9.92
N TRP F 189 -14.34 1.99 9.66
CA TRP F 189 -13.37 1.70 8.61
C TRP F 189 -13.83 2.29 7.28
N LYS F 190 -15.09 2.06 6.93
CA LYS F 190 -15.60 2.59 5.66
C LYS F 190 -15.69 4.11 5.68
N LYS F 191 -16.25 4.67 6.77
CA LYS F 191 -16.47 6.11 6.84
C LYS F 191 -15.16 6.91 6.84
N SER F 192 -14.04 6.27 7.19
CA SER F 192 -12.75 6.96 7.30
C SER F 192 -11.90 6.85 6.03
N LEU F 193 -12.40 6.19 4.99
CA LEU F 193 -11.66 6.07 3.76
C LEU F 193 -11.41 7.43 3.12
N GLU F 194 -10.35 7.50 2.31
CA GLU F 194 -9.98 8.76 1.67
C GLU F 194 -11.04 9.24 0.69
N VAL F 195 -11.84 8.34 0.13
CA VAL F 195 -12.80 8.69 -0.91
C VAL F 195 -13.87 9.66 -0.41
N TRP F 196 -14.15 9.70 0.90
CA TRP F 196 -15.23 10.52 1.42
C TRP F 196 -14.70 11.91 1.73
N THR F 197 -15.14 12.89 0.95
CA THR F 197 -14.79 14.30 1.13
C THR F 197 -16.06 15.13 1.26
N LYS F 198 -15.92 16.46 1.31
CA LYS F 198 -17.12 17.31 1.33
C LYS F 198 -17.78 17.39 -0.04
N ASP F 199 -17.00 17.18 -1.10
CA ASP F 199 -17.57 17.04 -2.43
C ASP F 199 -18.22 15.67 -2.63
N HIS F 200 -17.62 14.61 -2.07
CA HIS F 200 -18.08 13.24 -2.20
C HIS F 200 -18.39 12.70 -0.80
N PRO F 201 -19.47 13.14 -0.19
CA PRO F 201 -19.75 12.78 1.20
C PRO F 201 -20.27 11.36 1.36
N PHE F 202 -20.07 10.83 2.56
CA PHE F 202 -20.61 9.52 2.91
C PHE F 202 -22.13 9.55 2.80
N PRO F 203 -22.76 8.52 2.24
CA PRO F 203 -24.21 8.58 1.97
C PRO F 203 -25.02 8.70 3.25
N ILE F 204 -25.87 9.72 3.30
CA ILE F 204 -26.67 9.98 4.49
C ILE F 204 -27.66 8.86 4.72
N ASP F 205 -28.11 8.18 3.66
CA ASP F 205 -29.10 7.12 3.82
C ASP F 205 -28.50 5.89 4.49
N ILE F 206 -27.22 5.60 4.23
CA ILE F 206 -26.55 4.53 4.94
C ILE F 206 -26.37 4.88 6.41
N ASP F 207 -26.07 6.15 6.69
CA ASP F 207 -25.96 6.59 8.08
C ASP F 207 -27.26 6.33 8.85
N TYR F 208 -28.39 6.75 8.28
CA TYR F 208 -29.66 6.54 8.95
C TYR F 208 -30.03 5.06 8.99
N MET F 209 -29.62 4.29 7.99
CA MET F 209 -29.88 2.86 8.01
C MET F 209 -29.18 2.18 9.19
N ILE F 210 -27.97 2.64 9.51
CA ILE F 210 -27.23 2.08 10.64
C ILE F 210 -27.89 2.48 11.96
N SER F 211 -28.18 3.77 12.12
CA SER F 211 -28.75 4.24 13.39
C SER F 211 -30.16 3.73 13.60
N ASP F 212 -30.94 3.60 12.52
CA ASP F 212 -32.31 3.07 12.65
C ASP F 212 -32.29 1.64 13.18
N THR F 213 -31.50 0.77 12.55
CA THR F 213 -31.53 -0.64 12.94
C THR F 213 -30.93 -0.83 14.33
N LEU F 214 -29.90 -0.06 14.67
CA LEU F 214 -29.30 -0.19 15.99
C LEU F 214 -30.28 0.29 17.07
N GLU F 215 -31.03 1.35 16.80
CA GLU F 215 -32.00 1.83 17.78
C GLU F 215 -33.22 0.93 17.89
N LEU F 216 -33.48 0.10 16.87
CA LEU F 216 -34.57 -0.87 16.97
C LEU F 216 -34.24 -1.99 17.95
N LEU F 217 -32.95 -2.30 18.13
CA LEU F 217 -32.54 -3.44 18.94
C LEU F 217 -32.04 -3.05 20.32
N ARG F 218 -31.41 -1.90 20.46
CA ARG F 218 -30.80 -1.49 21.72
C ARG F 218 -31.16 -0.05 22.03
N PRO F 219 -31.94 0.21 23.09
CA PRO F 219 -32.34 1.60 23.38
C PRO F 219 -31.20 2.46 23.93
N LYS F 220 -30.27 1.87 24.68
CA LYS F 220 -29.22 2.64 25.35
C LYS F 220 -27.85 2.44 24.73
N ILE F 221 -27.79 1.99 23.47
CA ILE F 221 -26.50 1.74 22.84
C ILE F 221 -25.82 3.07 22.51
N LYS F 222 -24.50 3.10 22.68
CA LYS F 222 -23.70 4.26 22.31
C LYS F 222 -23.26 4.12 20.87
N LEU F 223 -23.65 5.08 20.04
CA LEU F 223 -23.21 5.14 18.65
C LEU F 223 -21.92 5.93 18.59
N CYS F 224 -20.83 5.26 18.20
CA CYS F 224 -19.52 5.90 18.18
C CYS F 224 -19.50 7.06 17.19
N ASN F 225 -18.92 8.17 17.63
CA ASN F 225 -18.84 9.37 16.81
C ASN F 225 -17.50 9.52 16.10
N SER F 226 -16.62 8.54 16.23
CA SER F 226 -15.30 8.61 15.58
C SER F 226 -14.74 7.21 15.41
N LEU F 227 -13.72 7.12 14.58
CA LEU F 227 -13.06 5.83 14.35
C LEU F 227 -12.31 5.37 15.60
N GLU F 228 -11.63 6.29 16.29
CA GLU F 228 -10.89 5.89 17.48
C GLU F 228 -11.82 5.48 18.61
N GLU F 229 -13.03 6.04 18.66
CA GLU F 229 -14.00 5.58 19.64
C GLU F 229 -14.39 4.14 19.38
N SER F 230 -14.57 3.77 18.11
CA SER F 230 -14.92 2.40 17.78
C SER F 230 -13.75 1.46 18.01
N ILE F 231 -12.52 1.93 17.78
CA ILE F 231 -11.35 1.09 18.00
C ILE F 231 -11.14 0.84 19.49
N ARG F 232 -11.40 1.84 20.32
CA ARG F 232 -11.27 1.63 21.77
C ARG F 232 -12.32 0.63 22.26
N GLN F 233 -13.50 0.61 21.64
CA GLN F 233 -14.51 -0.38 22.02
C GLN F 233 -14.02 -1.79 21.71
N VAL F 234 -13.44 -2.00 20.53
CA VAL F 234 -12.92 -3.31 20.16
C VAL F 234 -11.75 -3.69 21.08
N GLN F 235 -10.88 -2.74 21.39
CA GLN F 235 -9.76 -3.03 22.27
C GLN F 235 -10.24 -3.40 23.67
N ASP F 236 -11.25 -2.71 24.19
CA ASP F 236 -11.75 -3.04 25.51
C ASP F 236 -12.43 -4.40 25.52
N LEU F 237 -13.13 -4.74 24.43
CA LEU F 237 -13.83 -6.02 24.37
C LEU F 237 -12.84 -7.17 24.21
N GLU F 238 -11.82 -7.00 23.38
CA GLU F 238 -10.83 -8.04 23.21
C GLU F 238 -9.96 -8.21 24.44
N ARG F 239 -9.80 -7.15 25.24
CA ARG F 239 -9.15 -7.31 26.53
C ARG F 239 -9.96 -8.23 27.44
N GLU F 240 -11.29 -8.12 27.40
CA GLU F 240 -12.14 -9.06 28.13
C GLU F 240 -11.96 -10.48 27.60
N PHE F 241 -11.98 -10.65 26.28
CA PHE F 241 -11.73 -11.96 25.69
C PHE F 241 -10.41 -12.53 26.16
N LEU F 242 -9.36 -11.70 26.17
CA LEU F 242 -8.03 -12.17 26.54
C LEU F 242 -7.99 -12.65 27.98
N ILE F 243 -8.66 -11.94 28.89
CA ILE F 243 -8.70 -12.36 30.29
C ILE F 243 -9.40 -13.69 30.44
N LYS F 244 -10.53 -13.88 29.75
CA LYS F 244 -11.27 -15.12 29.87
C LYS F 244 -10.54 -16.28 29.20
N LEU F 245 -9.81 -16.00 28.12
CA LEU F 245 -9.05 -17.05 27.44
C LEU F 245 -7.79 -17.43 28.19
N GLY F 246 -7.26 -16.54 29.02
CA GLY F 246 -6.08 -16.86 29.80
C GLY F 246 -4.79 -16.96 29.01
N LEU F 247 -4.66 -16.17 27.94
CA LEU F 247 -3.46 -16.20 27.12
C LEU F 247 -2.29 -15.46 27.75
N VAL F 248 -2.54 -14.65 28.78
CA VAL F 248 -1.49 -13.86 29.43
C VAL F 248 -1.57 -14.07 30.94
N ASN F 249 -2.78 -14.07 31.49
CA ASN F 249 -2.99 -14.24 32.91
C ASN F 249 -3.60 -15.61 33.19
N ASP F 250 -3.83 -15.87 34.48
CA ASP F 250 -4.42 -17.13 34.93
C ASP F 250 -3.41 -18.26 34.86
N LEU G 2 -7.27 -5.34 36.94
CA LEU G 2 -6.34 -4.38 36.34
C LEU G 2 -6.62 -2.96 36.82
N SER G 3 -5.78 -2.47 37.73
CA SER G 3 -5.98 -1.16 38.34
C SER G 3 -4.80 -0.21 38.21
N LYS G 4 -3.62 -0.69 37.81
CA LYS G 4 -2.45 0.15 37.69
C LYS G 4 -2.35 0.72 36.28
N VAL G 5 -2.18 2.03 36.19
CA VAL G 5 -2.17 2.78 34.94
C VAL G 5 -0.86 3.54 34.85
N VAL G 6 -0.28 3.58 33.64
CA VAL G 6 0.92 4.36 33.37
C VAL G 6 0.56 5.46 32.38
N ILE G 7 1.09 6.66 32.63
CA ILE G 7 1.06 7.76 31.66
C ILE G 7 2.51 8.10 31.35
N ARG G 8 2.93 7.85 30.11
CA ARG G 8 4.33 7.89 29.74
C ARG G 8 4.55 8.84 28.56
N ARG G 9 5.82 8.96 28.18
CA ARG G 9 6.26 9.88 27.13
C ARG G 9 5.90 11.32 27.48
N LEU G 10 6.06 11.66 28.76
CA LEU G 10 5.93 13.02 29.24
C LEU G 10 7.25 13.77 29.03
N PRO G 11 7.21 15.10 28.93
CA PRO G 11 8.45 15.87 28.79
C PRO G 11 9.40 15.57 29.94
N PRO G 12 10.69 15.41 29.64
CA PRO G 12 11.64 15.05 30.70
C PRO G 12 11.80 16.12 31.77
N THR G 13 11.51 17.38 31.46
CA THR G 13 11.60 18.45 32.45
C THR G 13 10.37 18.55 33.34
N LEU G 14 9.29 17.86 32.98
CA LEU G 14 8.06 17.90 33.77
C LEU G 14 8.31 17.40 35.19
N THR G 15 7.52 17.93 36.12
CA THR G 15 7.60 17.53 37.52
C THR G 15 6.25 16.95 37.96
N LYS G 16 6.27 16.29 39.12
CA LYS G 16 5.06 15.66 39.64
C LYS G 16 3.98 16.70 39.95
N GLU G 17 4.37 17.84 40.50
CA GLU G 17 3.40 18.87 40.84
C GLU G 17 2.71 19.41 39.60
N GLN G 18 3.48 19.74 38.55
CA GLN G 18 2.88 20.25 37.33
C GLN G 18 2.01 19.19 36.68
N LEU G 19 2.41 17.92 36.78
CA LEU G 19 1.66 16.85 36.14
C LEU G 19 0.25 16.75 36.72
N GLN G 20 0.15 16.69 38.04
CA GLN G 20 -1.15 16.45 38.64
C GLN G 20 -2.07 17.68 38.57
N GLU G 21 -1.51 18.88 38.37
CA GLU G 21 -2.36 20.02 38.09
C GLU G 21 -3.03 19.89 36.74
N HIS G 22 -2.36 19.28 35.76
CA HIS G 22 -3.01 18.91 34.51
C HIS G 22 -4.02 17.79 34.73
N LEU G 23 -3.81 16.96 35.75
CA LEU G 23 -4.64 15.79 35.99
C LEU G 23 -5.83 16.07 36.90
N GLN G 24 -5.80 17.18 37.66
CA GLN G 24 -6.89 17.48 38.57
C GLN G 24 -8.20 17.66 37.79
N PRO G 25 -9.33 17.13 38.29
CA PRO G 25 -9.44 16.37 39.55
C PRO G 25 -8.93 14.93 39.44
N MET G 26 -8.02 14.56 40.34
CA MET G 26 -7.43 13.23 40.32
C MET G 26 -8.41 12.20 40.88
N PRO G 27 -8.58 11.04 40.25
CA PRO G 27 -9.48 10.02 40.78
C PRO G 27 -8.91 9.39 42.05
N GLU G 28 -9.76 8.61 42.71
CA GLU G 28 -9.37 7.93 43.93
C GLU G 28 -8.25 6.93 43.63
N HIS G 29 -7.22 6.92 44.47
CA HIS G 29 -6.04 6.11 44.20
C HIS G 29 -5.27 5.88 45.49
N ASP G 30 -4.50 4.80 45.51
CA ASP G 30 -3.54 4.54 46.58
C ASP G 30 -2.10 4.85 46.19
N TYR G 31 -1.79 4.77 44.90
CA TYR G 31 -0.43 4.86 44.41
C TYR G 31 -0.39 5.90 43.30
N PHE G 32 0.51 6.88 43.43
CA PHE G 32 0.75 7.85 42.36
C PHE G 32 2.16 8.41 42.57
N GLU G 33 3.12 7.92 41.79
CA GLU G 33 4.50 8.38 41.90
C GLU G 33 5.10 8.60 40.51
N PHE G 34 6.17 9.38 40.51
CA PHE G 34 6.72 10.00 39.31
C PHE G 34 8.15 9.51 39.07
N PHE G 35 8.52 9.37 37.80
CA PHE G 35 9.84 8.87 37.43
C PHE G 35 10.35 9.58 36.18
N SER G 36 11.67 9.75 36.11
CA SER G 36 12.32 10.38 34.95
C SER G 36 13.81 10.11 35.03
N ASN G 37 14.48 10.27 33.89
CA ASN G 37 15.94 10.23 33.77
C ASN G 37 16.52 8.95 34.38
N ASP G 38 16.07 7.81 33.81
CA ASP G 38 16.49 6.51 34.33
C ASP G 38 16.54 5.47 33.22
N THR G 39 16.81 5.89 32.00
CA THR G 39 16.75 5.02 30.83
C THR G 39 18.14 4.54 30.46
N SER G 40 18.17 3.40 29.77
CA SER G 40 19.41 2.93 29.16
C SER G 40 19.62 3.53 27.77
N LEU G 41 18.64 4.29 27.26
CA LEU G 41 18.64 4.76 25.88
C LEU G 41 18.81 6.27 25.79
N TYR G 42 19.74 6.82 26.58
CA TYR G 42 20.09 8.23 26.45
C TYR G 42 20.53 8.50 25.01
N PRO G 43 20.15 9.65 24.42
CA PRO G 43 19.47 10.81 24.99
C PRO G 43 17.95 10.82 24.87
N HIS G 44 17.32 9.67 24.66
CA HIS G 44 15.86 9.63 24.47
C HIS G 44 15.20 9.61 25.84
N MET G 45 15.14 10.80 26.45
CA MET G 45 14.70 10.96 27.83
C MET G 45 13.24 11.39 27.89
N TYR G 46 12.47 10.69 28.72
CA TYR G 46 11.08 11.03 28.96
C TYR G 46 10.77 10.87 30.45
N ALA G 47 9.64 11.43 30.88
CA ALA G 47 9.14 11.22 32.22
C ALA G 47 7.86 10.40 32.16
N ARG G 48 7.51 9.79 33.30
CA ARG G 48 6.31 8.97 33.38
C ARG G 48 5.84 8.94 34.83
N ALA G 49 4.61 8.48 35.01
CA ALA G 49 4.03 8.31 36.34
C ALA G 49 3.06 7.14 36.31
N TYR G 50 2.90 6.49 37.47
CA TYR G 50 1.98 5.38 37.62
C TYR G 50 0.89 5.76 38.61
N ILE G 51 -0.33 5.30 38.33
CA ILE G 51 -1.48 5.52 39.20
C ILE G 51 -2.20 4.20 39.38
N ASN G 52 -2.52 3.86 40.63
CA ASN G 52 -3.31 2.68 40.93
C ASN G 52 -4.71 3.12 41.33
N PHE G 53 -5.67 2.87 40.45
CA PHE G 53 -7.04 3.35 40.65
C PHE G 53 -7.80 2.48 41.65
N LYS G 54 -8.60 3.12 42.48
CA LYS G 54 -9.46 2.41 43.43
C LYS G 54 -10.82 2.07 42.84
N ASN G 55 -11.28 2.79 41.81
CA ASN G 55 -12.54 2.51 41.13
C ASN G 55 -12.25 2.29 39.66
N GLN G 56 -12.61 1.11 39.16
CA GLN G 56 -12.25 0.71 37.81
C GLN G 56 -13.00 1.48 36.73
N GLU G 57 -14.17 2.03 37.08
CA GLU G 57 -14.88 2.88 36.13
C GLU G 57 -14.15 4.18 35.86
N ASP G 58 -13.29 4.63 36.79
CA ASP G 58 -12.56 5.86 36.60
C ASP G 58 -11.45 5.75 35.55
N ILE G 59 -11.06 4.53 35.18
CA ILE G 59 -9.94 4.35 34.26
C ILE G 59 -10.34 4.74 32.85
N ILE G 60 -11.58 4.42 32.46
CA ILE G 60 -12.01 4.63 31.07
C ILE G 60 -12.01 6.11 30.73
N LEU G 61 -12.53 6.96 31.64
CA LEU G 61 -12.55 8.38 31.36
C LEU G 61 -11.18 9.03 31.55
N PHE G 62 -10.36 8.52 32.46
CA PHE G 62 -9.02 9.07 32.65
C PHE G 62 -8.20 8.94 31.37
N ARG G 63 -8.22 7.76 30.74
CA ARG G 63 -7.50 7.62 29.48
C ARG G 63 -8.23 8.33 28.34
N ASP G 64 -9.55 8.42 28.40
CA ASP G 64 -10.28 9.20 27.41
C ASP G 64 -9.92 10.68 27.50
N ARG G 65 -9.52 11.13 28.69
CA ARG G 65 -9.18 12.52 28.91
C ARG G 65 -7.71 12.82 28.65
N PHE G 66 -6.81 11.83 28.81
CA PHE G 66 -5.39 12.11 28.78
C PHE G 66 -4.57 11.31 27.77
N ASP G 67 -5.12 10.26 27.16
CA ASP G 67 -4.38 9.57 26.10
C ASP G 67 -4.38 10.44 24.86
N GLY G 68 -3.20 10.92 24.45
CA GLY G 68 -3.08 11.89 23.39
C GLY G 68 -2.96 13.33 23.89
N TYR G 69 -3.14 13.56 25.19
CA TYR G 69 -3.00 14.90 25.75
C TYR G 69 -1.60 15.43 25.48
N VAL G 70 -1.53 16.60 24.86
CA VAL G 70 -0.27 17.19 24.44
C VAL G 70 0.29 18.01 25.59
N PHE G 71 1.43 17.61 26.12
CA PHE G 71 2.20 18.40 27.07
C PHE G 71 3.27 19.17 26.33
N LEU G 72 3.76 20.24 26.96
CA LEU G 72 4.80 21.08 26.38
C LEU G 72 6.00 21.12 27.31
N ASP G 73 7.19 21.13 26.70
CA ASP G 73 8.43 21.36 27.44
C ASP G 73 8.69 22.87 27.51
N ASN G 74 9.88 23.25 28.01
CA ASN G 74 10.20 24.68 28.13
C ASN G 74 10.38 25.32 26.76
N LYS G 75 10.97 24.60 25.81
CA LYS G 75 11.21 25.13 24.47
C LYS G 75 10.00 25.04 23.55
N GLY G 76 8.85 24.60 24.06
CA GLY G 76 7.63 24.59 23.28
C GLY G 76 7.41 23.37 22.40
N GLN G 77 8.15 22.29 22.60
CA GLN G 77 7.93 21.08 21.84
C GLN G 77 6.78 20.28 22.42
N GLU G 78 6.04 19.61 21.55
CA GLU G 78 4.83 18.87 21.92
C GLU G 78 5.16 17.44 22.32
N TYR G 79 4.67 17.03 23.49
CA TYR G 79 4.85 15.68 24.01
C TYR G 79 3.48 15.04 24.20
N PRO G 80 2.92 14.43 23.17
CA PRO G 80 1.63 13.72 23.32
C PRO G 80 1.79 12.49 24.22
N ALA G 81 1.04 12.48 25.32
CA ALA G 81 1.20 11.44 26.32
C ALA G 81 0.43 10.18 25.94
N ILE G 82 0.92 9.05 26.44
CA ILE G 82 0.29 7.75 26.23
C ILE G 82 -0.19 7.24 27.59
N VAL G 83 -1.44 6.79 27.63
CA VAL G 83 -2.04 6.26 28.84
C VAL G 83 -2.57 4.86 28.55
N GLU G 84 -2.01 3.87 29.23
CA GLU G 84 -2.45 2.49 29.10
C GLU G 84 -2.18 1.75 30.39
N PHE G 85 -2.64 0.51 30.45
CA PHE G 85 -2.39 -0.32 31.63
C PHE G 85 -0.90 -0.60 31.78
N ALA G 86 -0.41 -0.49 33.00
CA ALA G 86 1.00 -0.73 33.24
C ALA G 86 1.31 -2.22 33.06
N PRO G 87 2.45 -2.56 32.45
CA PRO G 87 2.75 -3.97 32.20
C PRO G 87 3.01 -4.77 33.46
N PHE G 88 3.59 -4.13 34.47
CA PHE G 88 3.75 -4.72 35.80
C PHE G 88 2.68 -4.12 36.70
N GLN G 89 1.76 -4.96 37.16
CA GLN G 89 0.58 -4.48 37.87
C GLN G 89 0.78 -4.36 39.38
N LYS G 90 1.93 -4.78 39.91
CA LYS G 90 2.19 -4.64 41.34
C LYS G 90 2.62 -3.22 41.67
N ALA G 91 2.08 -2.67 42.75
CA ALA G 91 2.33 -1.32 43.17
C ALA G 91 3.01 -1.30 44.54
N ALA G 92 3.70 -0.20 44.83
CA ALA G 92 4.41 -0.05 46.09
C ALA G 92 3.57 0.67 47.14
N ARG G 99 10.98 -2.88 59.66
CA ARG G 99 11.98 -1.95 59.16
C ARG G 99 13.41 -2.43 59.45
N ASP G 100 14.26 -2.38 58.43
CA ASP G 100 15.67 -2.74 58.58
C ASP G 100 16.35 -1.82 59.60
N THR G 101 17.48 -2.29 60.12
CA THR G 101 18.26 -1.53 61.08
C THR G 101 19.72 -1.36 60.67
N LYS G 102 20.13 -1.91 59.53
CA LYS G 102 21.47 -1.69 59.01
C LYS G 102 21.52 -0.56 57.99
N VAL G 103 20.38 0.05 57.69
CA VAL G 103 20.32 1.08 56.65
C VAL G 103 21.23 2.25 57.03
N GLY G 104 21.96 2.76 56.04
CA GLY G 104 22.73 3.97 56.22
C GLY G 104 23.95 3.84 57.10
N THR G 105 24.51 2.64 57.20
CA THR G 105 25.74 2.42 57.95
C THR G 105 26.92 2.09 57.04
N ILE G 106 26.78 2.30 55.72
CA ILE G 106 27.92 2.10 54.84
C ILE G 106 28.97 3.19 55.08
N ASP G 107 28.53 4.37 55.49
CA ASP G 107 29.41 5.29 56.18
C ASP G 107 29.70 4.73 57.56
N ASP G 108 30.97 4.76 57.98
CA ASP G 108 31.42 4.07 59.19
C ASP G 108 31.32 2.55 59.02
N ASP G 109 31.82 2.05 57.89
CA ASP G 109 31.87 0.62 57.59
C ASP G 109 33.29 0.24 57.16
N PRO G 110 33.84 -0.84 57.72
CA PRO G 110 35.22 -1.22 57.40
C PRO G 110 35.48 -1.37 55.92
N GLU G 111 34.77 -2.28 55.25
CA GLU G 111 35.03 -2.55 53.83
C GLU G 111 34.87 -1.30 52.97
N TYR G 112 33.93 -0.42 53.32
CA TYR G 112 33.73 0.78 52.50
C TYR G 112 34.86 1.78 52.68
N ARG G 113 35.34 1.94 53.92
CA ARG G 113 36.47 2.84 54.15
C ARG G 113 37.72 2.36 53.44
N LYS G 114 37.95 1.04 53.41
CA LYS G 114 39.07 0.49 52.64
C LYS G 114 38.94 0.82 51.17
N PHE G 115 37.71 0.85 50.65
CA PHE G 115 37.50 1.22 49.25
C PHE G 115 37.81 2.69 49.02
N LEU G 116 37.50 3.54 50.00
CA LEU G 116 37.72 4.98 49.85
C LEU G 116 39.20 5.32 49.73
N GLU G 117 40.06 4.55 50.41
CA GLU G 117 41.50 4.83 50.36
C GLU G 117 42.06 4.61 48.96
N SER G 118 41.74 3.47 48.35
CA SER G 118 42.27 3.16 47.03
C SER G 118 41.60 3.97 45.93
N TYR G 119 40.41 4.53 46.18
CA TYR G 119 39.77 5.38 45.19
C TYR G 119 40.41 6.75 45.11
N ALA G 120 41.00 7.21 46.22
CA ALA G 120 41.81 8.42 46.18
C ALA G 120 43.05 8.23 45.33
N THR G 121 43.66 7.04 45.39
CA THR G 121 44.78 6.70 44.51
C THR G 121 44.20 6.32 43.15
N ASP G 122 44.02 7.34 42.31
CA ASP G 122 43.41 7.17 40.98
C ASP G 122 44.15 6.16 40.12
N ARG H 2 33.15 10.71 38.91
CA ARG H 2 31.96 10.35 39.67
C ARG H 2 32.24 10.37 41.16
N PRO H 3 31.23 10.66 41.97
CA PRO H 3 31.40 10.65 43.43
C PRO H 3 31.77 9.26 43.93
N PRO H 4 32.33 9.16 45.14
CA PRO H 4 32.77 7.84 45.63
C PRO H 4 31.63 6.85 45.82
N LEU H 5 30.53 7.28 46.44
CA LEU H 5 29.42 6.36 46.70
C LEU H 5 28.79 5.89 45.40
N GLN H 6 28.85 6.69 44.34
CA GLN H 6 28.33 6.25 43.05
C GLN H 6 29.20 5.15 42.46
N GLU H 7 30.53 5.32 42.51
CA GLU H 7 31.42 4.30 42.01
C GLU H 7 31.30 3.01 42.81
N TYR H 8 31.11 3.12 44.13
CA TYR H 8 31.04 1.94 44.97
C TYR H 8 29.82 1.08 44.63
N VAL H 9 28.70 1.73 44.31
CA VAL H 9 27.51 0.98 43.90
C VAL H 9 27.74 0.31 42.55
N ARG H 10 28.50 0.96 41.66
CA ARG H 10 28.83 0.33 40.39
C ARG H 10 29.80 -0.83 40.59
N LYS H 11 30.75 -0.68 41.52
CA LYS H 11 31.69 -1.77 41.78
C LYS H 11 30.97 -3.00 42.31
N LEU H 12 29.99 -2.80 43.19
CA LEU H 12 29.22 -3.93 43.70
C LEU H 12 28.40 -4.61 42.61
N LEU H 13 27.86 -3.82 41.67
CA LEU H 13 26.95 -4.36 40.68
C LEU H 13 27.66 -4.79 39.39
N TYR H 14 28.56 -3.96 38.88
CA TYR H 14 29.19 -4.18 37.59
C TYR H 14 30.51 -4.92 37.67
N LYS H 15 31.01 -5.20 38.88
CA LYS H 15 32.34 -5.80 39.03
C LYS H 15 32.33 -6.92 40.07
N ASP H 16 31.87 -6.62 41.29
CA ASP H 16 31.96 -7.60 42.36
C ASP H 16 31.01 -8.77 42.18
N LEU H 17 29.89 -8.57 41.48
CA LEU H 17 28.87 -9.60 41.42
C LEU H 17 29.34 -10.84 40.68
N SER H 18 30.28 -10.69 39.74
CA SER H 18 30.79 -11.83 39.01
C SER H 18 31.85 -12.60 39.81
N LYS H 19 32.62 -11.91 40.65
CA LYS H 19 33.78 -12.52 41.33
C LYS H 19 33.59 -12.68 42.84
N VAL H 20 32.43 -12.33 43.39
CA VAL H 20 32.19 -12.39 44.82
C VAL H 20 30.79 -12.97 45.04
N THR H 21 30.64 -13.75 46.10
CA THR H 21 29.35 -14.37 46.40
C THR H 21 28.27 -13.30 46.58
N THR H 22 27.06 -13.65 46.14
CA THR H 22 25.98 -12.67 46.04
C THR H 22 25.54 -12.17 47.42
N GLU H 23 25.37 -13.08 48.38
CA GLU H 23 24.89 -12.66 49.69
C GLU H 23 25.92 -11.81 50.43
N LYS H 24 27.18 -11.81 50.01
CA LYS H 24 28.13 -10.83 50.54
C LYS H 24 27.84 -9.44 49.98
N VAL H 25 27.53 -9.36 48.68
CA VAL H 25 27.17 -8.08 48.07
C VAL H 25 25.88 -7.54 48.69
N LEU H 26 24.92 -8.42 48.99
CA LEU H 26 23.68 -7.96 49.63
C LEU H 26 23.95 -7.34 50.99
N ARG H 27 24.89 -7.90 51.75
CA ARG H 27 25.24 -7.34 53.04
C ARG H 27 25.76 -5.92 52.89
N GLN H 28 26.57 -5.67 51.86
CA GLN H 28 27.05 -4.32 51.60
C GLN H 28 25.93 -3.41 51.12
N MET H 29 25.07 -3.91 50.22
CA MET H 29 23.99 -3.10 49.68
C MET H 29 22.96 -2.74 50.74
N ARG H 30 22.79 -3.60 51.75
CA ARG H 30 21.86 -3.28 52.83
C ARG H 30 22.33 -2.08 53.64
N LYS H 31 23.64 -1.82 53.68
CA LYS H 31 24.19 -0.72 54.46
C LYS H 31 24.08 0.62 53.75
N LEU H 32 23.64 0.64 52.49
CA LEU H 32 23.52 1.89 51.76
C LEU H 32 22.47 2.80 52.40
N PRO H 33 22.62 4.11 52.27
CA PRO H 33 21.62 5.03 52.82
C PRO H 33 20.34 5.03 51.99
N TRP H 34 19.48 4.03 52.21
CA TRP H 34 18.29 3.86 51.39
C TRP H 34 17.22 4.90 51.66
N GLN H 35 17.27 5.57 52.81
CA GLN H 35 16.35 6.66 53.10
C GLN H 35 16.71 7.95 52.37
N ASP H 36 17.83 7.96 51.63
CA ASP H 36 18.20 9.06 50.77
C ASP H 36 17.69 8.79 49.36
N GLN H 37 16.79 9.64 48.87
CA GLN H 37 16.11 9.36 47.61
C GLN H 37 17.07 9.42 46.42
N GLU H 38 18.05 10.33 46.45
CA GLU H 38 19.02 10.38 45.35
C GLU H 38 19.80 9.07 45.26
N VAL H 39 20.12 8.47 46.41
CA VAL H 39 20.88 7.22 46.40
C VAL H 39 20.02 6.06 45.92
N LYS H 40 18.80 5.96 46.46
CA LYS H 40 17.88 4.91 46.03
C LYS H 40 17.59 4.99 44.53
N ASP H 41 17.47 6.22 44.00
CA ASP H 41 17.24 6.37 42.57
C ASP H 41 18.46 5.93 41.76
N TYR H 42 19.67 6.14 42.29
CA TYR H 42 20.88 5.78 41.56
C TYR H 42 21.07 4.28 41.50
N VAL H 43 20.73 3.57 42.58
CA VAL H 43 20.77 2.12 42.55
C VAL H 43 19.81 1.59 41.50
N ILE H 44 18.58 2.10 41.50
CA ILE H 44 17.58 1.67 40.53
C ILE H 44 18.05 1.93 39.10
N CYS H 45 18.62 3.12 38.86
CA CYS H 45 19.07 3.46 37.52
C CYS H 45 20.23 2.57 37.08
N CYS H 46 21.09 2.17 38.02
CA CYS H 46 22.21 1.29 37.71
C CYS H 46 21.73 -0.09 37.28
N MET H 47 20.66 -0.57 37.90
CA MET H 47 20.13 -1.89 37.55
C MET H 47 19.31 -1.86 36.27
N ILE H 48 18.64 -0.74 35.99
CA ILE H 48 17.97 -0.58 34.70
C ILE H 48 19.00 -0.59 33.57
N ASN H 49 20.16 0.03 33.82
CA ASN H 49 21.23 0.03 32.84
C ASN H 49 22.05 -1.26 32.99
N ILE H 50 21.37 -2.41 32.97
CA ILE H 50 22.04 -3.70 33.12
C ILE H 50 22.96 -4.03 31.96
N TRP H 51 22.87 -3.29 30.84
CA TRP H 51 23.80 -3.50 29.74
C TRP H 51 25.26 -3.32 30.17
N ASN H 52 25.50 -2.65 31.30
CA ASN H 52 26.85 -2.56 31.86
C ASN H 52 27.36 -3.90 32.39
N VAL H 53 26.46 -4.80 32.74
CA VAL H 53 26.84 -6.10 33.26
C VAL H 53 27.12 -7.05 32.11
N LYS H 54 28.10 -7.93 32.30
CA LYS H 54 28.35 -8.98 31.31
C LYS H 54 27.14 -9.91 31.23
N TYR H 55 26.95 -10.47 30.04
CA TYR H 55 25.67 -11.11 29.72
C TYR H 55 25.36 -12.27 30.67
N ASN H 56 26.37 -13.05 31.05
CA ASN H 56 26.14 -14.28 31.78
C ASN H 56 26.24 -14.13 33.30
N SER H 57 26.41 -12.91 33.81
CA SER H 57 26.21 -12.61 35.22
C SER H 57 25.04 -11.66 35.45
N ILE H 58 24.28 -11.31 34.39
CA ILE H 58 23.00 -10.61 34.58
C ILE H 58 22.10 -11.38 35.54
N HIS H 59 22.14 -12.71 35.49
CA HIS H 59 21.30 -13.50 36.38
C HIS H 59 21.66 -13.29 37.85
N CYS H 60 22.93 -12.98 38.14
CA CYS H 60 23.32 -12.70 39.52
C CYS H 60 22.74 -11.39 40.02
N VAL H 61 22.61 -10.39 39.14
CA VAL H 61 21.96 -9.13 39.51
C VAL H 61 20.50 -9.36 39.90
N ALA H 62 19.80 -10.17 39.09
CA ALA H 62 18.43 -10.57 39.46
C ALA H 62 18.44 -11.36 40.75
N ASN H 63 19.46 -12.21 40.95
CA ASN H 63 19.59 -12.92 42.21
C ASN H 63 19.78 -11.96 43.38
N LEU H 64 20.62 -10.94 43.19
CA LEU H 64 20.85 -9.96 44.25
C LEU H 64 19.57 -9.20 44.58
N LEU H 65 18.89 -8.68 43.55
CA LEU H 65 17.65 -7.95 43.78
C LEU H 65 16.61 -8.80 44.50
N ALA H 66 16.59 -10.11 44.22
CA ALA H 66 15.64 -10.99 44.89
C ALA H 66 15.83 -10.98 46.40
N GLY H 67 17.06 -10.78 46.87
CA GLY H 67 17.32 -10.68 48.30
C GLY H 67 17.11 -9.28 48.84
N LEU H 68 17.45 -8.28 48.02
CA LEU H 68 17.28 -6.89 48.42
C LEU H 68 15.82 -6.58 48.73
N VAL H 69 14.89 -7.08 47.92
CA VAL H 69 13.47 -6.76 48.11
C VAL H 69 12.95 -7.27 49.43
N LEU H 70 13.68 -8.16 50.11
CA LEU H 70 13.30 -8.56 51.46
C LEU H 70 13.52 -7.44 52.47
N TYR H 71 14.36 -6.46 52.14
CA TYR H 71 14.66 -5.33 53.01
C TYR H 71 14.26 -3.98 52.43
N GLN H 72 14.22 -3.84 51.10
CA GLN H 72 13.77 -2.63 50.40
C GLN H 72 12.87 -3.08 49.24
N GLU H 73 11.59 -3.32 49.53
CA GLU H 73 10.71 -3.98 48.57
C GLU H 73 10.45 -3.12 47.34
N ASP H 74 10.22 -1.82 47.52
CA ASP H 74 9.88 -0.96 46.40
C ASP H 74 11.00 -0.87 45.37
N VAL H 75 12.25 -1.14 45.76
CA VAL H 75 13.36 -1.06 44.80
C VAL H 75 13.16 -2.07 43.68
N GLY H 76 12.65 -3.26 44.00
CA GLY H 76 12.38 -4.23 42.96
C GLY H 76 11.24 -3.80 42.05
N ILE H 77 10.20 -3.20 42.62
CA ILE H 77 9.08 -2.71 41.82
C ILE H 77 9.57 -1.67 40.81
N HIS H 78 10.40 -0.73 41.25
CA HIS H 78 10.80 0.36 40.37
C HIS H 78 11.79 -0.11 39.31
N VAL H 79 12.64 -1.09 39.64
CA VAL H 79 13.55 -1.64 38.64
C VAL H 79 12.76 -2.38 37.56
N VAL H 80 11.73 -3.13 37.95
CA VAL H 80 10.92 -3.86 36.98
C VAL H 80 10.13 -2.90 36.09
N ASP H 81 9.51 -1.89 36.69
CA ASP H 81 8.81 -0.88 35.89
C ASP H 81 9.75 -0.18 34.91
N GLY H 82 11.00 0.06 35.32
CA GLY H 82 11.93 0.76 34.45
C GLY H 82 12.44 -0.11 33.32
N VAL H 83 12.68 -1.40 33.60
CA VAL H 83 13.11 -2.32 32.55
C VAL H 83 12.00 -2.47 31.53
N LEU H 84 10.75 -2.63 31.99
CA LEU H 84 9.63 -2.74 31.06
C LEU H 84 9.45 -1.46 30.25
N GLU H 85 9.65 -0.31 30.88
CA GLU H 85 9.55 0.96 30.14
C GLU H 85 10.66 1.07 29.11
N ASP H 86 11.88 0.65 29.46
CA ASP H 86 12.99 0.70 28.51
C ASP H 86 12.79 -0.26 27.35
N ILE H 87 12.16 -1.41 27.58
CA ILE H 87 11.92 -2.35 26.49
C ILE H 87 10.94 -1.75 25.48
N ARG H 88 9.90 -1.06 25.97
CA ARG H 88 8.95 -0.40 25.09
C ARG H 88 9.60 0.76 24.34
N LEU H 89 10.33 1.61 25.07
CA LEU H 89 11.05 2.71 24.42
C LEU H 89 12.07 2.21 23.41
N GLY H 90 12.67 1.04 23.66
CA GLY H 90 13.62 0.49 22.70
C GLY H 90 12.99 0.22 21.35
N MET H 91 11.73 -0.23 21.34
CA MET H 91 11.03 -0.45 20.08
C MET H 91 10.60 0.86 19.43
N GLU H 92 10.35 1.89 20.23
CA GLU H 92 9.96 3.19 19.69
C GLU H 92 11.16 3.92 19.09
N VAL H 93 12.31 3.89 19.77
CA VAL H 93 13.52 4.48 19.21
C VAL H 93 14.05 3.63 18.06
N ASN H 94 14.39 2.38 18.36
CA ASN H 94 14.79 1.38 17.37
C ASN H 94 15.98 1.86 16.52
N GLN H 95 17.06 2.22 17.20
CA GLN H 95 18.30 2.58 16.55
C GLN H 95 19.32 1.49 16.80
N PRO H 96 19.98 0.97 15.75
CA PRO H 96 20.83 -0.23 15.92
C PRO H 96 21.97 -0.06 16.91
N LYS H 97 22.33 1.17 17.28
CA LYS H 97 23.39 1.35 18.26
C LYS H 97 22.99 0.87 19.65
N PHE H 98 21.69 0.70 19.92
CA PHE H 98 21.20 0.25 21.21
C PHE H 98 20.89 -1.25 21.25
N ASN H 99 21.32 -2.00 20.23
CA ASN H 99 20.94 -3.41 20.14
C ASN H 99 21.47 -4.22 21.32
N GLN H 100 22.72 -3.97 21.73
CA GLN H 100 23.27 -4.72 22.86
C GLN H 100 22.52 -4.38 24.14
N ARG H 101 22.19 -3.10 24.34
CA ARG H 101 21.47 -2.72 25.55
C ARG H 101 20.07 -3.31 25.58
N ARG H 102 19.40 -3.36 24.43
CA ARG H 102 18.04 -3.90 24.39
C ARG H 102 18.02 -5.40 24.63
N ILE H 103 19.02 -6.13 24.08
CA ILE H 103 19.10 -7.57 24.35
C ILE H 103 19.34 -7.82 25.84
N SER H 104 20.25 -7.06 26.46
CA SER H 104 20.50 -7.22 27.90
C SER H 104 19.24 -6.93 28.71
N SER H 105 18.47 -5.91 28.30
CA SER H 105 17.22 -5.61 28.98
C SER H 105 16.27 -6.79 28.92
N ALA H 106 16.08 -7.35 27.72
CA ALA H 106 15.21 -8.52 27.59
C ALA H 106 15.73 -9.69 28.41
N LYS H 107 17.05 -9.93 28.39
CA LYS H 107 17.62 -11.00 29.21
C LYS H 107 17.37 -10.75 30.69
N PHE H 108 17.50 -9.50 31.13
CA PHE H 108 17.22 -9.16 32.53
C PHE H 108 15.77 -9.49 32.91
N LEU H 109 14.82 -9.12 32.05
CA LEU H 109 13.42 -9.41 32.35
C LEU H 109 13.18 -10.90 32.48
N GLY H 110 13.83 -11.70 31.64
CA GLY H 110 13.71 -13.15 31.76
C GLY H 110 14.26 -13.66 33.08
N GLU H 111 15.43 -13.16 33.48
CA GLU H 111 15.98 -13.56 34.77
C GLU H 111 15.12 -13.07 35.92
N LEU H 112 14.52 -11.88 35.78
CA LEU H 112 13.63 -11.37 36.83
C LEU H 112 12.45 -12.31 37.05
N TYR H 113 11.97 -12.98 36.00
CA TYR H 113 10.98 -14.03 36.19
C TYR H 113 11.59 -15.24 36.88
N ASN H 114 12.84 -15.58 36.53
CA ASN H 114 13.49 -16.76 37.10
C ASN H 114 13.65 -16.64 38.61
N TYR H 115 13.75 -15.43 39.13
CA TYR H 115 13.81 -15.20 40.57
C TYR H 115 12.51 -14.66 41.13
N ARG H 116 11.40 -14.82 40.41
CA ARG H 116 10.05 -14.60 40.91
C ARG H 116 9.79 -13.15 41.29
N MET H 117 10.48 -12.22 40.63
CA MET H 117 10.18 -10.80 40.77
C MET H 117 8.98 -10.39 39.92
N VAL H 118 8.70 -11.12 38.84
CA VAL H 118 7.49 -10.94 38.06
C VAL H 118 6.87 -12.32 37.82
N GLU H 119 5.56 -12.33 37.61
CA GLU H 119 4.85 -13.55 37.27
C GLU H 119 4.88 -13.76 35.75
N SER H 120 4.36 -14.90 35.29
CA SER H 120 4.46 -15.22 33.88
C SER H 120 3.69 -14.25 33.00
N ALA H 121 2.66 -13.59 33.56
CA ALA H 121 1.87 -12.63 32.79
C ALA H 121 2.74 -11.51 32.24
N VAL H 122 3.68 -11.01 33.05
CA VAL H 122 4.58 -9.95 32.60
C VAL H 122 5.42 -10.41 31.41
N ILE H 123 5.93 -11.64 31.48
CA ILE H 123 6.74 -12.17 30.40
C ILE H 123 5.92 -12.31 29.11
N PHE H 124 4.67 -12.76 29.24
CA PHE H 124 3.88 -12.99 28.04
C PHE H 124 3.33 -11.70 27.45
N ARG H 125 3.05 -10.69 28.27
CA ARG H 125 2.71 -9.38 27.74
C ARG H 125 3.87 -8.82 26.92
N THR H 126 5.10 -9.04 27.38
CA THR H 126 6.25 -8.53 26.66
C THR H 126 6.51 -9.32 25.39
N LEU H 127 6.28 -10.65 25.44
CA LEU H 127 6.47 -11.47 24.24
C LEU H 127 5.49 -11.05 23.14
N TYR H 128 4.22 -10.84 23.50
CA TYR H 128 3.22 -10.45 22.50
C TYR H 128 3.49 -9.03 21.98
N SER H 129 4.06 -8.14 22.81
CA SER H 129 4.42 -6.82 22.29
C SER H 129 5.49 -6.91 21.21
N PHE H 130 6.43 -7.85 21.34
CA PHE H 130 7.45 -8.00 20.30
C PHE H 130 6.84 -8.38 18.97
N THR H 131 5.75 -9.14 18.98
CA THR H 131 5.12 -9.60 17.75
C THR H 131 3.97 -8.72 17.28
N SER H 132 3.61 -7.69 18.04
CA SER H 132 2.45 -6.89 17.64
C SER H 132 2.63 -5.38 17.77
N PHE H 133 3.42 -4.87 18.72
CA PHE H 133 3.56 -3.43 18.87
C PHE H 133 4.19 -2.81 17.63
N GLY H 134 3.44 -1.91 16.98
CA GLY H 134 3.87 -1.33 15.72
C GLY H 134 3.84 -2.26 14.54
N VAL H 135 3.18 -3.41 14.65
CA VAL H 135 3.12 -4.42 13.59
C VAL H 135 1.75 -4.34 12.92
N ASN H 136 1.75 -4.34 11.59
CA ASN H 136 0.48 -4.33 10.86
C ASN H 136 -0.17 -5.71 10.96
N PRO H 137 -1.49 -5.78 11.17
CA PRO H 137 -2.15 -7.07 11.40
C PRO H 137 -2.21 -7.98 10.18
N ASP H 138 -1.70 -7.56 9.02
CA ASP H 138 -1.62 -8.43 7.85
C ASP H 138 -0.19 -8.83 7.50
N GLY H 139 0.79 -8.36 8.26
CA GLY H 139 2.18 -8.68 7.98
C GLY H 139 2.91 -7.66 7.13
N SER H 140 2.20 -6.69 6.56
CA SER H 140 2.85 -5.69 5.73
C SER H 140 3.87 -4.91 6.56
N PRO H 141 5.02 -4.56 6.00
CA PRO H 141 6.02 -3.81 6.77
C PRO H 141 5.46 -2.49 7.28
N SER H 142 6.02 -2.04 8.39
CA SER H 142 5.58 -0.83 9.07
C SER H 142 6.80 0.05 9.32
N SER H 143 6.56 1.21 9.93
CA SER H 143 7.66 2.13 10.21
C SER H 143 8.51 1.64 11.37
N LEU H 144 7.88 1.05 12.40
CA LEU H 144 8.61 0.48 13.51
C LEU H 144 9.10 -0.94 13.25
N ASP H 145 8.66 -1.58 12.17
CA ASP H 145 9.08 -2.93 11.81
C ASP H 145 9.33 -3.00 10.31
N PRO H 146 10.44 -2.44 9.83
CA PRO H 146 10.76 -2.50 8.39
C PRO H 146 11.19 -3.90 7.99
N PRO H 147 11.26 -4.20 6.68
CA PRO H 147 11.43 -5.61 6.26
C PRO H 147 12.69 -6.29 6.79
N GLU H 148 13.84 -5.64 6.70
CA GLU H 148 15.09 -6.26 7.14
C GLU H 148 15.29 -6.20 8.65
N HIS H 149 14.40 -5.52 9.36
CA HIS H 149 14.43 -5.45 10.81
C HIS H 149 13.92 -6.79 11.35
N LEU H 150 14.85 -7.62 11.81
CA LEU H 150 14.55 -8.92 12.39
C LEU H 150 14.76 -8.94 13.90
N PHE H 151 14.84 -7.75 14.50
CA PHE H 151 15.24 -7.66 15.91
C PHE H 151 14.17 -8.21 16.83
N ARG H 152 12.89 -8.13 16.43
CA ARG H 152 11.82 -8.71 17.24
C ARG H 152 12.04 -10.21 17.43
N ILE H 153 12.45 -10.91 16.38
CA ILE H 153 12.74 -12.34 16.50
C ILE H 153 13.84 -12.59 17.52
N ARG H 154 14.85 -11.73 17.54
CA ARG H 154 15.96 -11.91 18.49
C ARG H 154 15.53 -11.60 19.91
N LEU H 155 14.67 -10.59 20.09
CA LEU H 155 14.16 -10.28 21.43
C LEU H 155 13.29 -11.42 21.95
N VAL H 156 12.43 -11.97 21.10
CA VAL H 156 11.61 -13.13 21.49
C VAL H 156 12.51 -14.28 21.94
N CYS H 157 13.51 -14.62 21.13
CA CYS H 157 14.38 -15.75 21.46
C CYS H 157 15.21 -15.47 22.71
N THR H 158 15.62 -14.21 22.93
CA THR H 158 16.35 -13.88 24.14
C THR H 158 15.53 -14.20 25.39
N ILE H 159 14.26 -13.82 25.40
CA ILE H 159 13.41 -14.11 26.55
C ILE H 159 13.10 -15.60 26.64
N LEU H 160 12.91 -16.25 25.48
CA LEU H 160 12.59 -17.67 25.49
C LEU H 160 13.77 -18.53 25.95
N ASP H 161 15.01 -18.13 25.62
CA ASP H 161 16.18 -18.86 26.10
C ASP H 161 16.39 -18.68 27.58
N THR H 162 15.97 -17.55 28.14
CA THR H 162 16.17 -17.20 29.53
C THR H 162 15.13 -17.80 30.45
N CYS H 163 13.85 -17.72 30.10
CA CYS H 163 12.81 -18.21 30.99
C CYS H 163 11.85 -19.19 30.35
N GLY H 164 11.98 -19.48 29.05
CA GLY H 164 11.00 -20.31 28.37
C GLY H 164 10.95 -21.75 28.87
N GLN H 165 12.08 -22.27 29.35
CA GLN H 165 12.11 -23.68 29.77
C GLN H 165 11.21 -23.95 30.98
N TYR H 166 10.85 -22.92 31.75
CA TYR H 166 9.94 -23.08 32.88
C TYR H 166 8.47 -23.14 32.47
N PHE H 167 8.15 -22.83 31.21
CA PHE H 167 6.76 -22.85 30.74
C PHE H 167 6.40 -24.21 30.16
N ASP H 168 6.71 -25.28 30.90
CA ASP H 168 6.45 -26.64 30.44
C ASP H 168 5.33 -27.32 31.22
N ARG H 169 4.79 -26.66 32.25
CA ARG H 169 3.72 -27.24 33.06
C ARG H 169 2.61 -26.22 33.24
N GLY H 170 1.40 -26.74 33.48
CA GLY H 170 0.32 -25.91 33.97
C GLY H 170 -0.17 -24.91 32.94
N SER H 171 -0.58 -23.74 33.45
CA SER H 171 -1.11 -22.70 32.58
C SER H 171 -0.05 -22.19 31.62
N SER H 172 1.20 -22.10 32.09
CA SER H 172 2.27 -21.55 31.26
C SER H 172 2.53 -22.40 30.03
N LYS H 173 2.35 -23.72 30.14
CA LYS H 173 2.55 -24.58 28.98
C LYS H 173 1.61 -24.18 27.85
N ARG H 174 0.33 -23.98 28.17
CA ARG H 174 -0.63 -23.55 27.14
C ARG H 174 -0.36 -22.12 26.70
N LYS H 175 -0.04 -21.23 27.65
CA LYS H 175 0.28 -19.85 27.30
C LYS H 175 1.43 -19.80 26.30
N LEU H 176 2.48 -20.59 26.52
CA LEU H 176 3.59 -20.61 25.57
C LEU H 176 3.19 -21.26 24.26
N ASP H 177 2.39 -22.32 24.31
CA ASP H 177 2.02 -23.05 23.11
C ASP H 177 1.24 -22.19 22.13
N CYS H 178 0.30 -21.37 22.65
CA CYS H 178 -0.41 -20.45 21.77
C CYS H 178 0.49 -19.33 21.25
N PHE H 179 1.38 -18.80 22.09
CA PHE H 179 2.25 -17.74 21.62
C PHE H 179 3.14 -18.22 20.48
N LEU H 180 3.66 -19.45 20.59
CA LEU H 180 4.49 -20.00 19.53
C LEU H 180 3.72 -20.12 18.22
N VAL H 181 2.41 -20.38 18.29
CA VAL H 181 1.61 -20.38 17.06
C VAL H 181 1.62 -19.00 16.42
N TYR H 182 1.45 -17.95 17.23
CA TYR H 182 1.48 -16.59 16.69
C TYR H 182 2.89 -16.17 16.31
N PHE H 183 3.90 -16.68 17.01
CA PHE H 183 5.28 -16.33 16.69
C PHE H 183 5.70 -16.92 15.35
N GLN H 184 5.22 -18.11 15.02
CA GLN H 184 5.58 -18.73 13.74
C GLN H 184 4.95 -17.99 12.57
N ARG H 185 3.76 -17.41 12.76
CA ARG H 185 3.18 -16.60 11.70
C ARG H 185 3.97 -15.31 11.52
N TYR H 186 4.36 -14.67 12.63
CA TYR H 186 5.21 -13.49 12.52
C TYR H 186 6.47 -13.80 11.72
N VAL H 187 7.15 -14.90 12.07
CA VAL H 187 8.37 -15.28 11.36
C VAL H 187 8.10 -15.44 9.86
N TRP H 188 7.00 -16.09 9.51
CA TRP H 188 6.69 -16.30 8.11
C TRP H 188 6.12 -15.06 7.44
N TRP H 189 5.59 -14.10 8.21
CA TRP H 189 5.33 -12.78 7.64
C TRP H 189 6.63 -12.14 7.15
N LYS H 190 7.66 -12.17 7.99
CA LYS H 190 8.95 -11.57 7.60
C LYS H 190 9.60 -12.36 6.47
N LYS H 191 9.57 -13.69 6.54
CA LYS H 191 10.21 -14.52 5.52
C LYS H 191 9.54 -14.37 4.15
N SER H 192 8.27 -13.95 4.10
CA SER H 192 7.51 -13.87 2.86
C SER H 192 7.60 -12.51 2.20
N LEU H 193 8.37 -11.57 2.75
CA LEU H 193 8.47 -10.23 2.18
C LEU H 193 9.21 -10.27 0.85
N GLU H 194 8.91 -9.29 0.00
CA GLU H 194 9.44 -9.26 -1.36
C GLU H 194 10.96 -9.08 -1.39
N VAL H 195 11.55 -8.54 -0.32
CA VAL H 195 12.98 -8.25 -0.31
C VAL H 195 13.82 -9.53 -0.42
N TRP H 196 13.34 -10.64 0.15
CA TRP H 196 14.15 -11.84 0.23
C TRP H 196 14.14 -12.58 -1.10
N THR H 197 15.31 -12.69 -1.72
CA THR H 197 15.48 -13.36 -3.01
C THR H 197 16.79 -14.13 -2.97
N LYS H 198 17.19 -14.69 -4.12
CA LYS H 198 18.47 -15.39 -4.16
C LYS H 198 19.63 -14.41 -4.01
N ASP H 199 19.47 -13.17 -4.46
CA ASP H 199 20.50 -12.15 -4.27
C ASP H 199 20.49 -11.57 -2.86
N HIS H 200 19.37 -11.65 -2.16
CA HIS H 200 19.22 -11.07 -0.82
C HIS H 200 18.50 -12.08 0.06
N PRO H 201 19.15 -13.21 0.36
CA PRO H 201 18.45 -14.28 1.07
C PRO H 201 18.15 -13.93 2.53
N PHE H 202 17.13 -14.58 3.06
CA PHE H 202 16.81 -14.45 4.48
C PHE H 202 17.98 -14.96 5.30
N PRO H 203 18.39 -14.24 6.35
CA PRO H 203 19.61 -14.64 7.08
C PRO H 203 19.50 -16.02 7.69
N ILE H 204 20.38 -16.92 7.26
CA ILE H 204 20.37 -18.28 7.78
C ILE H 204 20.77 -18.31 9.26
N ASP H 205 21.42 -17.26 9.76
CA ASP H 205 21.70 -17.21 11.19
C ASP H 205 20.42 -17.06 12.00
N ILE H 206 19.43 -16.33 11.46
CA ILE H 206 18.16 -16.17 12.15
C ILE H 206 17.35 -17.47 12.11
N ASP H 207 17.44 -18.21 10.99
CA ASP H 207 16.76 -19.50 10.91
C ASP H 207 17.24 -20.44 11.99
N TYR H 208 18.56 -20.53 12.18
CA TYR H 208 19.10 -21.40 13.22
C TYR H 208 18.75 -20.90 14.61
N MET H 209 18.72 -19.58 14.80
CA MET H 209 18.32 -19.02 16.09
C MET H 209 16.89 -19.44 16.43
N ILE H 210 16.00 -19.43 15.45
CA ILE H 210 14.61 -19.80 15.67
C ILE H 210 14.50 -21.27 16.04
N SER H 211 15.11 -22.15 15.23
CA SER H 211 14.96 -23.58 15.46
C SER H 211 15.66 -24.02 16.75
N ASP H 212 16.81 -23.42 17.07
CA ASP H 212 17.50 -23.75 18.31
C ASP H 212 16.64 -23.38 19.52
N THR H 213 15.92 -22.27 19.43
CA THR H 213 15.07 -21.84 20.54
C THR H 213 13.87 -22.76 20.69
N LEU H 214 13.19 -23.05 19.58
CA LEU H 214 11.98 -23.85 19.65
C LEU H 214 12.28 -25.30 20.00
N GLU H 215 13.44 -25.82 19.60
CA GLU H 215 13.79 -27.19 19.95
C GLU H 215 14.24 -27.33 21.40
N LEU H 216 14.69 -26.25 22.02
CA LEU H 216 14.97 -26.30 23.46
C LEU H 216 13.69 -26.33 24.27
N LEU H 217 12.59 -25.79 23.73
CA LEU H 217 11.34 -25.69 24.47
C LEU H 217 10.39 -26.86 24.19
N ARG H 218 10.26 -27.25 22.92
CA ARG H 218 9.29 -28.26 22.51
C ARG H 218 9.97 -29.28 21.60
N PRO H 219 10.23 -30.51 22.07
CA PRO H 219 10.90 -31.50 21.21
C PRO H 219 10.05 -31.95 20.04
N LYS H 220 8.73 -32.01 20.20
CA LYS H 220 7.86 -32.48 19.12
C LYS H 220 6.99 -31.34 18.59
N ILE H 221 7.62 -30.24 18.16
CA ILE H 221 6.91 -29.10 17.59
C ILE H 221 7.12 -29.09 16.09
N LYS H 222 6.04 -28.83 15.35
CA LYS H 222 6.09 -28.76 13.89
C LYS H 222 6.54 -27.35 13.49
N LEU H 223 7.76 -27.26 12.95
CA LEU H 223 8.23 -26.02 12.35
C LEU H 223 7.56 -25.84 10.99
N CYS H 224 6.69 -24.84 10.88
CA CYS H 224 5.92 -24.66 9.66
C CYS H 224 6.84 -24.37 8.49
N ASN H 225 6.57 -25.02 7.36
CA ASN H 225 7.41 -24.90 6.18
C ASN H 225 6.91 -23.84 5.19
N SER H 226 5.90 -23.06 5.56
CA SER H 226 5.36 -22.05 4.65
C SER H 226 4.51 -21.07 5.44
N LEU H 227 4.22 -19.94 4.79
CA LEU H 227 3.30 -18.97 5.39
C LEU H 227 1.88 -19.54 5.48
N GLU H 228 1.44 -20.24 4.44
CA GLU H 228 0.08 -20.79 4.45
C GLU H 228 -0.11 -21.78 5.59
N GLU H 229 0.93 -22.60 5.85
CA GLU H 229 0.86 -23.54 6.96
C GLU H 229 0.77 -22.81 8.30
N SER H 230 1.55 -21.73 8.46
CA SER H 230 1.49 -20.98 9.71
C SER H 230 0.20 -20.20 9.85
N ILE H 231 -0.38 -19.76 8.72
CA ILE H 231 -1.65 -19.05 8.77
C ILE H 231 -2.76 -20.01 9.19
N ARG H 232 -2.75 -21.23 8.65
CA ARG H 232 -3.78 -22.20 9.01
C ARG H 232 -3.67 -22.62 10.47
N GLN H 233 -2.45 -22.69 11.00
CA GLN H 233 -2.26 -22.94 12.43
C GLN H 233 -2.91 -21.84 13.26
N VAL H 234 -2.68 -20.58 12.89
CA VAL H 234 -3.30 -19.47 13.61
C VAL H 234 -4.83 -19.53 13.47
N GLN H 235 -5.31 -19.93 12.30
CA GLN H 235 -6.75 -20.00 12.07
C GLN H 235 -7.39 -21.10 12.92
N ASP H 236 -6.71 -22.25 13.04
CA ASP H 236 -7.24 -23.33 13.87
C ASP H 236 -7.27 -22.95 15.33
N LEU H 237 -6.26 -22.20 15.79
CA LEU H 237 -6.22 -21.81 17.20
C LEU H 237 -7.28 -20.76 17.50
N GLU H 238 -7.55 -19.84 16.57
CA GLU H 238 -8.57 -18.84 16.81
C GLU H 238 -9.98 -19.42 16.71
N ARG H 239 -10.14 -20.57 16.03
CA ARG H 239 -11.45 -21.22 16.03
C ARG H 239 -11.80 -21.77 17.41
N GLU H 240 -10.83 -22.39 18.10
CA GLU H 240 -11.11 -22.84 19.46
C GLU H 240 -11.26 -21.66 20.42
N PHE H 241 -10.51 -20.58 20.22
CA PHE H 241 -10.77 -19.36 20.98
C PHE H 241 -12.22 -18.93 20.83
N LEU H 242 -12.74 -19.00 19.60
CA LEU H 242 -14.11 -18.56 19.33
C LEU H 242 -15.13 -19.48 19.99
N ILE H 243 -14.89 -20.80 19.93
CA ILE H 243 -15.82 -21.76 20.50
C ILE H 243 -15.94 -21.59 22.01
N LYS H 244 -14.82 -21.33 22.68
CA LYS H 244 -14.85 -21.15 24.13
C LYS H 244 -15.36 -19.77 24.53
N LEU H 245 -15.35 -18.79 23.62
CA LEU H 245 -15.88 -17.49 23.94
C LEU H 245 -17.39 -17.40 23.72
N GLY H 246 -17.96 -18.36 22.99
CA GLY H 246 -19.39 -18.35 22.70
C GLY H 246 -19.85 -17.15 21.91
N LEU H 247 -19.09 -16.76 20.88
CA LEU H 247 -19.47 -15.60 20.07
C LEU H 247 -20.46 -15.95 18.96
N VAL H 248 -20.48 -17.21 18.51
CA VAL H 248 -21.51 -17.65 17.57
C VAL H 248 -22.26 -18.83 18.19
N ASN H 249 -21.59 -19.56 19.08
CA ASN H 249 -22.16 -20.72 19.74
C ASN H 249 -22.49 -20.40 21.20
N ASP H 250 -23.07 -21.39 21.86
CA ASP H 250 -23.36 -21.32 23.29
C ASP H 250 -22.28 -22.06 24.08
N LYS H 251 -22.31 -21.87 25.39
CA LYS H 251 -21.36 -22.50 26.32
C LYS H 251 -19.92 -22.20 25.96
OH2 1PE I . -7.32 24.98 -38.80
C12 1PE I . -7.79 24.78 -37.49
C22 1PE I . -7.88 23.28 -37.21
OH3 1PE I . -9.04 23.02 -36.47
C13 1PE I . -11.18 21.95 -36.54
C23 1PE I . -10.18 22.84 -37.27
OH4 1PE I . -12.34 21.81 -37.33
C14 1PE I . -13.39 21.25 -39.41
C24 1PE I . -12.09 21.28 -38.60
OH5 1PE I . -13.19 21.88 -40.65
C15 1PE I . -11.50 22.29 -42.29
C25 1PE I . -12.26 21.24 -41.48
OH6 1PE I . -10.50 21.66 -43.03
C16 1PE I . -8.14 21.38 -43.13
C26 1PE I . -9.30 22.38 -43.10
OH7 1PE I . -7.22 21.71 -42.13
O1 PG4 J . -40.93 -17.70 22.84
C1 PG4 J . -41.84 -17.21 21.89
C2 PG4 J . -41.11 -16.98 20.57
O2 PG4 J . -42.05 -16.99 19.54
C3 PG4 J . -41.59 -16.49 18.32
C4 PG4 J . -40.39 -17.32 17.85
O3 PG4 J . -39.28 -16.48 17.81
C5 PG4 J . -38.35 -16.83 16.82
C6 PG4 J . -37.73 -18.17 17.18
O4 PG4 J . -36.95 -18.03 18.33
C7 PG4 J . -35.78 -18.80 18.32
C8 PG4 J . -35.36 -19.09 19.74
O5 PG4 J . -35.93 -20.30 20.15
OH2 1PE K . 7.33 -25.78 40.32
C12 1PE K . 8.50 -26.42 40.76
C22 1PE K . 9.18 -25.59 41.83
OH3 1PE K . 10.55 -25.50 41.53
C13 1PE K . 12.51 -24.23 41.04
C23 1PE K . 11.01 -24.20 41.32
OH4 1PE K . 12.82 -23.30 40.02
C14 1PE K . 12.45 -21.14 39.07
C24 1PE K . 12.41 -22.00 40.34
OH5 1PE K . 11.13 -20.91 38.68
C15 1PE K . 9.58 -19.11 38.93
C25 1PE K . 10.88 -19.59 38.29
OH6 1PE K . 8.61 -20.10 38.81
C16 1PE K . 6.71 -20.60 40.16
C26 1PE K . 7.31 -19.67 39.12
OH7 1PE K . 6.29 -19.85 41.28
#